data_8TS1
#
_entry.id   8TS1
#
_cell.length_a   1.00
_cell.length_b   1.00
_cell.length_c   1.00
_cell.angle_alpha   90.00
_cell.angle_beta   90.00
_cell.angle_gamma   90.00
#
_symmetry.space_group_name_H-M   'P 1'
#
loop_
_entity.id
_entity.type
_entity.pdbx_description
1 polymer 'Magnesium transporter MRS2 homolog, mitochondrial, Soluble cytochrome b562 fusion protein'
2 non-polymer 'MAGNESIUM ION'
#
_entity_poly.entity_id   1
_entity_poly.type   'polypeptide(L)'
_entity_poly.pdbx_seq_one_letter_code
;MVAGEVHRFRTSDVSQATLASVAPVFTVTKFDKQGNVTSFERKKTELYQELGLQARDLRFQHVMSITVRNNRIIMRMEYL
KAVITPECLLILDYRNLNLEQWLFRELPSQLSGEGQLVTYPLPFEFRAIEALLQYWINTLQGKLSILQPLILETLDALVD
PKHSSVDRSKLHILLQNGKSLSELETDIKIFKESILEILDEEELLEELCVSKWSDPQVFEKSSAGIDHAEEMELLLENYY
RLADDLSNAARELRVLIDDSQSIIFINLDSHRNVMMRLNLQLTMGTFSLSLFGLMGVAFGMNLESSLEEDHRIFWLITGI
MFMGSGLIWRRLLSFLGRQLEAPLPPMMASLPKKTLLADRSMELKNSLRLDADLEDNWETLNDNLKVIEKADNAAQVKDA
LTKMRAAALDAQKATPPKLEDKSPDSPEMKDFRHGFDILVGQIDDALKLANEGKVKEAQAAAEQLKTTRNAYIQKYLSNS
LEVLFQ
;
_entity_poly.pdbx_strand_id   A,B,C,D,E
#
loop_
_chem_comp.id
_chem_comp.type
_chem_comp.name
_chem_comp.formula
MG non-polymer 'MAGNESIUM ION' 'Mg 2'
#
# COMPACT_ATOMS: atom_id res chain seq x y z
N VAL A 22 32.58 -7.11 41.11
CA VAL A 22 31.88 -6.07 41.92
C VAL A 22 30.38 -6.21 41.73
N ALA A 23 29.64 -6.12 42.84
CA ALA A 23 28.19 -6.25 42.77
C ALA A 23 27.60 -5.08 42.00
N PRO A 24 26.55 -5.30 41.21
CA PRO A 24 25.94 -4.19 40.47
C PRO A 24 25.27 -3.21 41.42
N VAL A 25 25.19 -1.95 40.97
CA VAL A 25 24.63 -0.87 41.76
C VAL A 25 23.70 -0.04 40.90
N PHE A 26 22.85 0.73 41.56
CA PHE A 26 21.93 1.65 40.92
C PHE A 26 22.27 3.07 41.35
N THR A 27 22.38 3.97 40.38
CA THR A 27 22.58 5.39 40.64
C THR A 27 21.20 6.02 40.76
N VAL A 28 20.79 6.33 41.98
CA VAL A 28 19.43 6.78 42.25
C VAL A 28 19.44 8.23 42.70
N THR A 29 18.36 8.92 42.37
CA THR A 29 18.05 10.24 42.91
C THR A 29 16.65 10.20 43.48
N LYS A 30 16.50 10.68 44.70
CA LYS A 30 15.29 10.54 45.50
C LYS A 30 14.66 11.91 45.74
N PHE A 31 13.36 12.00 45.51
CA PHE A 31 12.57 13.20 45.77
C PHE A 31 11.56 12.89 46.87
N ASP A 32 11.46 13.80 47.84
CA ASP A 32 10.52 13.65 48.94
C ASP A 32 9.23 14.41 48.61
N LYS A 33 8.27 14.34 49.54
CA LYS A 33 7.00 15.04 49.33
C LYS A 33 7.20 16.54 49.25
N GLN A 34 8.03 17.09 50.14
CA GLN A 34 8.26 18.53 50.16
C GLN A 34 9.10 19.02 48.99
N GLY A 35 9.66 18.11 48.20
CA GLY A 35 10.51 18.48 47.07
C GLY A 35 12.00 18.36 47.34
N ASN A 36 12.40 17.99 48.55
CA ASN A 36 13.81 17.84 48.84
C ASN A 36 14.42 16.76 47.95
N VAL A 37 15.68 16.97 47.57
CA VAL A 37 16.36 16.13 46.61
C VAL A 37 17.59 15.51 47.26
N THR A 38 17.81 14.23 46.96
CA THR A 38 19.03 13.53 47.36
C THR A 38 19.50 12.69 46.18
N SER A 39 20.77 12.34 46.18
CA SER A 39 21.34 11.53 45.10
C SER A 39 22.47 10.68 45.67
N PHE A 40 22.54 9.44 45.22
CA PHE A 40 23.56 8.51 45.71
C PHE A 40 23.55 7.26 44.82
N GLU A 41 24.35 6.28 45.22
CA GLU A 41 24.39 4.97 44.57
C GLU A 41 24.17 3.90 45.63
N ARG A 42 23.39 2.88 45.30
CA ARG A 42 23.03 1.85 46.25
C ARG A 42 23.02 0.49 45.58
N LYS A 43 23.38 -0.53 46.34
CA LYS A 43 23.38 -1.89 45.82
C LYS A 43 21.95 -2.35 45.55
N LYS A 44 21.81 -3.19 44.51
CA LYS A 44 20.48 -3.65 44.13
C LYS A 44 19.83 -4.45 45.25
N THR A 45 20.61 -5.28 45.95
CA THR A 45 20.05 -6.06 47.05
C THR A 45 19.54 -5.15 48.15
N GLU A 46 20.30 -4.09 48.48
CA GLU A 46 19.84 -3.14 49.49
C GLU A 46 18.57 -2.44 49.06
N LEU A 47 18.47 -2.10 47.77
CA LEU A 47 17.25 -1.48 47.26
C LEU A 47 16.07 -2.42 47.40
N TYR A 48 16.25 -3.69 47.03
CA TYR A 48 15.17 -4.66 47.16
C TYR A 48 14.74 -4.80 48.62
N GLN A 49 15.71 -4.87 49.53
CA GLN A 49 15.38 -5.02 50.94
C GLN A 49 14.65 -3.79 51.47
N GLU A 50 15.08 -2.60 51.06
CA GLU A 50 14.43 -1.38 51.53
C GLU A 50 12.96 -1.34 51.11
N LEU A 51 12.68 -1.72 49.87
CA LEU A 51 11.31 -1.82 49.38
C LEU A 51 10.82 -3.25 49.60
N GLY A 52 9.61 -3.54 49.11
CA GLY A 52 9.05 -4.87 49.24
C GLY A 52 9.09 -5.62 47.93
N LEU A 53 10.04 -5.27 47.06
CA LEU A 53 10.12 -5.81 45.72
C LEU A 53 11.15 -6.93 45.64
N GLN A 54 11.31 -7.48 44.44
CA GLN A 54 12.28 -8.52 44.16
C GLN A 54 12.99 -8.17 42.84
N ALA A 55 14.09 -8.87 42.58
CA ALA A 55 14.83 -8.64 41.34
C ALA A 55 13.98 -8.89 40.11
N ARG A 56 12.91 -9.68 40.24
CA ARG A 56 12.03 -9.93 39.11
C ARG A 56 11.35 -8.65 38.63
N ASP A 57 11.19 -7.67 39.51
CA ASP A 57 10.48 -6.44 39.19
C ASP A 57 11.41 -5.36 38.65
N LEU A 58 12.49 -5.08 39.37
CA LEU A 58 13.45 -4.05 38.96
C LEU A 58 14.47 -4.61 37.98
N ARG A 59 13.94 -5.12 36.87
CA ARG A 59 14.77 -5.63 35.78
C ARG A 59 14.72 -4.75 34.53
N PHE A 60 13.59 -4.11 34.25
CA PHE A 60 13.51 -3.13 33.17
C PHE A 60 13.85 -3.76 31.82
N GLN A 61 13.05 -4.76 31.44
CA GLN A 61 13.25 -5.47 30.18
C GLN A 61 12.36 -4.95 29.06
N HIS A 62 11.42 -4.05 29.36
CA HIS A 62 10.46 -3.56 28.38
C HIS A 62 10.72 -2.10 28.08
N VAL A 63 10.56 -1.73 26.80
CA VAL A 63 10.83 -0.35 26.39
C VAL A 63 9.88 0.61 27.08
N MET A 64 8.59 0.28 27.11
CA MET A 64 7.58 1.09 27.78
C MET A 64 6.77 0.19 28.70
N SER A 65 6.68 0.56 29.97
CA SER A 65 5.98 -0.27 30.93
C SER A 65 5.50 0.56 32.10
N ILE A 66 4.28 0.28 32.56
CA ILE A 66 3.74 0.82 33.79
C ILE A 66 3.13 -0.34 34.57
N THR A 67 3.64 -0.59 35.77
CA THR A 67 3.19 -1.73 36.56
C THR A 67 3.10 -1.33 38.02
N VAL A 68 2.43 -2.18 38.80
CA VAL A 68 2.27 -1.99 40.24
C VAL A 68 2.62 -3.29 40.94
N ARG A 69 3.46 -3.19 41.97
CA ARG A 69 3.87 -4.36 42.75
C ARG A 69 4.03 -3.93 44.20
N ASN A 70 3.31 -4.60 45.09
CA ASN A 70 3.42 -4.36 46.53
C ASN A 70 3.29 -2.88 46.86
N ASN A 71 2.26 -2.25 46.29
CA ASN A 71 1.97 -0.84 46.54
C ASN A 71 3.15 0.05 46.15
N ARG A 72 3.83 -0.33 45.06
CA ARG A 72 4.90 0.48 44.49
C ARG A 72 4.72 0.51 42.98
N ILE A 73 4.76 1.70 42.40
CA ILE A 73 4.56 1.88 40.97
C ILE A 73 5.92 1.87 40.29
N ILE A 74 6.03 1.13 39.18
CA ILE A 74 7.26 1.00 38.43
C ILE A 74 6.98 1.44 37.00
N MET A 75 7.71 2.46 36.55
CA MET A 75 7.51 3.03 35.23
C MET A 75 8.82 3.03 34.46
N ARG A 76 8.76 2.67 33.18
CA ARG A 76 9.91 2.76 32.31
C ARG A 76 9.50 3.29 30.95
N MET A 77 10.24 4.29 30.49
CA MET A 77 10.20 4.83 29.15
C MET A 77 11.42 4.32 28.38
N GLU A 78 11.69 4.92 27.22
CA GLU A 78 12.84 4.53 26.43
C GLU A 78 14.11 4.51 27.27
N TYR A 79 14.30 5.52 28.10
CA TYR A 79 15.51 5.62 28.92
C TYR A 79 15.25 6.12 30.34
N LEU A 80 14.00 6.33 30.73
CA LEU A 80 13.65 6.85 32.05
C LEU A 80 13.11 5.72 32.90
N LYS A 81 13.67 5.55 34.09
CA LYS A 81 13.28 4.48 35.00
C LYS A 81 12.90 5.10 36.34
N ALA A 82 11.66 4.86 36.78
CA ALA A 82 11.13 5.52 37.95
C ALA A 82 10.39 4.54 38.84
N VAL A 83 10.54 4.72 40.15
CA VAL A 83 9.82 3.96 41.16
C VAL A 83 9.11 4.96 42.07
N ILE A 84 7.80 4.78 42.23
CA ILE A 84 6.97 5.70 42.99
C ILE A 84 6.41 4.96 44.20
N THR A 85 6.58 5.56 45.37
CA THR A 85 6.04 5.04 46.62
C THR A 85 5.11 6.09 47.22
N PRO A 86 4.36 5.74 48.28
CA PRO A 86 3.45 6.73 48.88
C PRO A 86 4.16 7.95 49.43
N GLU A 87 5.44 7.85 49.76
CA GLU A 87 6.15 8.92 50.45
C GLU A 87 7.39 9.41 49.72
N CYS A 88 7.73 8.85 48.56
CA CYS A 88 8.96 9.25 47.90
C CYS A 88 8.92 8.80 46.44
N LEU A 89 9.77 9.43 45.64
CA LEU A 89 9.97 9.08 44.24
C LEU A 89 11.45 8.83 44.00
N LEU A 90 11.76 7.89 43.13
CA LEU A 90 13.14 7.53 42.83
C LEU A 90 13.33 7.43 41.33
N ILE A 91 14.36 8.09 40.82
CA ILE A 91 14.76 8.00 39.42
C ILE A 91 16.09 7.26 39.37
N LEU A 92 16.15 6.23 38.52
CA LEU A 92 17.30 5.32 38.47
C LEU A 92 18.02 5.47 37.13
N ASP A 93 19.35 5.40 37.19
CA ASP A 93 20.20 5.46 35.99
C ASP A 93 19.95 6.75 35.21
N TYR A 94 20.23 7.87 35.87
CA TYR A 94 20.05 9.19 35.28
C TYR A 94 21.34 9.77 34.73
N ARG A 95 22.48 9.10 34.91
CA ARG A 95 23.76 9.64 34.50
C ARG A 95 23.92 9.58 32.98
N ASN A 96 24.54 10.61 32.42
CA ASN A 96 24.84 10.68 31.00
C ASN A 96 23.56 10.68 30.16
N LEU A 97 22.53 11.39 30.61
CA LEU A 97 21.28 11.49 29.87
C LEU A 97 20.71 12.90 29.90
N ASN A 98 21.56 13.90 30.18
CA ASN A 98 21.16 15.31 30.18
C ASN A 98 19.81 15.53 30.87
N LEU A 99 19.57 14.80 31.95
CA LEU A 99 18.37 14.96 32.75
C LEU A 99 18.57 15.89 33.94
N GLU A 100 19.76 16.46 34.10
CA GLU A 100 20.04 17.28 35.27
C GLU A 100 19.14 18.50 35.33
N GLN A 101 18.92 19.16 34.19
CA GLN A 101 18.09 20.35 34.18
C GLN A 101 16.68 20.05 34.65
N TRP A 102 16.10 18.95 34.16
CA TRP A 102 14.74 18.60 34.56
C TRP A 102 14.69 18.16 36.01
N LEU A 103 15.71 17.43 36.48
CA LEU A 103 15.67 16.86 37.81
C LEU A 103 15.88 17.93 38.88
N PHE A 104 16.85 18.80 38.69
CA PHE A 104 17.29 19.72 39.74
C PHE A 104 16.73 21.12 39.59
N ARG A 105 15.90 21.38 38.60
CA ARG A 105 15.38 22.73 38.38
C ARG A 105 13.86 22.77 38.25
N GLU A 106 13.25 21.77 37.63
CA GLU A 106 11.82 21.79 37.35
C GLU A 106 11.02 20.87 38.28
N LEU A 107 11.46 19.63 38.43
CA LEU A 107 10.67 18.65 39.18
C LEU A 107 10.37 19.10 40.60
N PRO A 108 11.32 19.64 41.37
CA PRO A 108 11.00 20.07 42.74
C PRO A 108 9.85 21.06 42.80
N SER A 109 9.79 21.99 41.84
CA SER A 109 8.69 22.95 41.82
C SER A 109 7.35 22.25 41.63
N GLN A 110 7.30 21.29 40.71
CA GLN A 110 6.05 20.56 40.47
C GLN A 110 5.65 19.76 41.69
N LEU A 111 6.61 19.09 42.33
CA LEU A 111 6.29 18.27 43.49
C LEU A 111 5.97 19.09 44.73
N SER A 112 6.36 20.36 44.76
CA SER A 112 6.05 21.22 45.89
C SER A 112 4.69 21.87 45.74
N PRO A 121 -3.56 19.63 47.43
CA PRO A 121 -4.10 18.71 48.43
C PRO A 121 -4.07 17.26 47.98
N LEU A 122 -3.86 17.03 46.69
CA LEU A 122 -3.85 15.69 46.16
C LEU A 122 -2.64 14.91 46.66
N PRO A 123 -2.70 13.57 46.63
CA PRO A 123 -1.55 12.78 47.10
C PRO A 123 -0.32 12.93 46.22
N PHE A 124 0.76 12.26 46.61
CA PHE A 124 2.03 12.38 45.90
C PHE A 124 2.02 11.63 44.58
N GLU A 125 1.30 10.51 44.51
CA GLU A 125 1.31 9.69 43.31
C GLU A 125 0.82 10.47 42.10
N PHE A 126 -0.26 11.24 42.29
CA PHE A 126 -0.81 12.01 41.19
C PHE A 126 0.23 12.97 40.64
N ARG A 127 0.88 13.73 41.52
CA ARG A 127 1.88 14.69 41.08
C ARG A 127 3.03 14.00 40.35
N ALA A 128 3.53 12.89 40.90
CA ALA A 128 4.66 12.23 40.30
C ALA A 128 4.31 11.69 38.91
N ILE A 129 3.16 11.02 38.79
CA ILE A 129 2.76 10.46 37.51
C ILE A 129 2.55 11.58 36.49
N GLU A 130 1.90 12.66 36.92
CA GLU A 130 1.68 13.78 36.01
C GLU A 130 3.01 14.35 35.53
N ALA A 131 3.97 14.50 36.44
CA ALA A 131 5.27 15.04 36.05
C ALA A 131 5.94 14.15 35.01
N LEU A 132 5.98 12.85 35.26
CA LEU A 132 6.67 11.94 34.34
C LEU A 132 5.99 11.93 32.97
N LEU A 133 4.65 11.82 32.96
CA LEU A 133 3.94 11.78 31.70
C LEU A 133 4.10 13.09 30.93
N GLN A 134 4.07 14.22 31.64
CA GLN A 134 4.27 15.51 30.98
C GLN A 134 5.66 15.60 30.38
N TYR A 135 6.68 15.12 31.11
CA TYR A 135 8.02 15.13 30.55
C TYR A 135 8.09 14.33 29.26
N TRP A 136 7.54 13.12 29.26
CA TRP A 136 7.60 12.30 28.06
C TRP A 136 6.84 12.95 26.90
N ILE A 137 5.66 13.50 27.18
CA ILE A 137 4.86 14.12 26.14
C ILE A 137 5.59 15.33 25.56
N ASN A 138 6.19 16.14 26.41
CA ASN A 138 6.95 17.29 25.94
C ASN A 138 8.13 16.86 25.08
N THR A 139 8.80 15.77 25.48
CA THR A 139 9.90 15.27 24.67
C THR A 139 9.42 14.87 23.28
N LEU A 140 8.31 14.14 23.21
CA LEU A 140 7.78 13.75 21.90
C LEU A 140 7.38 14.97 21.07
N GLN A 141 6.74 15.95 21.71
CA GLN A 141 6.35 17.15 21.00
C GLN A 141 7.55 17.89 20.44
N GLY A 142 8.62 17.98 21.23
CA GLY A 142 9.84 18.61 20.74
C GLY A 142 10.43 17.88 19.56
N LYS A 143 10.47 16.55 19.64
CA LYS A 143 10.96 15.76 18.51
C LYS A 143 10.16 16.07 17.24
N LEU A 144 8.83 16.05 17.35
CA LEU A 144 7.99 16.28 16.18
C LEU A 144 8.17 17.70 15.65
N SER A 145 8.26 18.69 16.54
CA SER A 145 8.41 20.07 16.11
C SER A 145 9.75 20.30 15.43
N ILE A 146 10.78 19.58 15.86
CA ILE A 146 12.07 19.68 15.17
C ILE A 146 12.00 19.00 13.81
N LEU A 147 11.34 17.85 13.73
CA LEU A 147 11.32 17.08 12.48
C LEU A 147 10.51 17.79 11.40
N GLN A 148 9.39 18.40 11.77
CA GLN A 148 8.45 18.90 10.75
C GLN A 148 9.09 19.90 9.80
N PRO A 149 9.66 21.01 10.27
CA PRO A 149 10.14 22.04 9.31
C PRO A 149 11.22 21.53 8.37
N LEU A 150 12.12 20.66 8.85
CA LEU A 150 13.16 20.13 7.98
C LEU A 150 12.57 19.38 6.81
N ILE A 151 11.62 18.47 7.10
CA ILE A 151 10.99 17.70 6.05
C ILE A 151 10.23 18.61 5.10
N LEU A 152 9.52 19.60 5.65
CA LEU A 152 8.74 20.49 4.80
C LEU A 152 9.64 21.26 3.84
N GLU A 153 10.75 21.80 4.36
CA GLU A 153 11.68 22.54 3.51
C GLU A 153 12.30 21.63 2.45
N THR A 154 12.70 20.42 2.84
CA THR A 154 13.30 19.51 1.88
C THR A 154 12.33 19.16 0.77
N LEU A 155 11.08 18.87 1.12
CA LEU A 155 10.07 18.54 0.12
C LEU A 155 9.78 19.73 -0.78
N ASP A 156 9.70 20.93 -0.21
CA ASP A 156 9.47 22.12 -1.02
C ASP A 156 10.60 22.32 -2.02
N ALA A 157 11.85 22.11 -1.59
CA ALA A 157 12.98 22.23 -2.50
C ALA A 157 12.92 21.17 -3.60
N LEU A 158 12.58 19.93 -3.24
CA LEU A 158 12.59 18.86 -4.23
C LEU A 158 11.49 19.03 -5.26
N VAL A 159 10.30 19.45 -4.82
CA VAL A 159 9.15 19.49 -5.72
C VAL A 159 9.26 20.60 -6.75
N ASP A 160 10.17 21.55 -6.55
CA ASP A 160 10.34 22.66 -7.49
C ASP A 160 10.44 22.13 -8.92
N PRO A 161 9.46 22.40 -9.78
CA PRO A 161 9.50 21.87 -11.15
C PRO A 161 10.44 22.59 -12.09
N LYS A 162 11.24 23.54 -11.60
CA LYS A 162 12.13 24.31 -12.45
C LYS A 162 13.46 23.60 -12.73
N HIS A 163 13.67 22.41 -12.16
CA HIS A 163 14.91 21.67 -12.31
C HIS A 163 14.61 20.29 -12.90
N SER A 164 15.36 19.90 -13.93
CA SER A 164 15.22 18.58 -14.51
C SER A 164 15.74 17.48 -13.60
N SER A 165 16.58 17.83 -12.62
CA SER A 165 17.15 16.88 -11.68
C SER A 165 17.03 17.44 -10.28
N VAL A 166 17.32 16.59 -9.29
CA VAL A 166 17.20 16.95 -7.89
C VAL A 166 18.46 16.53 -7.16
N ASP A 167 18.75 17.21 -6.06
CA ASP A 167 19.90 16.88 -5.25
C ASP A 167 19.68 15.55 -4.53
N ARG A 168 20.78 14.91 -4.15
CA ARG A 168 20.75 13.63 -3.48
C ARG A 168 21.09 13.70 -1.99
N SER A 169 21.88 14.68 -1.57
CA SER A 169 22.11 14.88 -0.15
C SER A 169 20.80 15.19 0.56
N LYS A 170 19.95 16.00 -0.06
CA LYS A 170 18.63 16.26 0.51
C LYS A 170 17.80 14.99 0.57
N LEU A 171 17.96 14.09 -0.41
CA LEU A 171 17.26 12.82 -0.36
C LEU A 171 17.71 11.98 0.82
N HIS A 172 19.02 11.95 1.06
CA HIS A 172 19.54 11.21 2.23
C HIS A 172 19.02 11.82 3.52
N ILE A 173 18.98 13.14 3.59
CA ILE A 173 18.42 13.81 4.77
C ILE A 173 16.96 13.41 4.97
N LEU A 174 16.19 13.39 3.88
CA LEU A 174 14.79 13.00 3.96
C LEU A 174 14.65 11.57 4.46
N LEU A 175 15.52 10.67 3.98
CA LEU A 175 15.46 9.28 4.41
C LEU A 175 15.72 9.17 5.91
N GLN A 176 16.77 9.85 6.39
CA GLN A 176 17.08 9.79 7.82
C GLN A 176 15.93 10.36 8.65
N ASN A 177 15.36 11.48 8.22
CA ASN A 177 14.26 12.08 8.97
C ASN A 177 13.02 11.20 8.94
N GLY A 178 12.78 10.50 7.84
CA GLY A 178 11.67 9.56 7.79
C GLY A 178 11.87 8.39 8.75
N LYS A 179 13.10 7.90 8.85
CA LYS A 179 13.40 6.85 9.84
C LYS A 179 13.11 7.35 11.25
N SER A 180 13.57 8.57 11.56
CA SER A 180 13.29 9.13 12.87
C SER A 180 11.79 9.28 13.11
N LEU A 181 11.05 9.68 12.08
CA LEU A 181 9.60 9.83 12.20
C LEU A 181 8.94 8.50 12.48
N SER A 182 9.38 7.44 11.83
CA SER A 182 8.83 6.12 12.09
C SER A 182 9.10 5.69 13.53
N GLU A 183 10.31 5.94 14.03
CA GLU A 183 10.61 5.62 15.42
C GLU A 183 9.69 6.40 16.37
N LEU A 184 9.47 7.69 16.08
CA LEU A 184 8.59 8.50 16.91
C LEU A 184 7.17 7.96 16.89
N GLU A 185 6.69 7.55 15.72
CA GLU A 185 5.36 6.98 15.62
C GLU A 185 5.24 5.72 16.47
N THR A 186 6.26 4.86 16.42
CA THR A 186 6.25 3.66 17.23
C THR A 186 6.17 3.99 18.72
N ASP A 187 6.98 4.98 19.15
CA ASP A 187 6.96 5.37 20.55
C ASP A 187 5.58 5.87 20.97
N ILE A 188 4.98 6.72 20.15
CA ILE A 188 3.65 7.23 20.46
C ILE A 188 2.64 6.08 20.54
N LYS A 189 2.77 5.13 19.63
CA LYS A 189 1.84 4.00 19.62
C LYS A 189 1.93 3.21 20.91
N ILE A 190 3.15 2.90 21.36
CA ILE A 190 3.28 2.11 22.58
C ILE A 190 2.77 2.91 23.78
N PHE A 191 3.05 4.21 23.82
CA PHE A 191 2.53 5.05 24.88
C PHE A 191 1.00 4.95 24.95
N LYS A 192 0.34 5.15 23.81
CA LYS A 192 -1.11 5.10 23.79
C LYS A 192 -1.62 3.72 24.18
N GLU A 193 -0.96 2.66 23.70
CA GLU A 193 -1.40 1.32 24.03
C GLU A 193 -1.36 1.07 25.53
N SER A 194 -0.26 1.47 26.17
CA SER A 194 -0.16 1.26 27.61
C SER A 194 -1.23 2.07 28.35
N ILE A 195 -1.39 3.34 27.98
CA ILE A 195 -2.36 4.19 28.67
C ILE A 195 -3.77 3.61 28.55
N LEU A 196 -4.13 3.20 27.33
CA LEU A 196 -5.47 2.65 27.11
C LEU A 196 -5.65 1.32 27.82
N GLU A 197 -4.62 0.48 27.85
CA GLU A 197 -4.73 -0.78 28.57
C GLU A 197 -4.99 -0.54 30.04
N ILE A 198 -4.33 0.47 30.62
CA ILE A 198 -4.61 0.78 32.02
C ILE A 198 -6.00 1.36 32.18
N LEU A 199 -6.44 2.21 31.24
CA LEU A 199 -7.70 2.91 31.42
C LEU A 199 -8.90 1.96 31.37
N ASP A 200 -8.86 0.96 30.50
CA ASP A 200 -10.03 0.12 30.29
C ASP A 200 -10.44 -0.59 31.58
N GLU A 201 -9.47 -1.14 32.30
CA GLU A 201 -9.73 -1.82 33.56
C GLU A 201 -9.78 -0.83 34.71
N GLU A 202 -10.60 -1.13 35.71
CA GLU A 202 -10.68 -0.33 36.92
C GLU A 202 -9.85 -0.90 38.07
N GLU A 203 -9.53 -2.19 38.02
CA GLU A 203 -8.68 -2.77 39.07
C GLU A 203 -7.31 -2.10 39.09
N LEU A 204 -6.73 -1.87 37.91
CA LEU A 204 -5.44 -1.19 37.85
C LEU A 204 -5.57 0.26 38.32
N LEU A 205 -6.66 0.93 37.98
CA LEU A 205 -6.88 2.28 38.45
C LEU A 205 -6.92 2.33 39.97
N GLU A 206 -7.61 1.38 40.59
CA GLU A 206 -7.62 1.30 42.05
C GLU A 206 -6.23 0.96 42.59
N GLU A 207 -5.48 0.13 41.86
CA GLU A 207 -4.13 -0.23 42.31
C GLU A 207 -3.23 1.00 42.36
N LEU A 208 -3.36 1.90 41.38
CA LEU A 208 -2.49 3.07 41.34
C LEU A 208 -2.65 3.94 42.58
N CYS A 209 -3.77 3.83 43.30
CA CYS A 209 -3.98 4.58 44.54
C CYS A 209 -3.31 3.82 45.69
N VAL A 210 -1.98 3.81 45.65
CA VAL A 210 -1.21 3.03 46.62
C VAL A 210 -1.35 3.61 48.02
N SER A 211 -1.44 4.94 48.12
CA SER A 211 -1.46 5.58 49.43
C SER A 211 -2.68 5.13 50.24
N LYS A 212 -3.85 5.08 49.61
CA LYS A 212 -5.05 4.68 50.33
C LYS A 212 -4.97 3.22 50.76
N TRP A 213 -4.45 2.35 49.89
CA TRP A 213 -4.31 0.94 50.26
C TRP A 213 -3.35 0.77 51.43
N SER A 214 -2.24 1.50 51.43
CA SER A 214 -1.26 1.38 52.50
C SER A 214 -1.85 1.83 53.84
N ASP A 215 -2.58 2.96 53.83
CA ASP A 215 -3.17 3.53 55.03
C ASP A 215 -4.61 3.91 54.74
N PRO A 216 -5.52 2.91 54.67
CA PRO A 216 -6.93 3.19 54.41
C PRO A 216 -7.56 4.10 55.46
N ILE A 226 -14.61 13.34 47.17
CA ILE A 226 -13.51 13.29 46.21
C ILE A 226 -13.20 11.84 45.87
N ASP A 227 -13.10 11.55 44.57
CA ASP A 227 -12.84 10.20 44.07
C ASP A 227 -11.51 10.19 43.36
N HIS A 228 -10.60 9.31 43.81
CA HIS A 228 -9.30 9.18 43.17
C HIS A 228 -9.43 8.62 41.75
N ALA A 229 -10.35 7.67 41.55
CA ALA A 229 -10.48 7.03 40.25
C ALA A 229 -10.80 8.05 39.17
N GLU A 230 -11.69 8.99 39.45
CA GLU A 230 -12.04 10.00 38.46
C GLU A 230 -10.83 10.83 38.07
N GLU A 231 -10.04 11.25 39.06
CA GLU A 231 -8.86 12.07 38.76
C GLU A 231 -7.85 11.30 37.92
N MET A 232 -7.59 10.04 38.29
CA MET A 232 -6.64 9.25 37.51
C MET A 232 -7.15 9.04 36.09
N GLU A 233 -8.45 8.77 35.94
CA GLU A 233 -9.02 8.60 34.61
C GLU A 233 -8.86 9.88 33.79
N LEU A 234 -9.09 11.04 34.41
CA LEU A 234 -8.92 12.30 33.71
C LEU A 234 -7.48 12.47 33.23
N LEU A 235 -6.53 12.21 34.12
CA LEU A 235 -5.13 12.34 33.74
C LEU A 235 -4.79 11.45 32.55
N LEU A 236 -5.12 10.17 32.66
CA LEU A 236 -4.76 9.22 31.61
C LEU A 236 -5.46 9.56 30.30
N GLU A 237 -6.73 9.98 30.37
CA GLU A 237 -7.45 10.35 29.15
C GLU A 237 -6.81 11.57 28.49
N ASN A 238 -6.43 12.56 29.29
CA ASN A 238 -5.78 13.74 28.74
C ASN A 238 -4.51 13.36 27.99
N TYR A 239 -3.65 12.56 28.61
CA TYR A 239 -2.40 12.21 27.98
C TYR A 239 -2.62 11.32 26.76
N TYR A 240 -3.61 10.43 26.82
CA TYR A 240 -3.95 9.61 25.67
C TYR A 240 -4.39 10.46 24.49
N ARG A 241 -5.21 11.49 24.76
CA ARG A 241 -5.67 12.35 23.68
C ARG A 241 -4.53 13.14 23.08
N LEU A 242 -3.62 13.65 23.92
CA LEU A 242 -2.46 14.36 23.39
C LEU A 242 -1.63 13.45 22.49
N ALA A 243 -1.39 12.21 22.93
CA ALA A 243 -0.64 11.27 22.12
C ALA A 243 -1.36 10.98 20.81
N ASP A 244 -2.69 10.88 20.84
CA ASP A 244 -3.45 10.64 19.62
C ASP A 244 -3.27 11.78 18.64
N ASP A 245 -3.30 13.03 19.13
CA ASP A 245 -3.06 14.18 18.27
C ASP A 245 -1.69 14.09 17.62
N LEU A 246 -0.67 13.77 18.42
CA LEU A 246 0.68 13.64 17.87
C LEU A 246 0.73 12.57 16.79
N SER A 247 0.08 11.43 17.03
CA SER A 247 0.09 10.35 16.05
C SER A 247 -0.57 10.78 14.75
N ASN A 248 -1.68 11.50 14.84
CA ASN A 248 -2.35 11.98 13.63
C ASN A 248 -1.44 12.93 12.86
N ALA A 249 -0.75 13.82 13.56
CA ALA A 249 0.17 14.74 12.87
C ALA A 249 1.26 13.97 12.14
N ALA A 250 1.85 12.97 12.81
CA ALA A 250 2.91 12.19 12.18
C ALA A 250 2.40 11.46 10.94
N ARG A 251 1.21 10.87 11.04
CA ARG A 251 0.64 10.17 9.88
C ARG A 251 0.42 11.13 8.72
N GLU A 252 -0.09 12.33 9.00
CA GLU A 252 -0.26 13.32 7.94
C GLU A 252 1.07 13.65 7.28
N LEU A 253 2.12 13.82 8.09
CA LEU A 253 3.44 14.10 7.52
C LEU A 253 3.90 12.98 6.61
N ARG A 254 3.71 11.73 7.02
CA ARG A 254 4.16 10.60 6.21
C ARG A 254 3.41 10.55 4.88
N VAL A 255 2.10 10.73 4.90
CA VAL A 255 1.35 10.68 3.64
C VAL A 255 1.76 11.83 2.74
N LEU A 256 2.07 12.99 3.33
CA LEU A 256 2.59 14.10 2.53
C LEU A 256 3.89 13.71 1.84
N ILE A 257 4.77 13.03 2.58
CA ILE A 257 6.04 12.59 1.99
C ILE A 257 5.77 11.69 0.78
N ASP A 258 4.86 10.74 0.94
CA ASP A 258 4.57 9.81 -0.15
C ASP A 258 4.04 10.55 -1.38
N ASP A 259 3.11 11.48 -1.17
CA ASP A 259 2.56 12.24 -2.29
C ASP A 259 3.65 13.04 -3.00
N SER A 260 4.55 13.65 -2.22
CA SER A 260 5.65 14.40 -2.81
C SER A 260 6.53 13.50 -3.66
N GLN A 261 6.79 12.28 -3.18
CA GLN A 261 7.60 11.35 -3.97
C GLN A 261 6.93 11.05 -5.31
N SER A 262 5.63 10.79 -5.29
CA SER A 262 4.93 10.53 -6.54
C SER A 262 5.02 11.71 -7.50
N ILE A 263 4.83 12.92 -6.98
CA ILE A 263 4.90 14.11 -7.83
C ILE A 263 6.29 14.25 -8.42
N ILE A 264 7.32 13.94 -7.63
CA ILE A 264 8.69 14.01 -8.13
C ILE A 264 8.88 13.06 -9.30
N PHE A 265 8.39 11.82 -9.15
CA PHE A 265 8.48 10.86 -10.25
C PHE A 265 7.82 11.41 -11.50
N ILE A 266 6.62 11.97 -11.36
CA ILE A 266 5.90 12.47 -12.53
C ILE A 266 6.69 13.59 -13.21
N ASN A 267 7.24 14.51 -12.41
CA ASN A 267 7.97 15.62 -13.01
C ASN A 267 9.21 15.13 -13.75
N LEU A 268 9.94 14.18 -13.17
CA LEU A 268 11.11 13.66 -13.85
C LEU A 268 10.74 13.01 -15.17
N ASP A 269 9.66 12.22 -15.17
CA ASP A 269 9.24 11.57 -16.41
C ASP A 269 8.85 12.60 -17.48
N SER A 270 8.15 13.66 -17.08
CA SER A 270 7.76 14.68 -18.04
C SER A 270 8.99 15.36 -18.65
N HIS A 271 9.98 15.69 -17.82
CA HIS A 271 11.19 16.31 -18.36
C HIS A 271 11.91 15.36 -19.30
N ARG A 272 11.97 14.07 -18.95
CA ARG A 272 12.57 13.08 -19.84
C ARG A 272 11.89 13.12 -21.20
N ASN A 273 10.55 13.09 -21.21
CA ASN A 273 9.82 13.04 -22.47
C ASN A 273 10.08 14.31 -23.29
N VAL A 274 10.12 15.47 -22.63
CA VAL A 274 10.37 16.71 -23.36
C VAL A 274 11.74 16.66 -24.04
N MET A 275 12.77 16.29 -23.30
CA MET A 275 14.10 16.27 -23.88
C MET A 275 14.23 15.23 -24.98
N MET A 276 13.55 14.08 -24.84
CA MET A 276 13.59 13.08 -25.89
C MET A 276 12.88 13.56 -27.15
N ARG A 277 11.78 14.30 -26.98
CA ARG A 277 11.12 14.90 -28.15
C ARG A 277 12.05 15.85 -28.87
N LEU A 278 12.76 16.70 -28.12
CA LEU A 278 13.69 17.62 -28.76
C LEU A 278 14.80 16.87 -29.48
N ASN A 279 15.34 15.82 -28.85
CA ASN A 279 16.40 15.04 -29.48
C ASN A 279 15.91 14.41 -30.78
N LEU A 280 14.69 13.89 -30.78
CA LEU A 280 14.12 13.30 -31.99
C LEU A 280 13.97 14.36 -33.08
N GLN A 281 13.49 15.55 -32.71
CA GLN A 281 13.35 16.61 -33.71
C GLN A 281 14.69 16.96 -34.34
N LEU A 282 15.75 17.01 -33.52
CA LEU A 282 17.07 17.30 -34.08
C LEU A 282 17.58 16.15 -34.93
N THR A 283 17.29 14.91 -34.53
CA THR A 283 17.75 13.75 -35.28
C THR A 283 17.11 13.69 -36.66
N MET A 284 15.86 14.12 -36.79
CA MET A 284 15.24 14.19 -38.11
C MET A 284 16.05 15.07 -39.06
N GLY A 285 16.38 16.28 -38.61
CA GLY A 285 17.17 17.17 -39.44
C GLY A 285 18.55 16.61 -39.73
N THR A 286 19.18 15.99 -38.74
CA THR A 286 20.48 15.37 -38.98
C THR A 286 20.39 14.30 -40.06
N PHE A 287 19.34 13.48 -40.01
CA PHE A 287 19.17 12.42 -41.01
C PHE A 287 18.99 13.01 -42.40
N SER A 288 18.13 14.04 -42.52
CA SER A 288 17.93 14.65 -43.83
C SER A 288 19.23 15.25 -44.37
N LEU A 289 19.96 15.96 -43.50
CA LEU A 289 21.22 16.57 -43.91
C LEU A 289 22.20 15.50 -44.37
N SER A 290 22.29 14.39 -43.64
CA SER A 290 23.20 13.32 -44.04
C SER A 290 22.78 12.69 -45.37
N LEU A 291 21.48 12.51 -45.58
CA LEU A 291 21.00 11.97 -46.83
C LEU A 291 21.45 12.83 -48.00
N PHE A 292 21.17 14.13 -47.93
CA PHE A 292 21.52 14.98 -49.06
C PHE A 292 23.02 15.24 -49.15
N GLY A 293 23.75 15.12 -48.04
CA GLY A 293 25.20 15.13 -48.11
C GLY A 293 25.75 13.93 -48.85
N LEU A 294 25.15 12.75 -48.62
CA LEU A 294 25.53 11.60 -49.42
C LEU A 294 25.23 11.83 -50.89
N MET A 295 24.07 12.42 -51.18
CA MET A 295 23.74 12.73 -52.57
C MET A 295 24.82 13.60 -53.20
N GLY A 296 25.19 14.68 -52.51
CA GLY A 296 26.21 15.58 -53.04
C GLY A 296 27.56 14.90 -53.19
N VAL A 297 27.96 14.11 -52.20
CA VAL A 297 29.24 13.42 -52.25
C VAL A 297 29.27 12.46 -53.44
N ALA A 298 28.19 11.70 -53.62
CA ALA A 298 28.12 10.77 -54.74
C ALA A 298 28.20 11.51 -56.07
N PHE A 299 27.52 12.65 -56.18
CA PHE A 299 27.62 13.42 -57.41
C PHE A 299 28.97 14.14 -57.53
N GLY A 300 29.78 14.16 -56.48
CA GLY A 300 31.05 14.84 -56.52
C GLY A 300 32.27 13.95 -56.33
N MET A 301 32.24 12.76 -56.95
CA MET A 301 33.41 11.90 -56.90
C MET A 301 34.53 12.46 -57.76
N ASN A 302 35.74 11.96 -57.53
CA ASN A 302 36.91 12.35 -58.31
C ASN A 302 37.05 11.45 -59.55
N LEU A 303 36.01 11.48 -60.37
CA LEU A 303 35.92 10.65 -61.57
C LEU A 303 35.30 11.50 -62.68
N GLU A 304 34.90 10.84 -63.76
CA GLU A 304 34.26 11.49 -64.89
C GLU A 304 32.77 11.22 -64.86
N SER A 305 31.96 12.28 -64.88
CA SER A 305 30.52 12.18 -64.89
C SER A 305 29.88 12.88 -66.08
N SER A 306 30.68 13.49 -66.96
CA SER A 306 30.17 14.17 -68.15
C SER A 306 29.26 15.34 -67.78
N LEU A 307 29.49 15.94 -66.60
CA LEU A 307 28.67 17.06 -66.15
C LEU A 307 29.51 18.15 -65.49
N GLU A 308 30.82 18.16 -65.70
CA GLU A 308 31.70 19.15 -65.09
C GLU A 308 31.83 20.43 -65.93
N GLU A 309 31.22 20.47 -67.11
CA GLU A 309 31.31 21.63 -67.98
C GLU A 309 30.18 22.63 -67.79
N ASP A 310 29.24 22.36 -66.89
CA ASP A 310 28.10 23.24 -66.65
C ASP A 310 28.00 23.55 -65.17
N HIS A 311 27.83 24.84 -64.85
CA HIS A 311 27.64 25.28 -63.48
C HIS A 311 26.17 25.41 -63.11
N ARG A 312 25.29 25.55 -64.10
CA ARG A 312 23.86 25.63 -63.81
C ARG A 312 23.37 24.36 -63.12
N ILE A 313 23.85 23.20 -63.57
CA ILE A 313 23.48 21.94 -62.93
C ILE A 313 23.96 21.92 -61.49
N PHE A 314 25.18 22.40 -61.24
CA PHE A 314 25.70 22.43 -59.88
C PHE A 314 24.85 23.31 -58.98
N TRP A 315 24.50 24.51 -59.45
CA TRP A 315 23.67 25.40 -58.65
C TRP A 315 22.29 24.80 -58.41
N LEU A 316 21.72 24.17 -59.44
CA LEU A 316 20.43 23.53 -59.30
C LEU A 316 20.48 22.43 -58.25
N ILE A 317 21.54 21.62 -58.28
CA ILE A 317 21.66 20.53 -57.30
C ILE A 317 21.79 21.10 -55.90
N THR A 318 22.58 22.14 -55.72
CA THR A 318 22.70 22.76 -54.40
C THR A 318 21.35 23.26 -53.91
N GLY A 319 20.65 24.02 -54.74
CA GLY A 319 19.37 24.58 -54.32
C GLY A 319 18.35 23.51 -54.00
N ILE A 320 18.25 22.50 -54.87
CA ILE A 320 17.24 21.47 -54.67
C ILE A 320 17.57 20.64 -53.43
N MET A 321 18.86 20.34 -53.20
CA MET A 321 19.22 19.56 -52.02
C MET A 321 18.86 20.33 -50.76
N PHE A 322 19.16 21.63 -50.72
CA PHE A 322 18.85 22.41 -49.53
C PHE A 322 17.34 22.48 -49.30
N MET A 323 16.58 22.87 -50.33
CA MET A 323 15.14 23.00 -50.15
C MET A 323 14.50 21.67 -49.80
N GLY A 324 14.96 20.57 -50.42
CA GLY A 324 14.41 19.27 -50.09
C GLY A 324 14.75 18.83 -48.69
N SER A 325 15.95 19.18 -48.21
CA SER A 325 16.27 18.97 -46.81
C SER A 325 15.21 19.64 -45.93
N GLY A 326 14.92 20.90 -46.24
CA GLY A 326 13.92 21.61 -45.47
C GLY A 326 12.56 20.92 -45.51
N LEU A 327 12.10 20.56 -46.71
CA LEU A 327 10.76 19.99 -46.84
C LEU A 327 10.67 18.64 -46.13
N ILE A 328 11.71 17.81 -46.26
CA ILE A 328 11.68 16.50 -45.61
C ILE A 328 11.70 16.67 -44.10
N TRP A 329 12.50 17.60 -43.59
CA TRP A 329 12.49 17.86 -42.15
C TRP A 329 11.11 18.27 -41.68
N ARG A 330 10.46 19.20 -42.41
CA ARG A 330 9.13 19.64 -42.01
C ARG A 330 8.12 18.49 -42.07
N ARG A 331 8.21 17.65 -43.09
CA ARG A 331 7.24 16.58 -43.25
C ARG A 331 7.42 15.53 -42.16
N LEU A 332 8.67 15.23 -41.79
CA LEU A 332 8.90 14.31 -40.68
C LEU A 332 8.41 14.91 -39.37
N LEU A 333 8.58 16.23 -39.18
CA LEU A 333 8.03 16.88 -38.00
C LEU A 333 6.51 16.73 -37.95
N SER A 334 5.85 16.94 -39.09
CA SER A 334 4.40 16.78 -39.14
C SER A 334 4.00 15.34 -38.86
N PHE A 335 4.76 14.38 -39.38
CA PHE A 335 4.46 12.97 -39.12
C PHE A 335 4.56 12.67 -37.64
N LEU A 336 5.60 13.17 -36.97
CA LEU A 336 5.70 12.99 -35.53
C LEU A 336 4.51 13.64 -34.82
N GLY A 337 4.13 14.84 -35.25
CA GLY A 337 2.98 15.49 -34.65
C GLY A 337 1.70 14.69 -34.80
N ARG A 338 1.57 13.96 -35.91
CA ARG A 338 0.39 13.14 -36.12
C ARG A 338 0.26 12.06 -35.05
N GLN A 339 1.38 11.44 -34.68
CA GLN A 339 1.38 10.39 -33.67
C GLN A 339 0.78 10.89 -32.36
N VAL B 22 -0.31 41.42 32.95
CA VAL B 22 -1.81 41.52 32.92
C VAL B 22 -2.40 40.12 32.98
N ALA B 23 -3.43 39.95 33.81
CA ALA B 23 -4.06 38.65 33.95
C ALA B 23 -4.74 38.25 32.63
N PRO B 24 -4.72 36.97 32.27
CA PRO B 24 -5.38 36.56 31.03
C PRO B 24 -6.89 36.70 31.14
N VAL B 25 -7.52 36.91 29.98
CA VAL B 25 -8.95 37.11 29.90
C VAL B 25 -9.53 36.27 28.77
N PHE B 26 -10.84 36.09 28.82
CA PHE B 26 -11.59 35.37 27.80
C PHE B 26 -12.58 36.33 27.16
N THR B 27 -12.59 36.35 25.84
CA THR B 27 -13.58 37.11 25.07
C THR B 27 -14.78 36.22 24.84
N VAL B 28 -15.85 36.46 25.58
CA VAL B 28 -17.00 35.56 25.59
C VAL B 28 -18.20 36.26 24.96
N THR B 29 -19.05 35.44 24.33
CA THR B 29 -20.37 35.87 23.89
C THR B 29 -21.39 34.88 24.44
N LYS B 30 -22.44 35.41 25.05
CA LYS B 30 -23.40 34.64 25.82
C LYS B 30 -24.76 34.69 25.15
N PHE B 31 -25.39 33.52 25.01
CA PHE B 31 -26.73 33.38 24.47
C PHE B 31 -27.65 32.84 25.56
N ASP B 32 -28.82 33.46 25.71
CA ASP B 32 -29.80 33.04 26.69
C ASP B 32 -30.80 32.09 26.04
N LYS B 33 -31.75 31.60 26.85
CA LYS B 33 -32.76 30.70 26.33
C LYS B 33 -33.62 31.36 25.25
N GLN B 34 -34.03 32.60 25.49
CA GLN B 34 -34.87 33.32 24.54
C GLN B 34 -34.13 33.73 23.28
N GLY B 35 -32.80 33.58 23.24
CA GLY B 35 -32.01 33.98 22.10
C GLY B 35 -31.30 35.30 22.26
N ASN B 36 -31.49 36.00 23.38
CA ASN B 36 -30.80 37.26 23.60
C ASN B 36 -29.29 37.06 23.60
N VAL B 37 -28.58 38.05 23.09
CA VAL B 37 -27.14 37.96 22.88
C VAL B 37 -26.44 39.03 23.69
N THR B 38 -25.31 38.65 24.29
CA THR B 38 -24.43 39.60 24.96
C THR B 38 -23.00 39.24 24.60
N SER B 39 -22.10 40.21 24.74
CA SER B 39 -20.69 39.98 24.42
C SER B 39 -19.83 40.85 25.32
N PHE B 40 -18.73 40.31 25.81
CA PHE B 40 -17.85 41.05 26.71
C PHE B 40 -16.55 40.25 26.88
N GLU B 41 -15.69 40.74 27.77
CA GLU B 41 -14.46 40.06 28.14
C GLU B 41 -14.43 39.92 29.66
N ARG B 42 -13.99 38.76 30.14
CA ARG B 42 -14.00 38.49 31.57
C ARG B 42 -12.74 37.73 31.96
N LYS B 43 -12.28 37.98 33.18
CA LYS B 43 -11.11 37.29 33.69
C LYS B 43 -11.40 35.81 33.90
N LYS B 44 -10.37 34.99 33.69
CA LYS B 44 -10.55 33.55 33.82
C LYS B 44 -10.95 33.16 35.23
N THR B 45 -10.38 33.80 36.24
CA THR B 45 -10.75 33.50 37.61
C THR B 45 -12.21 33.82 37.87
N GLU B 46 -12.69 34.96 37.36
CA GLU B 46 -14.09 35.31 37.52
C GLU B 46 -14.99 34.30 36.83
N LEU B 47 -14.58 33.83 35.65
CA LEU B 47 -15.35 32.81 34.95
C LEU B 47 -15.42 31.53 35.77
N TYR B 48 -14.29 31.09 36.31
CA TYR B 48 -14.28 29.88 37.13
C TYR B 48 -15.19 30.05 38.35
N GLN B 49 -15.12 31.21 39.00
CA GLN B 49 -15.97 31.43 40.18
C GLN B 49 -17.44 31.44 39.82
N GLU B 50 -17.79 32.06 38.68
CA GLU B 50 -19.19 32.13 38.27
C GLU B 50 -19.75 30.73 38.05
N LEU B 51 -18.98 29.87 37.39
CA LEU B 51 -19.37 28.48 37.20
C LEU B 51 -18.80 27.65 38.35
N GLY B 52 -18.97 26.32 38.26
CA GLY B 52 -18.44 25.43 39.28
C GLY B 52 -17.23 24.68 38.79
N LEU B 53 -16.50 25.28 37.85
CA LEU B 53 -15.38 24.63 37.20
C LEU B 53 -14.06 25.07 37.81
N GLN B 54 -12.97 24.54 37.26
CA GLN B 54 -11.62 24.89 37.65
C GLN B 54 -10.78 25.09 36.39
N ALA B 55 -9.59 25.68 36.59
CA ALA B 55 -8.69 25.91 35.46
C ALA B 55 -8.32 24.61 34.76
N ARG B 56 -8.42 23.47 35.46
CA ARG B 56 -8.11 22.19 34.84
C ARG B 56 -9.05 21.87 33.70
N ASP B 57 -10.26 22.42 33.71
CA ASP B 57 -11.27 22.12 32.71
C ASP B 57 -11.21 23.08 31.53
N LEU B 58 -11.21 24.39 31.80
CA LEU B 58 -11.19 25.40 30.74
C LEU B 58 -9.75 25.68 30.31
N ARG B 59 -9.10 24.62 29.85
CA ARG B 59 -7.74 24.70 29.32
C ARG B 59 -7.68 24.48 27.81
N PHE B 60 -8.54 23.64 27.26
CA PHE B 60 -8.66 23.48 25.81
C PHE B 60 -7.34 23.02 25.20
N GLN B 61 -6.89 21.85 25.63
CA GLN B 61 -5.65 21.26 25.14
C GLN B 61 -5.86 20.25 24.03
N HIS B 62 -7.10 19.88 23.73
CA HIS B 62 -7.40 18.85 22.75
C HIS B 62 -8.08 19.46 21.53
N VAL B 63 -7.71 18.96 20.35
CA VAL B 63 -8.26 19.50 19.12
C VAL B 63 -9.77 19.30 19.06
N MET B 64 -10.24 18.11 19.40
CA MET B 64 -11.66 17.78 19.43
C MET B 64 -11.98 17.15 20.78
N SER B 65 -12.96 17.70 21.48
CA SER B 65 -13.27 17.20 22.81
C SER B 65 -14.72 17.55 23.16
N ILE B 66 -15.40 16.59 23.79
CA ILE B 66 -16.71 16.81 24.38
C ILE B 66 -16.68 16.18 25.77
N THR B 67 -16.90 17.01 26.79
CA THR B 67 -16.80 16.55 28.17
C THR B 67 -17.89 17.19 29.01
N VAL B 68 -18.10 16.63 30.20
CA VAL B 68 -19.08 17.13 31.15
C VAL B 68 -18.40 17.25 32.52
N ARG B 69 -18.58 18.40 33.16
CA ARG B 69 -18.01 18.65 34.49
C ARG B 69 -18.99 19.50 35.27
N ASN B 70 -19.41 19.01 36.43
CA ASN B 70 -20.28 19.76 37.34
C ASN B 70 -21.51 20.30 36.61
N ASN B 71 -22.16 19.41 35.85
CA ASN B 71 -23.37 19.76 35.12
C ASN B 71 -23.13 20.91 34.16
N ARG B 72 -21.95 20.94 33.54
CA ARG B 72 -21.61 21.90 32.51
C ARG B 72 -20.92 21.16 31.38
N ILE B 73 -21.37 21.39 30.15
CA ILE B 73 -20.83 20.71 28.98
C ILE B 73 -19.75 21.59 28.37
N ILE B 74 -18.62 20.99 28.03
CA ILE B 74 -17.48 21.69 27.47
C ILE B 74 -17.15 21.05 26.13
N MET B 75 -17.20 21.84 25.07
CA MET B 75 -16.98 21.35 23.71
C MET B 75 -15.88 22.17 23.05
N ARG B 76 -14.99 21.48 22.34
CA ARG B 76 -13.97 22.15 21.54
C ARG B 76 -13.81 21.44 20.21
N MET B 77 -13.85 22.25 19.14
CA MET B 77 -13.50 21.87 17.78
C MET B 77 -12.12 22.42 17.46
N GLU B 78 -11.76 22.39 16.17
CA GLU B 78 -10.47 22.92 15.76
C GLU B 78 -10.24 24.33 16.31
N TYR B 79 -11.26 25.18 16.24
CA TYR B 79 -11.13 26.56 16.70
C TYR B 79 -12.35 27.07 17.45
N LEU B 80 -13.37 26.24 17.69
CA LEU B 80 -14.59 26.64 18.36
C LEU B 80 -14.59 26.13 19.79
N LYS B 81 -14.82 27.02 20.74
CA LYS B 81 -14.80 26.68 22.16
C LYS B 81 -16.13 27.09 22.77
N ALA B 82 -16.86 26.13 23.35
CA ALA B 82 -18.20 26.38 23.83
C ALA B 82 -18.41 25.75 25.20
N VAL B 83 -19.15 26.47 26.05
CA VAL B 83 -19.57 25.98 27.35
C VAL B 83 -21.09 26.09 27.42
N ILE B 84 -21.74 24.98 27.75
CA ILE B 84 -23.20 24.89 27.78
C ILE B 84 -23.65 24.64 29.21
N THR B 85 -24.58 25.45 29.67
CA THR B 85 -25.19 25.31 30.99
C THR B 85 -26.68 25.12 30.82
N PRO B 86 -27.42 24.78 31.89
CA PRO B 86 -28.87 24.59 31.75
C PRO B 86 -29.60 25.84 31.30
N GLU B 87 -29.04 27.03 31.52
CA GLU B 87 -29.75 28.27 31.27
C GLU B 87 -29.04 29.21 30.31
N CYS B 88 -27.88 28.85 29.79
CA CYS B 88 -27.14 29.76 28.94
C CYS B 88 -26.08 29.00 28.15
N LEU B 89 -25.63 29.62 27.08
CA LEU B 89 -24.54 29.12 26.25
C LEU B 89 -23.48 30.20 26.13
N LEU B 90 -22.22 29.78 26.07
CA LEU B 90 -21.09 30.71 25.99
C LEU B 90 -20.13 30.24 24.91
N ILE B 91 -19.76 31.15 24.02
CA ILE B 91 -18.73 30.90 23.02
C ILE B 91 -17.52 31.75 23.37
N LEU B 92 -16.35 31.12 23.41
CA LEU B 92 -15.13 31.74 23.88
C LEU B 92 -14.13 31.89 22.74
N ASP B 93 -13.41 33.02 22.73
CA ASP B 93 -12.37 33.28 21.74
C ASP B 93 -12.94 33.22 20.31
N TYR B 94 -13.89 34.11 20.04
CA TYR B 94 -14.55 34.19 18.75
C TYR B 94 -13.96 35.27 17.85
N ARG B 95 -13.01 36.06 18.36
CA ARG B 95 -12.49 37.18 17.59
C ARG B 95 -11.55 36.70 16.49
N ASN B 96 -11.60 37.37 15.33
CA ASN B 96 -10.73 37.08 14.21
C ASN B 96 -10.94 35.66 13.68
N LEU B 97 -12.20 35.21 13.62
CA LEU B 97 -12.52 33.88 13.10
C LEU B 97 -13.77 33.91 12.22
N ASN B 98 -14.14 35.08 11.71
CA ASN B 98 -15.28 35.25 10.81
C ASN B 98 -16.51 34.46 11.27
N LEU B 99 -16.72 34.42 12.58
CA LEU B 99 -17.89 33.77 13.16
C LEU B 99 -19.03 34.73 13.42
N GLU B 100 -18.87 36.01 13.07
CA GLU B 100 -19.90 37.00 13.38
C GLU B 100 -21.22 36.68 12.68
N GLN B 101 -21.15 36.28 11.42
CA GLN B 101 -22.37 35.99 10.68
C GLN B 101 -23.16 34.86 11.33
N TRP B 102 -22.47 33.80 11.74
CA TRP B 102 -23.16 32.68 12.37
C TRP B 102 -23.68 33.06 13.75
N LEU B 103 -22.91 33.84 14.50
CA LEU B 103 -23.27 34.14 15.88
C LEU B 103 -24.44 35.12 15.96
N PHE B 104 -24.41 36.18 15.16
CA PHE B 104 -25.35 37.28 15.31
C PHE B 104 -26.50 37.24 14.30
N ARG B 105 -26.57 36.23 13.46
CA ARG B 105 -27.61 36.17 12.44
C ARG B 105 -28.37 34.85 12.43
N GLU B 106 -27.70 33.73 12.67
CA GLU B 106 -28.31 32.41 12.56
C GLU B 106 -28.61 31.78 13.92
N LEU B 107 -27.63 31.78 14.82
CA LEU B 107 -27.81 31.07 16.08
C LEU B 107 -29.02 31.53 16.87
N PRO B 108 -29.29 32.83 17.02
CA PRO B 108 -30.48 33.24 17.78
C PRO B 108 -31.77 32.65 17.25
N SER B 109 -31.91 32.53 15.93
CA SER B 109 -33.11 31.93 15.36
C SER B 109 -33.24 30.47 15.78
N GLN B 110 -32.13 29.72 15.73
CA GLN B 110 -32.17 28.32 16.13
C GLN B 110 -32.51 28.18 17.60
N LEU B 111 -31.91 29.02 18.45
CA LEU B 111 -32.15 28.92 19.89
C LEU B 111 -33.53 29.41 20.28
N SER B 112 -34.18 30.20 19.44
CA SER B 112 -35.52 30.70 19.74
C SER B 112 -36.58 29.70 19.29
N PRO B 121 -40.31 22.58 22.65
CA PRO B 121 -40.52 22.19 24.05
C PRO B 121 -39.30 21.52 24.67
N LEU B 122 -38.34 21.12 23.84
CA LEU B 122 -37.16 20.44 24.34
C LEU B 122 -36.28 21.40 25.13
N PRO B 123 -35.42 20.87 26.00
CA PRO B 123 -34.54 21.75 26.80
C PRO B 123 -33.53 22.50 25.94
N PHE B 124 -32.72 23.34 26.60
CA PHE B 124 -31.76 24.19 25.90
C PHE B 124 -30.56 23.39 25.41
N GLU B 125 -30.16 22.36 26.15
CA GLU B 125 -28.96 21.61 25.79
C GLU B 125 -29.09 20.98 24.42
N PHE B 126 -30.26 20.41 24.13
CA PHE B 126 -30.48 19.77 22.83
C PHE B 126 -30.27 20.79 21.71
N ARG B 127 -30.90 21.95 21.83
CA ARG B 127 -30.79 22.97 20.78
C ARG B 127 -29.34 23.42 20.61
N ALA B 128 -28.65 23.67 21.71
CA ALA B 128 -27.28 24.16 21.62
C ALA B 128 -26.37 23.12 20.96
N ILE B 129 -26.46 21.86 21.41
CA ILE B 129 -25.61 20.81 20.85
C ILE B 129 -25.91 20.62 19.37
N GLU B 130 -27.21 20.62 19.01
CA GLU B 130 -27.57 20.48 17.62
C GLU B 130 -26.99 21.61 16.78
N ALA B 131 -27.08 22.84 17.29
CA ALA B 131 -26.55 23.98 16.54
C ALA B 131 -25.06 23.82 16.31
N LEU B 132 -24.30 23.50 17.35
CA LEU B 132 -22.85 23.40 17.21
C LEU B 132 -22.47 22.28 16.25
N LEU B 133 -23.08 21.10 16.42
CA LEU B 133 -22.75 19.98 15.55
C LEU B 133 -23.12 20.28 14.10
N GLN B 134 -24.27 20.93 13.88
CA GLN B 134 -24.66 21.28 12.53
C GLN B 134 -23.68 22.27 11.92
N TYR B 135 -23.22 23.24 12.70
CA TYR B 135 -22.22 24.18 12.18
C TYR B 135 -20.98 23.44 11.73
N TRP B 136 -20.46 22.55 12.58
CA TRP B 136 -19.24 21.84 12.22
C TRP B 136 -19.44 20.97 10.98
N ILE B 137 -20.58 20.27 10.92
CA ILE B 137 -20.83 19.39 9.79
C ILE B 137 -20.95 20.20 8.50
N ASN B 138 -21.63 21.34 8.56
CA ASN B 138 -21.75 22.19 7.38
C ASN B 138 -20.39 22.71 6.95
N THR B 139 -19.53 23.05 7.91
CA THR B 139 -18.19 23.49 7.56
C THR B 139 -17.43 22.40 6.82
N LEU B 140 -17.49 21.17 7.33
CA LEU B 140 -16.80 20.07 6.66
C LEU B 140 -17.37 19.83 5.27
N GLN B 141 -18.70 19.88 5.14
CA GLN B 141 -19.32 19.69 3.83
C GLN B 141 -18.88 20.75 2.85
N GLY B 142 -18.80 22.01 3.30
CA GLY B 142 -18.33 23.06 2.42
C GLY B 142 -16.89 22.84 1.98
N LYS B 143 -16.03 22.44 2.92
CA LYS B 143 -14.65 22.13 2.56
C LYS B 143 -14.60 21.06 1.47
N LEU B 144 -15.34 19.97 1.67
CA LEU B 144 -15.30 18.88 0.70
C LEU B 144 -15.86 19.31 -0.65
N SER B 145 -16.95 20.08 -0.65
CA SER B 145 -17.55 20.52 -1.89
C SER B 145 -16.64 21.47 -2.65
N ILE B 146 -15.85 22.28 -1.93
CA ILE B 146 -14.87 23.13 -2.61
C ILE B 146 -13.74 22.29 -3.17
N LEU B 147 -13.27 21.29 -2.41
CA LEU B 147 -12.11 20.53 -2.84
C LEU B 147 -12.41 19.65 -4.05
N GLN B 148 -13.60 19.05 -4.10
CA GLN B 148 -13.88 18.05 -5.12
C GLN B 148 -13.70 18.56 -6.54
N PRO B 149 -14.40 19.61 -6.97
CA PRO B 149 -14.30 20.00 -8.40
C PRO B 149 -12.90 20.37 -8.84
N LEU B 150 -12.11 21.02 -7.98
CA LEU B 150 -10.76 21.38 -8.35
C LEU B 150 -9.93 20.14 -8.68
N ILE B 151 -9.98 19.15 -7.79
CA ILE B 151 -9.23 17.92 -8.02
C ILE B 151 -9.73 17.21 -9.27
N LEU B 152 -11.05 17.16 -9.47
CA LEU B 152 -11.59 16.48 -10.63
C LEU B 152 -11.12 17.15 -11.92
N GLU B 153 -11.17 18.48 -11.98
CA GLU B 153 -10.72 19.19 -13.17
C GLU B 153 -9.23 18.98 -13.40
N THR B 154 -8.43 19.06 -12.34
CA THR B 154 -7.00 18.86 -12.50
C THR B 154 -6.67 17.48 -13.03
N LEU B 155 -7.33 16.45 -12.47
CA LEU B 155 -7.09 15.08 -12.93
C LEU B 155 -7.55 14.90 -14.37
N ASP B 156 -8.69 15.49 -14.73
CA ASP B 156 -9.17 15.38 -16.10
C ASP B 156 -8.17 16.01 -17.06
N ALA B 157 -7.61 17.17 -16.70
CA ALA B 157 -6.62 17.80 -17.54
C ALA B 157 -5.36 16.96 -17.66
N LEU B 158 -4.91 16.38 -16.54
CA LEU B 158 -3.66 15.63 -16.57
C LEU B 158 -3.80 14.34 -17.37
N VAL B 159 -4.93 13.64 -17.23
CA VAL B 159 -5.08 12.33 -17.85
C VAL B 159 -5.20 12.41 -19.36
N ASP B 160 -5.46 13.60 -19.91
CA ASP B 160 -5.60 13.76 -21.35
C ASP B 160 -4.44 13.09 -22.08
N PRO B 161 -4.67 12.00 -22.83
CA PRO B 161 -3.56 11.32 -23.50
C PRO B 161 -3.04 11.99 -24.75
N LYS B 162 -3.51 13.20 -25.07
CA LYS B 162 -3.10 13.89 -26.28
C LYS B 162 -1.79 14.66 -26.11
N HIS B 163 -1.20 14.65 -24.92
CA HIS B 163 0.03 15.37 -24.63
C HIS B 163 1.10 14.41 -24.14
N SER B 164 2.30 14.52 -24.70
CA SER B 164 3.41 13.69 -24.25
C SER B 164 3.92 14.12 -22.89
N SER B 165 3.60 15.33 -22.45
CA SER B 165 4.03 15.85 -21.16
C SER B 165 2.84 16.50 -20.48
N VAL B 166 3.02 16.84 -19.20
CA VAL B 166 1.97 17.43 -18.38
C VAL B 166 2.53 18.64 -17.65
N ASP B 167 1.63 19.56 -17.31
CA ASP B 167 2.02 20.74 -16.56
C ASP B 167 2.40 20.37 -15.13
N ARG B 168 3.19 21.24 -14.51
CA ARG B 168 3.68 21.02 -13.15
C ARG B 168 3.00 21.91 -12.12
N SER B 169 2.54 23.10 -12.52
CA SER B 169 1.76 23.93 -11.60
C SER B 169 0.49 23.21 -11.17
N LYS B 170 -0.16 22.52 -12.12
CA LYS B 170 -1.32 21.72 -11.76
C LYS B 170 -0.94 20.59 -10.81
N LEU B 171 0.25 20.02 -10.97
CA LEU B 171 0.70 19.00 -10.04
C LEU B 171 0.87 19.57 -8.63
N HIS B 172 1.45 20.77 -8.53
CA HIS B 172 1.58 21.40 -7.21
C HIS B 172 0.21 21.68 -6.61
N ILE B 173 -0.73 22.14 -7.43
CA ILE B 173 -2.09 22.37 -6.95
C ILE B 173 -2.70 21.07 -6.43
N LEU B 174 -2.50 19.97 -7.17
CA LEU B 174 -3.02 18.67 -6.75
C LEU B 174 -2.40 18.25 -5.42
N LEU B 175 -1.11 18.48 -5.25
CA LEU B 175 -0.44 18.13 -4.00
C LEU B 175 -1.03 18.90 -2.83
N GLN B 176 -1.20 20.21 -2.99
CA GLN B 176 -1.77 21.03 -1.92
C GLN B 176 -3.19 20.57 -1.59
N ASN B 177 -4.00 20.31 -2.61
CA ASN B 177 -5.37 19.88 -2.36
C ASN B 177 -5.42 18.51 -1.71
N GLY B 178 -4.49 17.61 -2.05
CA GLY B 178 -4.42 16.34 -1.38
C GLY B 178 -4.06 16.47 0.09
N LYS B 179 -3.14 17.39 0.41
CA LYS B 179 -2.82 17.66 1.80
C LYS B 179 -4.06 18.15 2.55
N SER B 180 -4.79 19.08 1.94
CA SER B 180 -6.02 19.57 2.57
C SER B 180 -7.02 18.44 2.77
N LEU B 181 -7.12 17.55 1.78
CA LEU B 181 -8.05 16.42 1.88
C LEU B 181 -7.66 15.50 3.02
N SER B 182 -6.37 15.24 3.20
CA SER B 182 -5.93 14.42 4.32
C SER B 182 -6.28 15.07 5.65
N GLU B 183 -6.08 16.38 5.76
CA GLU B 183 -6.46 17.07 6.99
C GLU B 183 -7.96 16.94 7.25
N LEU B 184 -8.77 17.09 6.20
CA LEU B 184 -10.21 16.96 6.35
C LEU B 184 -10.59 15.55 6.80
N GLU B 185 -9.94 14.53 6.22
CA GLU B 185 -10.21 13.16 6.63
C GLU B 185 -9.89 12.96 8.11
N THR B 186 -8.76 13.51 8.56
CA THR B 186 -8.41 13.39 9.96
C THR B 186 -9.46 14.04 10.86
N ASP B 187 -9.92 15.23 10.47
CA ASP B 187 -10.95 15.91 11.26
C ASP B 187 -12.22 15.08 11.34
N ILE B 188 -12.66 14.53 10.21
CA ILE B 188 -13.86 13.71 10.20
C ILE B 188 -13.66 12.48 11.10
N LYS B 189 -12.47 11.89 11.04
CA LYS B 189 -12.21 10.71 11.85
C LYS B 189 -12.33 11.03 13.33
N ILE B 190 -11.73 12.13 13.78
CA ILE B 190 -11.80 12.45 15.21
C ILE B 190 -13.23 12.76 15.61
N PHE B 191 -13.97 13.46 14.75
CA PHE B 191 -15.37 13.74 15.03
C PHE B 191 -16.15 12.44 15.26
N LYS B 192 -16.01 11.50 14.33
CA LYS B 192 -16.72 10.24 14.45
C LYS B 192 -16.28 9.47 15.69
N GLU B 193 -14.98 9.48 15.99
CA GLU B 193 -14.49 8.76 17.16
C GLU B 193 -15.11 9.29 18.43
N SER B 194 -15.14 10.62 18.58
CA SER B 194 -15.73 11.22 19.77
C SER B 194 -17.22 10.89 19.87
N ILE B 195 -17.94 11.03 18.77
CA ILE B 195 -19.38 10.79 18.80
C ILE B 195 -19.66 9.35 19.19
N LEU B 196 -18.93 8.40 18.58
CA LEU B 196 -19.16 7.00 18.87
C LEU B 196 -18.75 6.64 20.30
N GLU B 197 -17.67 7.24 20.80
CA GLU B 197 -17.27 7.00 22.18
C GLU B 197 -18.37 7.44 23.13
N ILE B 198 -18.99 8.58 22.86
CA ILE B 198 -20.09 9.02 23.72
C ILE B 198 -21.30 8.09 23.55
N LEU B 199 -21.58 7.65 22.32
CA LEU B 199 -22.80 6.88 22.08
C LEU B 199 -22.77 5.52 22.76
N ASP B 200 -21.62 4.86 22.77
CA ASP B 200 -21.56 3.48 23.26
C ASP B 200 -21.99 3.40 24.72
N GLU B 201 -21.50 4.32 25.56
CA GLU B 201 -21.87 4.35 26.96
C GLU B 201 -23.18 5.10 27.15
N GLU B 202 -23.94 4.70 28.18
CA GLU B 202 -25.16 5.39 28.55
C GLU B 202 -24.97 6.35 29.72
N GLU B 203 -23.92 6.16 30.52
CA GLU B 203 -23.65 7.08 31.62
C GLU B 203 -23.39 8.49 31.09
N LEU B 204 -22.61 8.61 30.02
CA LEU B 204 -22.36 9.91 29.42
C LEU B 204 -23.63 10.50 28.83
N LEU B 205 -24.45 9.66 28.21
CA LEU B 205 -25.73 10.13 27.67
C LEU B 205 -26.59 10.72 28.79
N GLU B 206 -26.66 10.05 29.94
CA GLU B 206 -27.39 10.60 31.07
C GLU B 206 -26.73 11.86 31.60
N GLU B 207 -25.40 11.92 31.55
CA GLU B 207 -24.70 13.12 32.01
C GLU B 207 -25.06 14.33 31.17
N LEU B 208 -25.20 14.16 29.86
CA LEU B 208 -25.51 15.28 28.99
C LEU B 208 -26.83 15.95 29.35
N CYS B 209 -27.73 15.24 30.04
CA CYS B 209 -29.00 15.82 30.49
C CYS B 209 -28.77 16.57 31.80
N VAL B 210 -28.04 17.68 31.67
CA VAL B 210 -27.64 18.45 32.86
C VAL B 210 -28.85 19.08 33.52
N SER B 211 -29.83 19.52 32.73
CA SER B 211 -30.97 20.24 33.29
C SER B 211 -31.74 19.36 34.28
N LYS B 212 -31.99 18.10 33.93
CA LYS B 212 -32.73 17.23 34.83
C LYS B 212 -31.95 16.95 36.10
N TRP B 213 -30.63 16.75 35.99
CA TRP B 213 -29.83 16.52 37.19
C TRP B 213 -29.85 17.73 38.10
N SER B 214 -29.75 18.94 37.53
CA SER B 214 -29.73 20.14 38.34
C SER B 214 -31.05 20.33 39.08
N ASP B 215 -32.18 20.11 38.38
CA ASP B 215 -33.51 20.28 38.95
C ASP B 215 -34.35 19.07 38.59
N PRO B 216 -34.13 17.93 39.27
CA PRO B 216 -34.92 16.72 38.99
C PRO B 216 -36.41 16.92 39.22
N ILE B 226 -41.77 10.88 27.44
CA ILE B 226 -40.65 11.42 26.68
C ILE B 226 -39.34 11.03 27.36
N ASP B 227 -38.40 10.51 26.58
CA ASP B 227 -37.11 10.06 27.08
C ASP B 227 -36.01 10.92 26.46
N HIS B 228 -35.20 11.55 27.30
CA HIS B 228 -34.10 12.36 26.81
C HIS B 228 -33.04 11.49 26.13
N ALA B 229 -32.78 10.31 26.68
CA ALA B 229 -31.72 9.46 26.15
C ALA B 229 -31.97 9.10 24.70
N GLU B 230 -33.23 8.79 24.34
CA GLU B 230 -33.54 8.46 22.97
C GLU B 230 -33.25 9.62 22.04
N GLU B 231 -33.65 10.84 22.44
CA GLU B 231 -33.42 12.00 21.58
C GLU B 231 -31.93 12.26 21.39
N MET B 232 -31.16 12.19 22.48
CA MET B 232 -29.72 12.41 22.34
C MET B 232 -29.08 11.34 21.47
N GLU B 233 -29.50 10.08 21.63
CA GLU B 233 -28.98 9.02 20.79
C GLU B 233 -29.30 9.27 19.33
N LEU B 234 -30.52 9.73 19.04
CA LEU B 234 -30.89 10.04 17.66
C LEU B 234 -30.00 11.12 17.08
N LEU B 235 -29.81 12.20 17.85
CA LEU B 235 -28.96 13.29 17.38
C LEU B 235 -27.56 12.79 17.05
N LEU B 236 -26.93 12.10 18.00
CA LEU B 236 -25.55 11.66 17.83
C LEU B 236 -25.44 10.67 16.68
N GLU B 237 -26.41 9.77 16.55
CA GLU B 237 -26.39 8.81 15.45
C GLU B 237 -26.51 9.51 14.10
N ASN B 238 -27.39 10.50 14.01
CA ASN B 238 -27.54 11.25 12.77
C ASN B 238 -26.22 11.90 12.37
N TYR B 239 -25.58 12.59 13.30
CA TYR B 239 -24.35 13.29 12.97
C TYR B 239 -23.22 12.30 12.66
N TYR B 240 -23.19 11.17 13.37
CA TYR B 240 -22.20 10.14 13.08
C TYR B 240 -22.37 9.60 11.66
N ARG B 241 -23.61 9.36 11.25
CA ARG B 241 -23.85 8.85 9.91
C ARG B 241 -23.46 9.87 8.85
N LEU B 242 -23.77 11.15 9.07
CA LEU B 242 -23.34 12.17 8.12
C LEU B 242 -21.83 12.20 7.99
N ALA B 243 -21.12 12.14 9.12
CA ALA B 243 -19.66 12.13 9.09
C ALA B 243 -19.14 10.90 8.36
N ASP B 244 -19.80 9.76 8.54
CA ASP B 244 -19.38 8.55 7.85
C ASP B 244 -19.52 8.71 6.34
N ASP B 245 -20.62 9.31 5.90
CA ASP B 245 -20.80 9.57 4.47
C ASP B 245 -19.68 10.46 3.94
N LEU B 246 -19.35 11.52 4.68
CA LEU B 246 -18.27 12.40 4.26
C LEU B 246 -16.96 11.65 4.15
N SER B 247 -16.66 10.79 5.14
CA SER B 247 -15.42 10.03 5.12
C SER B 247 -15.36 9.12 3.91
N ASN B 248 -16.47 8.45 3.58
CA ASN B 248 -16.48 7.58 2.41
C ASN B 248 -16.22 8.37 1.14
N ALA B 249 -16.84 9.55 1.02
CA ALA B 249 -16.59 10.38 -0.17
C ALA B 249 -15.11 10.75 -0.28
N ALA B 250 -14.50 11.17 0.83
CA ALA B 250 -13.09 11.55 0.80
C ALA B 250 -12.21 10.37 0.40
N ARG B 251 -12.50 9.19 0.95
CA ARG B 251 -11.72 8.01 0.59
C ARG B 251 -11.83 7.70 -0.90
N GLU B 252 -13.05 7.80 -1.44
CA GLU B 252 -13.23 7.58 -2.87
C GLU B 252 -12.40 8.56 -3.68
N LEU B 253 -12.39 9.83 -3.27
CA LEU B 253 -11.59 10.83 -3.98
C LEU B 253 -10.12 10.46 -3.96
N ARG B 254 -9.61 10.03 -2.80
CA ARG B 254 -8.19 9.69 -2.69
C ARG B 254 -7.83 8.52 -3.59
N VAL B 255 -8.64 7.47 -3.60
CA VAL B 255 -8.33 6.33 -4.45
C VAL B 255 -8.39 6.72 -5.92
N LEU B 256 -9.32 7.62 -6.27
CA LEU B 256 -9.35 8.13 -7.63
C LEU B 256 -8.05 8.83 -7.99
N ILE B 257 -7.53 9.63 -7.06
CA ILE B 257 -6.26 10.32 -7.29
C ILE B 257 -5.15 9.31 -7.58
N ASP B 258 -5.09 8.25 -6.76
CA ASP B 258 -4.03 7.25 -6.95
C ASP B 258 -4.14 6.58 -8.31
N ASP B 259 -5.36 6.19 -8.70
CA ASP B 259 -5.54 5.55 -10.00
C ASP B 259 -5.13 6.48 -11.14
N SER B 260 -5.48 7.77 -11.02
CA SER B 260 -5.09 8.73 -12.04
C SER B 260 -3.58 8.82 -12.15
N GLN B 261 -2.89 8.81 -11.01
CA GLN B 261 -1.43 8.86 -11.04
C GLN B 261 -0.86 7.66 -11.79
N SER B 262 -1.38 6.47 -11.51
CA SER B 262 -0.90 5.28 -12.21
C SER B 262 -1.12 5.40 -13.72
N ILE B 263 -2.31 5.86 -14.12
CA ILE B 263 -2.60 6.00 -15.55
C ILE B 263 -1.64 7.00 -16.18
N ILE B 264 -1.32 8.08 -15.45
CA ILE B 264 -0.39 9.07 -15.98
C ILE B 264 0.97 8.43 -16.24
N PHE B 265 1.45 7.65 -15.27
CA PHE B 265 2.73 6.95 -15.46
C PHE B 265 2.70 6.09 -16.71
N ILE B 266 1.62 5.32 -16.88
CA ILE B 266 1.54 4.42 -18.03
C ILE B 266 1.57 5.22 -19.34
N ASN B 267 0.82 6.31 -19.40
CA ASN B 267 0.78 7.11 -20.63
C ASN B 267 2.15 7.67 -20.96
N LEU B 268 2.85 8.21 -19.95
CA LEU B 268 4.17 8.76 -20.20
C LEU B 268 5.12 7.68 -20.72
N ASP B 269 5.08 6.48 -20.12
CA ASP B 269 5.95 5.41 -20.58
C ASP B 269 5.65 5.03 -22.03
N SER B 270 4.36 4.96 -22.38
CA SER B 270 4.00 4.60 -23.75
C SER B 270 4.52 5.64 -24.74
N HIS B 271 4.37 6.92 -24.42
CA HIS B 271 4.89 7.96 -25.31
C HIS B 271 6.40 7.86 -25.45
N ARG B 272 7.09 7.61 -24.34
CA ARG B 272 8.53 7.41 -24.39
C ARG B 272 8.88 6.31 -25.38
N ASN B 273 8.21 5.16 -25.27
CA ASN B 273 8.53 4.03 -26.12
C ASN B 273 8.28 4.37 -27.59
N VAL B 274 7.18 5.07 -27.87
CA VAL B 274 6.87 5.43 -29.25
C VAL B 274 7.98 6.29 -29.84
N MET B 275 8.36 7.35 -29.11
CA MET B 275 9.38 8.25 -29.63
C MET B 275 10.74 7.54 -29.77
N MET B 276 11.06 6.63 -28.85
CA MET B 276 12.32 5.89 -28.98
C MET B 276 12.29 4.97 -30.18
N ARG B 277 11.14 4.35 -30.47
CA ARG B 277 11.03 3.54 -31.68
C ARG B 277 11.27 4.38 -32.92
N LEU B 278 10.68 5.57 -32.97
CA LEU B 278 10.89 6.43 -34.13
C LEU B 278 12.37 6.83 -34.25
N ASN B 279 13.00 7.17 -33.13
CA ASN B 279 14.41 7.54 -33.16
C ASN B 279 15.27 6.40 -33.68
N LEU B 280 14.96 5.18 -33.24
CA LEU B 280 15.71 4.01 -33.72
C LEU B 280 15.52 3.82 -35.22
N GLN B 281 14.28 3.97 -35.70
CA GLN B 281 14.04 3.83 -37.13
C GLN B 281 14.85 4.85 -37.93
N LEU B 282 14.93 6.08 -37.43
CA LEU B 282 15.72 7.09 -38.14
C LEU B 282 17.21 6.78 -38.05
N THR B 283 17.67 6.26 -36.91
CA THR B 283 19.07 5.95 -36.74
C THR B 283 19.52 4.85 -37.68
N MET B 284 18.65 3.88 -37.97
CA MET B 284 18.99 2.85 -38.95
C MET B 284 19.34 3.48 -40.30
N GLY B 285 18.47 4.36 -40.79
CA GLY B 285 18.74 5.02 -42.06
C GLY B 285 19.99 5.87 -42.01
N THR B 286 20.20 6.58 -40.90
CA THR B 286 21.41 7.38 -40.77
C THR B 286 22.65 6.50 -40.86
N PHE B 287 22.63 5.34 -40.20
CA PHE B 287 23.77 4.44 -40.23
C PHE B 287 24.04 3.93 -41.65
N SER B 288 22.97 3.52 -42.35
CA SER B 288 23.16 3.05 -43.72
C SER B 288 23.72 4.14 -44.62
N LEU B 289 23.17 5.36 -44.50
CA LEU B 289 23.65 6.48 -45.29
C LEU B 289 25.11 6.76 -45.00
N SER B 290 25.51 6.72 -43.73
CA SER B 290 26.91 6.98 -43.39
C SER B 290 27.81 5.87 -43.94
N LEU B 291 27.37 4.63 -43.87
CA LEU B 291 28.15 3.52 -44.42
C LEU B 291 28.45 3.74 -45.89
N PHE B 292 27.40 3.99 -46.67
CA PHE B 292 27.61 4.14 -48.12
C PHE B 292 28.28 5.48 -48.46
N GLY B 293 28.14 6.48 -47.61
CA GLY B 293 28.93 7.69 -47.78
C GLY B 293 30.41 7.45 -47.58
N LEU B 294 30.75 6.63 -46.58
CA LEU B 294 32.15 6.22 -46.43
C LEU B 294 32.62 5.47 -47.67
N MET B 295 31.78 4.58 -48.19
CA MET B 295 32.16 3.85 -49.40
C MET B 295 32.48 4.83 -50.53
N GLY B 296 31.58 5.80 -50.76
CA GLY B 296 31.81 6.77 -51.82
C GLY B 296 33.04 7.62 -51.58
N VAL B 297 33.24 8.07 -50.35
CA VAL B 297 34.40 8.89 -50.03
C VAL B 297 35.69 8.11 -50.29
N ALA B 298 35.72 6.86 -49.83
CA ALA B 298 36.91 6.03 -50.05
C ALA B 298 37.16 5.85 -51.53
N PHE B 299 36.12 5.62 -52.32
CA PHE B 299 36.31 5.49 -53.76
C PHE B 299 36.61 6.82 -54.43
N GLY B 300 36.46 7.94 -53.71
CA GLY B 300 36.69 9.25 -54.29
C GLY B 300 37.81 10.04 -53.65
N MET B 301 38.91 9.37 -53.32
CA MET B 301 40.07 10.07 -52.80
C MET B 301 40.75 10.87 -53.91
N ASN B 302 41.60 11.81 -53.48
CA ASN B 302 42.37 12.64 -54.41
C ASN B 302 43.70 11.95 -54.75
N LEU B 303 43.57 10.75 -55.30
CA LEU B 303 44.72 9.92 -55.65
C LEU B 303 44.43 9.25 -56.99
N GLU B 304 45.24 8.26 -57.33
CA GLU B 304 45.07 7.49 -58.56
C GLU B 304 44.46 6.14 -58.24
N SER B 305 43.35 5.83 -58.90
CA SER B 305 42.67 4.55 -58.74
C SER B 305 42.50 3.79 -60.04
N SER B 306 42.99 4.33 -61.15
CA SER B 306 42.91 3.67 -62.46
C SER B 306 41.46 3.45 -62.89
N LEU B 307 40.55 4.32 -62.42
CA LEU B 307 39.14 4.19 -62.77
C LEU B 307 38.50 5.55 -63.06
N GLU B 308 39.30 6.59 -63.31
CA GLU B 308 38.78 7.91 -63.58
C GLU B 308 38.44 8.15 -65.06
N GLU B 309 38.72 7.17 -65.93
CA GLU B 309 38.47 7.32 -67.35
C GLU B 309 37.11 6.78 -67.79
N ASP B 310 36.32 6.24 -66.86
CA ASP B 310 35.02 5.67 -67.19
C ASP B 310 33.96 6.28 -66.28
N HIS B 311 32.85 6.72 -66.88
CA HIS B 311 31.72 7.25 -66.14
C HIS B 311 30.67 6.20 -65.84
N ARG B 312 30.65 5.10 -66.60
CA ARG B 312 29.69 4.03 -66.33
C ARG B 312 29.91 3.45 -64.94
N ILE B 313 31.17 3.27 -64.55
CA ILE B 313 31.46 2.76 -63.21
C ILE B 313 30.96 3.72 -62.15
N PHE B 314 31.14 5.03 -62.38
CA PHE B 314 30.66 6.03 -61.43
C PHE B 314 29.16 5.96 -61.27
N TRP B 315 28.42 5.91 -62.39
CA TRP B 315 26.97 5.83 -62.32
C TRP B 315 26.52 4.54 -61.65
N LEU B 316 27.20 3.43 -61.95
CA LEU B 316 26.86 2.16 -61.33
C LEU B 316 27.07 2.24 -59.82
N ILE B 317 28.16 2.84 -59.38
CA ILE B 317 28.43 2.94 -57.94
C ILE B 317 27.37 3.80 -57.28
N THR B 318 27.00 4.93 -57.90
CA THR B 318 25.94 5.76 -57.32
C THR B 318 24.65 4.98 -57.19
N GLY B 319 24.21 4.33 -58.27
CA GLY B 319 22.95 3.60 -58.23
C GLY B 319 22.96 2.48 -57.20
N ILE B 320 24.04 1.70 -57.18
CA ILE B 320 24.10 0.56 -56.27
C ILE B 320 24.16 1.04 -54.82
N MET B 321 24.90 2.12 -54.55
CA MET B 321 24.97 2.62 -53.18
C MET B 321 23.60 3.09 -52.71
N PHE B 322 22.86 3.81 -53.57
CA PHE B 322 21.54 4.28 -53.18
C PHE B 322 20.58 3.12 -52.95
N MET B 323 20.49 2.20 -53.91
CA MET B 323 19.55 1.10 -53.76
C MET B 323 19.92 0.22 -52.56
N GLY B 324 21.21 -0.02 -52.34
CA GLY B 324 21.61 -0.80 -51.19
C GLY B 324 21.33 -0.11 -49.88
N SER B 325 21.47 1.21 -49.84
CA SER B 325 21.03 1.96 -48.68
C SER B 325 19.57 1.65 -48.39
N GLY B 326 18.74 1.72 -49.43
CA GLY B 326 17.32 1.42 -49.26
C GLY B 326 17.09 0.01 -48.73
N LEU B 327 17.73 -0.98 -49.35
CA LEU B 327 17.49 -2.37 -48.96
C LEU B 327 17.95 -2.63 -47.54
N ILE B 328 19.12 -2.09 -47.16
CA ILE B 328 19.62 -2.32 -45.81
C ILE B 328 18.72 -1.65 -44.79
N TRP B 329 18.23 -0.45 -45.10
CA TRP B 329 17.29 0.21 -44.19
C TRP B 329 16.04 -0.64 -44.00
N ARG B 330 15.49 -1.15 -45.11
CA ARG B 330 14.27 -1.96 -45.01
C ARG B 330 14.54 -3.25 -44.23
N ARG B 331 15.70 -3.87 -44.44
CA ARG B 331 15.98 -5.13 -43.77
C ARG B 331 16.19 -4.92 -42.27
N LEU B 332 16.84 -3.82 -41.90
CA LEU B 332 16.97 -3.50 -40.48
C LEU B 332 15.62 -3.19 -39.86
N LEU B 333 14.74 -2.51 -40.60
CA LEU B 333 13.38 -2.29 -40.11
C LEU B 333 12.66 -3.61 -39.86
N SER B 334 12.79 -4.55 -40.80
CA SER B 334 12.17 -5.86 -40.63
C SER B 334 12.76 -6.58 -39.44
N PHE B 335 14.08 -6.48 -39.24
CA PHE B 335 14.71 -7.13 -38.10
C PHE B 335 14.16 -6.57 -36.80
N LEU B 336 14.02 -5.24 -36.71
CA LEU B 336 13.41 -4.65 -35.53
C LEU B 336 11.99 -5.14 -35.33
N GLY B 337 11.22 -5.22 -36.42
CA GLY B 337 9.86 -5.73 -36.32
C GLY B 337 9.81 -7.16 -35.81
N ARG B 338 10.82 -7.96 -36.14
CA ARG B 338 10.86 -9.35 -35.67
C ARG B 338 10.93 -9.40 -34.15
N GLN B 339 11.73 -8.52 -33.54
CA GLN B 339 11.89 -8.49 -32.10
C GLN B 339 10.54 -8.30 -31.40
N VAL C 22 -45.29 27.23 -2.81
CA VAL C 22 -46.12 25.98 -2.79
C VAL C 22 -45.53 25.02 -1.77
N ALA C 23 -46.41 24.41 -0.97
CA ALA C 23 -45.96 23.47 0.04
C ALA C 23 -45.34 22.25 -0.62
N PRO C 24 -44.29 21.68 -0.05
CA PRO C 24 -43.69 20.48 -0.65
C PRO C 24 -44.63 19.28 -0.55
N VAL C 25 -44.47 18.36 -1.50
CA VAL C 25 -45.32 17.18 -1.60
C VAL C 25 -44.45 15.96 -1.84
N PHE C 26 -45.04 14.80 -1.59
CA PHE C 26 -44.40 13.50 -1.81
C PHE C 26 -45.22 12.74 -2.85
N THR C 27 -44.54 12.22 -3.85
CA THR C 27 -45.15 11.35 -4.86
C THR C 27 -45.05 9.92 -4.35
N VAL C 28 -46.17 9.38 -3.87
CA VAL C 28 -46.18 8.10 -3.19
C VAL C 28 -46.92 7.08 -4.02
N THR C 29 -46.50 5.83 -3.89
CA THR C 29 -47.23 4.68 -4.41
C THR C 29 -47.40 3.69 -3.27
N LYS C 30 -48.63 3.21 -3.09
CA LYS C 30 -49.04 2.43 -1.93
C LYS C 30 -49.43 1.03 -2.36
N PHE C 31 -48.90 0.03 -1.64
CA PHE C 31 -49.21 -1.37 -1.85
C PHE C 31 -49.93 -1.90 -0.62
N ASP C 32 -51.03 -2.62 -0.83
CA ASP C 32 -51.79 -3.22 0.25
C ASP C 32 -51.32 -4.65 0.47
N LYS C 33 -51.94 -5.32 1.46
CA LYS C 33 -51.58 -6.70 1.76
C LYS C 33 -51.90 -7.61 0.58
N GLN C 34 -53.06 -7.43 -0.04
CA GLN C 34 -53.46 -8.27 -1.16
C GLN C 34 -52.68 -8.00 -2.43
N GLY C 35 -51.86 -6.94 -2.45
CA GLY C 35 -51.11 -6.58 -3.64
C GLY C 35 -51.70 -5.44 -4.44
N ASN C 36 -52.85 -4.92 -4.04
CA ASN C 36 -53.46 -3.81 -4.77
C ASN C 36 -52.53 -2.60 -4.75
N VAL C 37 -52.53 -1.85 -5.84
CA VAL C 37 -51.61 -0.75 -6.04
C VAL C 37 -52.39 0.55 -6.20
N THR C 38 -51.88 1.61 -5.58
CA THR C 38 -52.41 2.96 -5.78
C THR C 38 -51.22 3.91 -5.92
N SER C 39 -51.46 5.06 -6.52
CA SER C 39 -50.41 6.06 -6.71
C SER C 39 -51.03 7.45 -6.68
N PHE C 40 -50.34 8.38 -6.03
CA PHE C 40 -50.86 9.75 -5.92
C PHE C 40 -49.75 10.64 -5.37
N GLU C 41 -50.10 11.89 -5.09
CA GLU C 41 -49.21 12.85 -4.45
C GLU C 41 -49.91 13.42 -3.23
N ARG C 42 -49.17 13.58 -2.13
CA ARG C 42 -49.76 14.03 -0.88
C ARG C 42 -48.80 14.99 -0.18
N LYS C 43 -49.39 15.96 0.52
CA LYS C 43 -48.60 16.92 1.27
C LYS C 43 -47.88 16.24 2.43
N LYS C 44 -46.68 16.74 2.74
CA LYS C 44 -45.88 16.13 3.81
C LYS C 44 -46.60 16.21 5.14
N THR C 45 -47.27 17.32 5.43
CA THR C 45 -47.99 17.44 6.68
C THR C 45 -49.11 16.41 6.77
N GLU C 46 -49.84 16.21 5.67
CA GLU C 46 -50.90 15.20 5.67
C GLU C 46 -50.32 13.81 5.88
N LEU C 47 -49.17 13.53 5.28
CA LEU C 47 -48.52 12.24 5.49
C LEU C 47 -48.14 12.06 6.96
N TYR C 48 -47.55 13.08 7.57
CA TYR C 48 -47.18 12.99 8.98
C TYR C 48 -48.42 12.75 9.84
N GLN C 49 -49.50 13.47 9.56
CA GLN C 49 -50.72 13.30 10.35
C GLN C 49 -51.31 11.91 10.18
N GLU C 50 -51.29 11.38 8.95
CA GLU C 50 -51.85 10.05 8.71
C GLU C 50 -51.10 9.00 9.51
N LEU C 51 -49.77 9.09 9.53
CA LEU C 51 -48.94 8.20 10.34
C LEU C 51 -48.71 8.84 11.70
N GLY C 52 -47.89 8.20 12.52
CA GLY C 52 -47.56 8.74 13.83
C GLY C 52 -46.17 9.31 13.88
N LEU C 53 -45.67 9.77 12.73
CA LEU C 53 -44.31 10.24 12.59
C LEU C 53 -44.24 11.76 12.65
N GLN C 54 -43.03 12.29 12.51
CA GLN C 54 -42.77 13.71 12.48
C GLN C 54 -41.78 14.00 11.34
N ALA C 55 -41.66 15.29 11.00
CA ALA C 55 -40.73 15.68 9.95
C ALA C 55 -39.30 15.28 10.26
N ARG C 56 -38.98 15.06 11.54
CA ARG C 56 -37.63 14.64 11.91
C ARG C 56 -37.30 13.27 11.33
N ASP C 57 -38.31 12.44 11.07
CA ASP C 57 -38.09 11.09 10.60
C ASP C 57 -38.06 11.01 9.08
N LEU C 58 -39.08 11.56 8.41
CA LEU C 58 -39.17 11.52 6.95
C LEU C 58 -38.37 12.67 6.34
N ARG C 59 -37.08 12.67 6.65
CA ARG C 59 -36.14 13.64 6.09
C ARG C 59 -35.16 13.03 5.11
N PHE C 60 -34.76 11.78 5.32
CA PHE C 60 -33.93 11.05 4.36
C PHE C 60 -32.61 11.77 4.11
N GLN C 61 -31.83 11.92 5.17
CA GLN C 61 -30.53 12.58 5.10
C GLN C 61 -29.37 11.60 4.96
N HIS C 62 -29.61 10.30 5.07
CA HIS C 62 -28.57 9.29 5.04
C HIS C 62 -28.67 8.45 3.78
N VAL C 63 -27.51 8.12 3.21
CA VAL C 63 -27.50 7.35 1.96
C VAL C 63 -28.12 5.98 2.17
N MET C 64 -27.75 5.30 3.25
CA MET C 64 -28.31 3.99 3.59
C MET C 64 -28.77 4.03 5.04
N SER C 65 -30.03 3.67 5.27
CA SER C 65 -30.57 3.74 6.61
C SER C 65 -31.74 2.79 6.76
N ILE C 66 -31.80 2.11 7.90
CA ILE C 66 -32.95 1.31 8.31
C ILE C 66 -33.27 1.67 9.75
N THR C 67 -34.47 2.18 9.99
CA THR C 67 -34.85 2.65 11.31
C THR C 67 -36.30 2.28 11.59
N VAL C 68 -36.68 2.38 12.87
CA VAL C 68 -38.03 2.09 13.32
C VAL C 68 -38.48 3.24 14.21
N ARG C 69 -39.69 3.75 13.94
CA ARG C 69 -40.27 4.83 14.72
C ARG C 69 -41.77 4.62 14.81
N ASN C 70 -42.28 4.55 16.03
CA ASN C 70 -43.72 4.43 16.29
C ASN C 70 -44.33 3.29 15.47
N ASN C 71 -43.67 2.13 15.54
CA ASN C 71 -44.15 0.93 14.85
C ASN C 71 -44.27 1.15 13.35
N ARG C 72 -43.33 1.92 12.79
CA ARG C 72 -43.24 2.14 11.36
C ARG C 72 -41.79 2.02 10.95
N ILE C 73 -41.51 1.23 9.92
CA ILE C 73 -40.15 0.99 9.45
C ILE C 73 -39.85 1.98 8.34
N ILE C 74 -38.67 2.60 8.40
CA ILE C 74 -38.25 3.59 7.42
C ILE C 74 -36.93 3.11 6.83
N MET C 75 -36.91 2.93 5.52
CA MET C 75 -35.74 2.41 4.82
C MET C 75 -35.35 3.37 3.69
N ARG C 76 -34.05 3.60 3.56
CA ARG C 76 -33.53 4.38 2.45
C ARG C 76 -32.27 3.75 1.91
N MET C 77 -32.25 3.58 0.58
CA MET C 77 -31.09 3.20 -0.21
C MET C 77 -30.56 4.44 -0.92
N GLU C 78 -29.66 4.24 -1.89
CA GLU C 78 -29.12 5.36 -2.64
C GLU C 78 -30.22 6.26 -3.18
N TYR C 79 -31.29 5.66 -3.72
CA TYR C 79 -32.38 6.43 -4.29
C TYR C 79 -33.76 5.86 -3.98
N LEU C 80 -33.87 4.82 -3.17
CA LEU C 80 -35.13 4.18 -2.86
C LEU C 80 -35.55 4.56 -1.45
N LYS C 81 -36.78 5.06 -1.31
CA LYS C 81 -37.30 5.51 -0.03
C LYS C 81 -38.60 4.77 0.26
N ALA C 82 -38.65 4.04 1.37
CA ALA C 82 -39.77 3.17 1.67
C ALA C 82 -40.20 3.32 3.12
N VAL C 83 -41.52 3.27 3.33
CA VAL C 83 -42.12 3.26 4.66
C VAL C 83 -43.02 2.04 4.75
N ILE C 84 -42.80 1.23 5.78
CA ILE C 84 -43.51 -0.03 5.97
C ILE C 84 -44.35 0.07 7.24
N THR C 85 -45.63 -0.25 7.11
CA THR C 85 -46.55 -0.30 8.24
C THR C 85 -47.13 -1.71 8.34
N PRO C 86 -47.86 -2.03 9.42
CA PRO C 86 -48.41 -3.39 9.55
C PRO C 86 -49.38 -3.75 8.44
N GLU C 87 -49.99 -2.77 7.78
CA GLU C 87 -51.06 -3.04 6.82
C GLU C 87 -50.80 -2.48 5.43
N CYS C 88 -49.66 -1.83 5.20
CA CYS C 88 -49.42 -1.21 3.91
C CYS C 88 -47.95 -0.89 3.74
N LEU C 89 -47.55 -0.72 2.49
CA LEU C 89 -46.20 -0.29 2.13
C LEU C 89 -46.29 0.95 1.25
N LEU C 90 -45.33 1.84 1.39
CA LEU C 90 -45.31 3.08 0.62
C LEU C 90 -43.93 3.31 0.07
N ILE C 91 -43.86 3.61 -1.23
CA ILE C 91 -42.62 3.98 -1.90
C ILE C 91 -42.73 5.45 -2.28
N LEU C 92 -41.73 6.25 -1.92
CA LEU C 92 -41.75 7.68 -2.08
C LEU C 92 -40.72 8.13 -3.10
N ASP C 93 -41.08 9.13 -3.91
CA ASP C 93 -40.19 9.72 -4.90
C ASP C 93 -39.68 8.65 -5.88
N TYR C 94 -40.61 8.05 -6.59
CA TYR C 94 -40.31 7.01 -7.56
C TYR C 94 -40.25 7.53 -8.99
N ARG C 95 -40.54 8.81 -9.21
CA ARG C 95 -40.61 9.34 -10.56
C ARG C 95 -39.20 9.53 -11.13
N ASN C 96 -39.06 9.28 -12.43
CA ASN C 96 -37.80 9.47 -13.14
C ASN C 96 -36.69 8.58 -12.59
N LEU C 97 -37.01 7.33 -12.24
CA LEU C 97 -36.03 6.39 -11.73
C LEU C 97 -36.23 4.99 -12.31
N ASN C 98 -36.93 4.88 -13.44
CA ASN C 98 -37.15 3.62 -14.13
C ASN C 98 -37.51 2.47 -13.18
N LEU C 99 -38.30 2.80 -12.16
CA LEU C 99 -38.79 1.82 -11.21
C LEU C 99 -40.18 1.29 -11.57
N GLU C 100 -40.75 1.73 -12.69
CA GLU C 100 -42.10 1.32 -13.03
C GLU C 100 -42.20 -0.18 -13.24
N GLN C 101 -41.23 -0.77 -13.92
CA GLN C 101 -41.27 -2.20 -14.19
C GLN C 101 -41.29 -3.00 -12.90
N TRP C 102 -40.44 -2.64 -11.94
CA TRP C 102 -40.40 -3.36 -10.68
C TRP C 102 -41.66 -3.12 -9.86
N LEU C 103 -42.19 -1.90 -9.88
CA LEU C 103 -43.31 -1.55 -9.02
C LEU C 103 -44.61 -2.18 -9.52
N PHE C 104 -44.87 -2.09 -10.82
CA PHE C 104 -46.17 -2.45 -11.37
C PHE C 104 -46.21 -3.84 -12.01
N ARG C 105 -45.12 -4.58 -11.97
CA ARG C 105 -45.08 -5.89 -12.61
C ARG C 105 -44.60 -7.00 -11.69
N GLU C 106 -43.63 -6.72 -10.82
CA GLU C 106 -43.01 -7.75 -9.98
C GLU C 106 -43.48 -7.69 -8.53
N LEU C 107 -43.45 -6.51 -7.92
CA LEU C 107 -43.75 -6.40 -6.50
C LEU C 107 -45.12 -6.96 -6.13
N PRO C 108 -46.20 -6.68 -6.86
CA PRO C 108 -47.50 -7.24 -6.48
C PRO C 108 -47.49 -8.76 -6.38
N SER C 109 -46.77 -9.43 -7.28
CA SER C 109 -46.70 -10.89 -7.21
C SER C 109 -46.02 -11.34 -5.93
N GLN C 110 -44.92 -10.69 -5.55
CA GLN C 110 -44.23 -11.06 -4.32
C GLN C 110 -45.10 -10.81 -3.11
N LEU C 111 -45.80 -9.67 -3.07
CA LEU C 111 -46.62 -9.34 -1.91
C LEU C 111 -47.89 -10.19 -1.85
N SER C 112 -48.30 -10.80 -2.95
CA SER C 112 -49.49 -11.64 -2.96
C SER C 112 -49.14 -13.07 -2.55
N PRO C 121 -48.17 -17.40 4.95
CA PRO C 121 -48.77 -17.17 6.26
C PRO C 121 -48.03 -16.11 7.07
N LEU C 122 -46.82 -15.77 6.65
CA LEU C 122 -46.02 -14.80 7.38
C LEU C 122 -46.62 -13.41 7.27
N PRO C 123 -46.29 -12.52 8.21
CA PRO C 123 -46.83 -11.15 8.15
C PRO C 123 -46.35 -10.36 6.94
N PHE C 124 -46.84 -9.13 6.82
CA PHE C 124 -46.51 -8.29 5.67
C PHE C 124 -45.10 -7.75 5.74
N GLU C 125 -44.61 -7.47 6.95
CA GLU C 125 -43.28 -6.86 7.09
C GLU C 125 -42.20 -7.73 6.49
N PHE C 126 -42.28 -9.04 6.74
CA PHE C 126 -41.28 -9.95 6.20
C PHE C 126 -41.23 -9.88 4.68
N ARG C 127 -42.40 -9.96 4.04
CA ARG C 127 -42.45 -9.92 2.59
C ARG C 127 -41.90 -8.61 2.05
N ALA C 128 -42.29 -7.48 2.66
CA ALA C 128 -41.86 -6.19 2.17
C ALA C 128 -40.34 -6.03 2.29
N ILE C 129 -39.80 -6.38 3.46
CA ILE C 129 -38.36 -6.24 3.68
C ILE C 129 -37.59 -7.15 2.73
N GLU C 130 -38.08 -8.39 2.55
CA GLU C 130 -37.42 -9.30 1.64
C GLU C 130 -37.42 -8.74 0.22
N ALA C 131 -38.56 -8.19 -0.21
CA ALA C 131 -38.64 -7.64 -1.56
C ALA C 131 -37.63 -6.51 -1.74
N LEU C 132 -37.58 -5.57 -0.81
CA LEU C 132 -36.69 -4.43 -0.95
C LEU C 132 -35.23 -4.88 -0.96
N LEU C 133 -34.86 -5.74 -0.01
CA LEU C 133 -33.47 -6.20 0.06
C LEU C 133 -33.08 -6.98 -1.19
N GLN C 134 -34.00 -7.81 -1.69
CA GLN C 134 -33.71 -8.56 -2.92
C GLN C 134 -33.53 -7.62 -4.10
N TYR C 135 -34.35 -6.58 -4.19
CA TYR C 135 -34.18 -5.61 -5.27
C TYR C 135 -32.79 -4.98 -5.20
N TRP C 136 -32.39 -4.52 -4.02
CA TRP C 136 -31.09 -3.87 -3.91
C TRP C 136 -29.95 -4.83 -4.24
N ILE C 137 -30.04 -6.07 -3.74
CA ILE C 137 -28.99 -7.05 -3.98
C ILE C 137 -28.89 -7.37 -5.47
N ASN C 138 -30.04 -7.53 -6.13
CA ASN C 138 -30.03 -7.80 -7.57
C ASN C 138 -29.43 -6.63 -8.34
N THR C 139 -29.72 -5.40 -7.90
CA THR C 139 -29.13 -4.24 -8.55
C THR C 139 -27.61 -4.27 -8.45
N LEU C 140 -27.10 -4.55 -7.24
CA LEU C 140 -25.65 -4.62 -7.07
C LEU C 140 -25.04 -5.74 -7.90
N GLN C 141 -25.70 -6.90 -7.94
CA GLN C 141 -25.20 -8.01 -8.73
C GLN C 141 -25.15 -7.66 -10.21
N GLY C 142 -26.17 -6.98 -10.71
CA GLY C 142 -26.15 -6.55 -12.10
C GLY C 142 -25.03 -5.57 -12.38
N LYS C 143 -24.82 -4.62 -11.48
CA LYS C 143 -23.70 -3.69 -11.65
C LYS C 143 -22.38 -4.45 -11.76
N LEU C 144 -22.14 -5.38 -10.84
CA LEU C 144 -20.88 -6.12 -10.83
C LEU C 144 -20.74 -6.97 -12.09
N SER C 145 -21.82 -7.63 -12.52
CA SER C 145 -21.76 -8.48 -13.69
C SER C 145 -21.51 -7.67 -14.96
N ILE C 146 -22.01 -6.44 -15.01
CA ILE C 146 -21.71 -5.58 -16.15
C ILE C 146 -20.25 -5.13 -16.09
N LEU C 147 -19.76 -4.78 -14.91
CA LEU C 147 -18.41 -4.23 -14.80
C LEU C 147 -17.34 -5.27 -15.11
N GLN C 148 -17.54 -6.51 -14.66
CA GLN C 148 -16.47 -7.50 -14.72
C GLN C 148 -15.96 -7.73 -16.15
N PRO C 149 -16.78 -8.13 -17.11
CA PRO C 149 -16.23 -8.47 -18.43
C PRO C 149 -15.51 -7.32 -19.12
N LEU C 150 -15.98 -6.09 -18.96
CA LEU C 150 -15.31 -4.96 -19.58
C LEU C 150 -13.89 -4.83 -19.07
N ILE C 151 -13.73 -4.86 -17.74
CA ILE C 151 -12.40 -4.74 -17.15
C ILE C 151 -11.53 -5.91 -17.59
N LEU C 152 -12.08 -7.12 -17.61
CA LEU C 152 -11.28 -8.28 -17.98
C LEU C 152 -10.78 -8.16 -19.42
N GLU C 153 -11.67 -7.76 -20.34
CA GLU C 153 -11.26 -7.60 -21.73
C GLU C 153 -10.22 -6.50 -21.87
N THR C 154 -10.42 -5.37 -21.19
CA THR C 154 -9.46 -4.28 -21.29
C THR C 154 -8.08 -4.71 -20.79
N LEU C 155 -8.04 -5.40 -19.65
CA LEU C 155 -6.77 -5.85 -19.10
C LEU C 155 -6.12 -6.88 -20.02
N ASP C 156 -6.91 -7.79 -20.60
CA ASP C 156 -6.35 -8.77 -21.51
C ASP C 156 -5.74 -8.09 -22.72
N ALA C 157 -6.41 -7.05 -23.25
CA ALA C 157 -5.86 -6.32 -24.38
C ALA C 157 -4.57 -5.60 -24.00
N LEU C 158 -4.55 -4.97 -22.82
CA LEU C 158 -3.38 -4.19 -22.43
C LEU C 158 -2.17 -5.08 -22.17
N VAL C 159 -2.38 -6.22 -21.52
CA VAL C 159 -1.25 -7.05 -21.10
C VAL C 159 -0.56 -7.73 -22.26
N ASP C 160 -1.19 -7.76 -23.44
CA ASP C 160 -0.59 -8.38 -24.61
C ASP C 160 0.84 -7.91 -24.80
N PRO C 161 1.84 -8.78 -24.63
CA PRO C 161 3.24 -8.34 -24.75
C PRO C 161 3.73 -8.16 -26.18
N LYS C 162 2.85 -8.27 -27.18
CA LYS C 162 3.26 -8.15 -28.56
C LYS C 162 3.35 -6.71 -29.05
N HIS C 163 3.03 -5.74 -28.19
CA HIS C 163 3.03 -4.32 -28.55
C HIS C 163 3.97 -3.56 -27.63
N SER C 164 4.83 -2.73 -28.21
CA SER C 164 5.71 -1.89 -27.41
C SER C 164 4.97 -0.77 -26.70
N SER C 165 3.75 -0.44 -27.16
CA SER C 165 2.95 0.61 -26.58
C SER C 165 1.52 0.10 -26.40
N VAL C 166 0.71 0.88 -25.69
CA VAL C 166 -0.67 0.51 -25.39
C VAL C 166 -1.57 1.70 -25.69
N ASP C 167 -2.83 1.39 -25.97
CA ASP C 167 -3.81 2.42 -26.23
C ASP C 167 -4.14 3.19 -24.94
N ARG C 168 -4.63 4.41 -25.11
CA ARG C 168 -4.97 5.28 -24.00
C ARG C 168 -6.47 5.43 -23.77
N SER C 169 -7.28 5.29 -24.82
CA SER C 169 -8.72 5.28 -24.62
C SER C 169 -9.14 4.12 -23.73
N LYS C 170 -8.51 2.95 -23.93
CA LYS C 170 -8.78 1.83 -23.05
C LYS C 170 -8.35 2.12 -21.63
N LEU C 171 -7.26 2.89 -21.45
CA LEU C 171 -6.84 3.28 -20.11
C LEU C 171 -7.89 4.18 -19.45
N HIS C 172 -8.43 5.13 -20.21
CA HIS C 172 -9.50 5.98 -19.66
C HIS C 172 -10.71 5.15 -19.29
N ILE C 173 -11.08 4.19 -20.14
CA ILE C 173 -12.19 3.30 -19.83
C ILE C 173 -11.93 2.54 -18.53
N LEU C 174 -10.70 2.03 -18.39
CA LEU C 174 -10.34 1.30 -17.17
C LEU C 174 -10.45 2.20 -15.95
N LEU C 175 -10.02 3.45 -16.07
CA LEU C 175 -10.11 4.38 -14.95
C LEU C 175 -11.55 4.62 -14.54
N GLN C 176 -12.42 4.87 -15.53
CA GLN C 176 -13.84 5.09 -15.21
C GLN C 176 -14.45 3.87 -14.56
N ASN C 177 -14.15 2.67 -15.09
CA ASN C 177 -14.72 1.46 -14.52
C ASN C 177 -14.18 1.20 -13.12
N GLY C 178 -12.92 1.54 -12.86
CA GLY C 178 -12.40 1.41 -11.51
C GLY C 178 -13.09 2.35 -10.54
N LYS C 179 -13.39 3.58 -10.97
CA LYS C 179 -14.15 4.49 -10.13
C LYS C 179 -15.52 3.91 -9.81
N SER C 180 -16.20 3.37 -10.82
CA SER C 180 -17.49 2.75 -10.59
C SER C 180 -17.38 1.57 -9.62
N LEU C 181 -16.31 0.78 -9.75
CA LEU C 181 -16.09 -0.35 -8.87
C LEU C 181 -15.89 0.10 -7.43
N SER C 182 -15.16 1.19 -7.23
CA SER C 182 -14.97 1.72 -5.88
C SER C 182 -16.30 2.17 -5.29
N GLU C 183 -17.13 2.85 -6.09
CA GLU C 183 -18.44 3.24 -5.60
C GLU C 183 -19.27 2.03 -5.21
N LEU C 184 -19.24 0.98 -6.04
CA LEU C 184 -19.98 -0.24 -5.73
C LEU C 184 -19.49 -0.87 -4.44
N GLU C 185 -18.17 -0.90 -4.24
CA GLU C 185 -17.61 -1.45 -3.01
C GLU C 185 -18.10 -0.66 -1.79
N THR C 186 -18.12 0.66 -1.90
CA THR C 186 -18.61 1.48 -0.80
C THR C 186 -20.07 1.17 -0.48
N ASP C 187 -20.90 1.03 -1.53
CA ASP C 187 -22.30 0.72 -1.31
C ASP C 187 -22.46 -0.63 -0.62
N ILE C 188 -21.73 -1.64 -1.07
CA ILE C 188 -21.80 -2.95 -0.44
C ILE C 188 -21.37 -2.86 1.03
N LYS C 189 -20.32 -2.07 1.29
CA LYS C 189 -19.83 -1.95 2.66
C LYS C 189 -20.90 -1.36 3.56
N ILE C 190 -21.56 -0.29 3.12
CA ILE C 190 -22.57 0.34 3.98
C ILE C 190 -23.74 -0.61 4.18
N PHE C 191 -24.14 -1.33 3.13
CA PHE C 191 -25.19 -2.31 3.26
C PHE C 191 -24.87 -3.33 4.35
N LYS C 192 -23.66 -3.92 4.27
CA LYS C 192 -23.27 -4.92 5.24
C LYS C 192 -23.20 -4.32 6.64
N GLU C 193 -22.68 -3.09 6.76
CA GLU C 193 -22.58 -2.47 8.07
C GLU C 193 -23.94 -2.31 8.72
N SER C 194 -24.91 -1.81 7.95
CA SER C 194 -26.25 -1.63 8.49
C SER C 194 -26.86 -2.97 8.90
N ILE C 195 -26.76 -3.97 8.03
CA ILE C 195 -27.36 -5.26 8.32
C ILE C 195 -26.75 -5.87 9.59
N LEU C 196 -25.42 -5.80 9.71
CA LEU C 196 -24.76 -6.37 10.87
C LEU C 196 -25.08 -5.59 12.14
N GLU C 197 -25.18 -4.27 12.03
CA GLU C 197 -25.56 -3.46 13.20
C GLU C 197 -26.94 -3.86 13.69
N ILE C 198 -27.87 -4.10 12.78
CA ILE C 198 -29.19 -4.55 13.22
C ILE C 198 -29.11 -5.96 13.79
N LEU C 199 -28.31 -6.84 13.20
CA LEU C 199 -28.31 -8.24 13.61
C LEU C 199 -27.76 -8.42 15.02
N ASP C 200 -26.73 -7.67 15.38
CA ASP C 200 -26.05 -7.91 16.65
C ASP C 200 -27.00 -7.73 17.83
N GLU C 201 -27.80 -6.67 17.80
CA GLU C 201 -28.76 -6.42 18.85
C GLU C 201 -30.06 -7.17 18.60
N GLU C 202 -30.73 -7.56 19.68
CA GLU C 202 -32.03 -8.20 19.60
C GLU C 202 -33.19 -7.25 19.82
N GLU C 203 -32.94 -6.11 20.47
CA GLU C 203 -34.00 -5.12 20.66
C GLU C 203 -34.51 -4.62 19.31
N LEU C 204 -33.61 -4.34 18.38
CA LEU C 204 -34.03 -3.90 17.05
C LEU C 204 -34.77 -5.02 16.31
N LEU C 205 -34.31 -6.25 16.47
CA LEU C 205 -35.00 -7.38 15.85
C LEU C 205 -36.44 -7.47 16.35
N GLU C 206 -36.64 -7.30 17.66
CA GLU C 206 -38.00 -7.29 18.20
C GLU C 206 -38.77 -6.08 17.70
N GLU C 207 -38.10 -4.94 17.53
CA GLU C 207 -38.77 -3.74 17.03
C GLU C 207 -39.32 -3.96 15.63
N LEU C 208 -38.57 -4.67 14.78
CA LEU C 208 -39.01 -4.87 13.40
C LEU C 208 -40.33 -5.62 13.33
N CYS C 209 -40.70 -6.36 14.38
CA CYS C 209 -41.99 -7.06 14.42
C CYS C 209 -43.06 -6.08 14.89
N VAL C 210 -43.36 -5.12 14.01
CA VAL C 210 -44.29 -4.05 14.35
C VAL C 210 -45.71 -4.59 14.51
N SER C 211 -46.08 -5.59 13.71
CA SER C 211 -47.45 -6.08 13.74
C SER C 211 -47.80 -6.65 15.11
N LYS C 212 -46.90 -7.44 15.71
CA LYS C 212 -47.19 -8.02 17.01
C LYS C 212 -47.29 -6.95 18.08
N TRP C 213 -46.41 -5.96 18.04
CA TRP C 213 -46.47 -4.87 19.03
C TRP C 213 -47.78 -4.10 18.91
N SER C 214 -48.22 -3.82 17.67
CA SER C 214 -49.44 -3.07 17.48
C SER C 214 -50.65 -3.84 18.00
N ASP C 215 -50.73 -5.13 17.71
CA ASP C 215 -51.84 -5.99 18.11
C ASP C 215 -51.28 -7.27 18.72
N PRO C 216 -50.77 -7.22 19.96
CA PRO C 216 -50.23 -8.41 20.61
C PRO C 216 -51.27 -9.51 20.76
N ILE C 226 -43.74 -20.83 16.37
CA ILE C 226 -43.11 -20.00 15.36
C ILE C 226 -42.54 -18.75 16.03
N ASP C 227 -41.28 -18.44 15.72
CA ASP C 227 -40.57 -17.31 16.29
C ASP C 227 -40.24 -16.32 15.18
N HIS C 228 -40.68 -15.08 15.34
CA HIS C 228 -40.38 -14.05 14.35
C HIS C 228 -38.89 -13.72 14.34
N ALA C 229 -38.27 -13.70 15.51
CA ALA C 229 -36.86 -13.31 15.60
C ALA C 229 -35.98 -14.23 14.77
N GLU C 230 -36.25 -15.54 14.80
CA GLU C 230 -35.44 -16.47 14.02
C GLU C 230 -35.57 -16.18 12.54
N GLU C 231 -36.79 -15.93 12.06
CA GLU C 231 -36.98 -15.67 10.64
C GLU C 231 -36.28 -14.39 10.21
N MET C 232 -36.41 -13.33 11.01
CA MET C 232 -35.73 -12.08 10.66
C MET C 232 -34.22 -12.26 10.67
N GLU C 233 -33.70 -12.99 11.65
CA GLU C 233 -32.27 -13.25 11.69
C GLU C 233 -31.82 -14.01 10.45
N LEU C 234 -32.60 -15.01 10.03
CA LEU C 234 -32.26 -15.76 8.83
C LEU C 234 -32.21 -14.84 7.61
N LEU C 235 -33.24 -14.01 7.45
CA LEU C 235 -33.26 -13.09 6.32
C LEU C 235 -32.02 -12.20 6.30
N LEU C 236 -31.75 -11.53 7.42
CA LEU C 236 -30.65 -10.59 7.47
C LEU C 236 -29.31 -11.29 7.27
N GLU C 237 -29.15 -12.49 7.84
CA GLU C 237 -27.91 -13.23 7.65
C GLU C 237 -27.71 -13.62 6.20
N ASN C 238 -28.79 -14.06 5.53
CA ASN C 238 -28.69 -14.41 4.13
C ASN C 238 -28.22 -13.23 3.30
N TYR C 239 -28.85 -12.07 3.49
CA TYR C 239 -28.48 -10.92 2.69
C TYR C 239 -27.08 -10.42 3.03
N TYR C 240 -26.69 -10.51 4.31
CA TYR C 240 -25.34 -10.14 4.69
C TYR C 240 -24.31 -11.04 4.01
N ARG C 241 -24.58 -12.34 3.95
CA ARG C 241 -23.65 -13.26 3.30
C ARG C 241 -23.54 -12.98 1.81
N LEU C 242 -24.67 -12.71 1.16
CA LEU C 242 -24.62 -12.37 -0.27
C LEU C 242 -23.78 -11.11 -0.49
N ALA C 243 -23.98 -10.09 0.34
CA ALA C 243 -23.19 -8.87 0.20
C ALA C 243 -21.71 -9.14 0.44
N ASP C 244 -21.39 -10.02 1.39
CA ASP C 244 -19.99 -10.37 1.64
C ASP C 244 -19.37 -11.02 0.42
N ASP C 245 -20.11 -11.93 -0.23
CA ASP C 245 -19.60 -12.55 -1.45
C ASP C 245 -19.32 -11.50 -2.52
N LEU C 246 -20.26 -10.56 -2.70
CA LEU C 246 -20.05 -9.50 -3.68
C LEU C 246 -18.80 -8.69 -3.35
N SER C 247 -18.61 -8.36 -2.07
CA SER C 247 -17.45 -7.57 -1.67
C SER C 247 -16.16 -8.31 -1.98
N ASN C 248 -16.13 -9.62 -1.70
CA ASN C 248 -14.93 -10.40 -2.00
C ASN C 248 -14.64 -10.40 -3.49
N ALA C 249 -15.67 -10.55 -4.31
CA ALA C 249 -15.46 -10.53 -5.76
C ALA C 249 -14.88 -9.19 -6.21
N ALA C 250 -15.42 -8.08 -5.70
CA ALA C 250 -14.92 -6.77 -6.08
C ALA C 250 -13.46 -6.59 -5.66
N ARG C 251 -13.13 -7.03 -4.45
CA ARG C 251 -11.74 -6.92 -3.99
C ARG C 251 -10.80 -7.72 -4.88
N GLU C 252 -11.22 -8.92 -5.26
CA GLU C 252 -10.39 -9.72 -6.17
C GLU C 252 -10.18 -8.98 -7.49
N LEU C 253 -11.23 -8.38 -8.02
CA LEU C 253 -11.10 -7.63 -9.28
C LEU C 253 -10.10 -6.49 -9.12
N ARG C 254 -10.17 -5.76 -8.02
CA ARG C 254 -9.26 -4.63 -7.82
C ARG C 254 -7.81 -5.09 -7.74
N VAL C 255 -7.53 -6.15 -6.99
CA VAL C 255 -6.15 -6.62 -6.88
C VAL C 255 -5.67 -7.12 -8.24
N LEU C 256 -6.55 -7.74 -9.02
CA LEU C 256 -6.18 -8.12 -10.38
C LEU C 256 -5.78 -6.91 -11.21
N ILE C 257 -6.53 -5.82 -11.08
CA ILE C 257 -6.20 -4.60 -11.81
C ILE C 257 -4.80 -4.12 -11.44
N ASP C 258 -4.50 -4.10 -10.13
CA ASP C 258 -3.19 -3.63 -9.69
C ASP C 258 -2.07 -4.50 -10.25
N ASP C 259 -2.23 -5.83 -10.19
CA ASP C 259 -1.22 -6.72 -10.72
C ASP C 259 -1.01 -6.49 -12.22
N SER C 260 -2.10 -6.29 -12.96
CA SER C 260 -1.99 -6.03 -14.38
C SER C 260 -1.20 -4.75 -14.64
N GLN C 261 -1.45 -3.72 -13.83
CA GLN C 261 -0.70 -2.47 -13.99
C GLN C 261 0.79 -2.70 -13.80
N SER C 262 1.16 -3.46 -12.76
CA SER C 262 2.58 -3.73 -12.54
C SER C 262 3.19 -4.48 -13.72
N ILE C 263 2.48 -5.48 -14.24
CA ILE C 263 3.00 -6.24 -15.37
C ILE C 263 3.17 -5.34 -16.59
N ILE C 264 2.24 -4.41 -16.78
CA ILE C 264 2.36 -3.46 -17.89
C ILE C 264 3.62 -2.64 -17.76
N PHE C 265 3.88 -2.12 -16.56
CA PHE C 265 5.11 -1.36 -16.34
C PHE C 265 6.33 -2.18 -16.70
N ILE C 266 6.36 -3.43 -16.24
CA ILE C 266 7.54 -4.27 -16.50
C ILE C 266 7.73 -4.48 -17.99
N ASN C 267 6.64 -4.77 -18.72
CA ASN C 267 6.76 -5.00 -20.15
C ASN C 267 7.27 -3.76 -20.88
N LEU C 268 6.75 -2.59 -20.52
CA LEU C 268 7.21 -1.37 -21.17
C LEU C 268 8.69 -1.14 -20.92
N ASP C 269 9.15 -1.37 -19.68
CA ASP C 269 10.56 -1.18 -19.38
C ASP C 269 11.42 -2.15 -20.19
N SER C 270 11.00 -3.40 -20.30
CA SER C 270 11.77 -4.37 -21.06
C SER C 270 11.89 -3.96 -22.53
N HIS C 271 10.78 -3.51 -23.13
CA HIS C 271 10.85 -3.07 -24.52
C HIS C 271 11.78 -1.87 -24.66
N ARG C 272 11.71 -0.93 -23.72
CA ARG C 272 12.62 0.20 -23.73
C ARG C 272 14.07 -0.27 -23.77
N ASN C 273 14.41 -1.20 -22.88
CA ASN C 273 15.78 -1.66 -22.79
C ASN C 273 16.23 -2.35 -24.08
N VAL C 274 15.33 -3.14 -24.68
CA VAL C 274 15.68 -3.82 -25.92
C VAL C 274 15.99 -2.81 -27.02
N MET C 275 15.11 -1.82 -27.19
CA MET C 275 15.32 -0.85 -28.26
C MET C 275 16.57 0.00 -28.00
N MET C 276 16.85 0.32 -26.73
CA MET C 276 18.06 1.07 -26.43
C MET C 276 19.31 0.26 -26.72
N ARG C 277 19.27 -1.04 -26.44
CA ARG C 277 20.40 -1.91 -26.79
C ARG C 277 20.64 -1.90 -28.29
N LEU C 278 19.57 -2.01 -29.08
CA LEU C 278 19.73 -1.97 -30.53
C LEU C 278 20.29 -0.63 -30.99
N ASN C 279 19.80 0.47 -30.42
CA ASN C 279 20.31 1.78 -30.80
C ASN C 279 21.79 1.91 -30.49
N LEU C 280 22.22 1.40 -29.33
CA LEU C 280 23.63 1.43 -28.98
C LEU C 280 24.46 0.61 -29.96
N GLN C 281 23.97 -0.57 -30.32
CA GLN C 281 24.71 -1.40 -31.28
C GLN C 281 24.88 -0.67 -32.60
N LEU C 282 23.84 0.03 -33.06
CA LEU C 282 23.97 0.77 -34.31
C LEU C 282 24.90 1.97 -34.15
N THR C 283 24.87 2.61 -32.99
CA THR C 283 25.72 3.77 -32.76
C THR C 283 27.19 3.39 -32.77
N MET C 284 27.53 2.20 -32.28
CA MET C 284 28.92 1.75 -32.35
C MET C 284 29.41 1.74 -33.80
N GLY C 285 28.63 1.11 -34.68
CA GLY C 285 29.02 1.06 -36.09
C GLY C 285 29.08 2.44 -36.70
N THR C 286 28.13 3.30 -36.36
CA THR C 286 28.15 4.67 -36.88
C THR C 286 29.43 5.37 -36.47
N PHE C 287 29.84 5.21 -35.20
CA PHE C 287 31.05 5.85 -34.72
C PHE C 287 32.28 5.34 -35.45
N SER C 288 32.38 4.01 -35.63
CA SER C 288 33.53 3.47 -36.35
C SER C 288 33.57 3.98 -37.79
N LEU C 289 32.41 3.98 -38.46
CA LEU C 289 32.34 4.47 -39.83
C LEU C 289 32.77 5.92 -39.90
N SER C 290 32.31 6.75 -38.96
CA SER C 290 32.70 8.16 -38.98
C SER C 290 34.19 8.33 -38.73
N LEU C 291 34.76 7.53 -37.82
CA LEU C 291 36.19 7.60 -37.55
C LEU C 291 36.99 7.35 -38.82
N PHE C 292 36.69 6.23 -39.50
CA PHE C 292 37.47 5.91 -40.68
C PHE C 292 37.13 6.79 -41.87
N GLY C 293 35.93 7.38 -41.89
CA GLY C 293 35.64 8.39 -42.88
C GLY C 293 36.46 9.65 -42.68
N LEU C 294 36.65 10.05 -41.41
CA LEU C 294 37.57 11.15 -41.14
C LEU C 294 38.98 10.80 -41.60
N MET C 295 39.41 9.56 -41.33
CA MET C 295 40.74 9.15 -41.79
C MET C 295 40.85 9.32 -43.30
N GLY C 296 39.88 8.80 -44.04
CA GLY C 296 39.92 8.92 -45.50
C GLY C 296 39.87 10.36 -45.97
N VAL C 297 39.02 11.17 -45.37
CA VAL C 297 38.90 12.58 -45.76
C VAL C 297 40.23 13.29 -45.53
N ALA C 298 40.83 13.06 -44.36
CA ALA C 298 42.11 13.70 -44.07
C ALA C 298 43.18 13.27 -45.07
N PHE C 299 43.20 11.98 -45.43
CA PHE C 299 44.16 11.54 -46.43
C PHE C 299 43.79 11.99 -47.83
N GLY C 300 42.59 12.53 -48.03
CA GLY C 300 42.14 12.96 -49.34
C GLY C 300 41.87 14.44 -49.47
N MET C 301 42.72 15.27 -48.86
CA MET C 301 42.58 16.71 -49.02
C MET C 301 42.98 17.14 -50.43
N ASN C 302 42.58 18.34 -50.80
CA ASN C 302 42.93 18.92 -52.10
C ASN C 302 44.26 19.68 -52.00
N LEU C 303 45.29 18.93 -51.61
CA LEU C 303 46.62 19.48 -51.40
C LEU C 303 47.63 18.47 -51.93
N GLU C 304 48.90 18.68 -51.59
CA GLU C 304 49.97 17.78 -51.99
C GLU C 304 50.38 16.92 -50.81
N SER C 305 50.37 15.59 -51.01
CA SER C 305 50.77 14.64 -49.99
C SER C 305 51.89 13.72 -50.44
N SER C 306 52.38 13.88 -51.67
CA SER C 306 53.48 13.06 -52.20
C SER C 306 53.09 11.59 -52.27
N LEU C 307 51.80 11.30 -52.43
CA LEU C 307 51.32 9.93 -52.50
C LEU C 307 50.25 9.74 -53.56
N GLU C 308 50.12 10.67 -54.50
CA GLU C 308 49.10 10.60 -55.55
C GLU C 308 49.57 9.81 -56.77
N GLU C 309 50.82 9.36 -56.80
CA GLU C 309 51.36 8.64 -57.94
C GLU C 309 51.24 7.13 -57.80
N ASP C 310 50.69 6.63 -56.70
CA ASP C 310 50.57 5.19 -56.47
C ASP C 310 49.12 4.86 -56.12
N HIS C 311 48.57 3.84 -56.78
CA HIS C 311 47.23 3.36 -56.49
C HIS C 311 47.22 2.22 -55.49
N ARG C 312 48.34 1.51 -55.33
CA ARG C 312 48.41 0.43 -54.35
C ARG C 312 48.17 0.97 -52.94
N ILE C 313 48.73 2.13 -52.62
CA ILE C 313 48.50 2.73 -51.31
C ILE C 313 47.03 3.06 -51.12
N PHE C 314 46.38 3.58 -52.17
CA PHE C 314 44.96 3.90 -52.09
C PHE C 314 44.14 2.65 -51.81
N TRP C 315 44.39 1.58 -52.56
CA TRP C 315 43.64 0.34 -52.35
C TRP C 315 43.91 -0.22 -50.95
N LEU C 316 45.16 -0.17 -50.50
CA LEU C 316 45.49 -0.65 -49.17
C LEU C 316 44.74 0.14 -48.11
N ILE C 317 44.67 1.47 -48.27
CA ILE C 317 43.97 2.30 -47.28
C ILE C 317 42.49 1.96 -47.28
N THR C 318 41.89 1.79 -48.45
CA THR C 318 40.48 1.42 -48.50
C THR C 318 40.25 0.08 -47.78
N GLY C 319 41.03 -0.93 -48.12
CA GLY C 319 40.83 -2.24 -47.52
C GLY C 319 41.02 -2.22 -46.02
N ILE C 320 42.10 -1.57 -45.56
CA ILE C 320 42.38 -1.56 -44.14
C ILE C 320 41.32 -0.77 -43.38
N MET C 321 40.85 0.35 -43.94
CA MET C 321 39.83 1.12 -43.25
C MET C 321 38.55 0.30 -43.12
N PHE C 322 38.14 -0.40 -44.18
CA PHE C 322 36.93 -1.21 -44.10
C PHE C 322 37.08 -2.33 -43.09
N MET C 323 38.15 -3.11 -43.19
CA MET C 323 38.31 -4.24 -42.28
C MET C 323 38.44 -3.76 -40.84
N GLY C 324 39.15 -2.66 -40.61
CA GLY C 324 39.28 -2.14 -39.25
C GLY C 324 37.96 -1.62 -38.72
N SER C 325 37.14 -1.02 -39.58
CA SER C 325 35.79 -0.68 -39.17
C SER C 325 35.07 -1.91 -38.64
N GLY C 326 35.16 -3.01 -39.40
CA GLY C 326 34.52 -4.24 -38.97
C GLY C 326 35.05 -4.72 -37.63
N LEU C 327 36.38 -4.78 -37.48
CA LEU C 327 36.96 -5.31 -36.25
C LEU C 327 36.62 -4.45 -35.05
N ILE C 328 36.67 -3.12 -35.21
CA ILE C 328 36.35 -2.23 -34.09
C ILE C 328 34.90 -2.38 -33.71
N TRP C 329 34.00 -2.48 -34.69
CA TRP C 329 32.59 -2.69 -34.38
C TRP C 329 32.40 -3.98 -33.59
N ARG C 330 33.04 -5.06 -34.04
CA ARG C 330 32.90 -6.33 -33.33
C ARG C 330 33.46 -6.25 -31.92
N ARG C 331 34.60 -5.57 -31.75
CA ARG C 331 35.23 -5.51 -30.44
C ARG C 331 34.39 -4.66 -29.48
N LEU C 332 33.79 -3.58 -29.98
CA LEU C 332 32.89 -2.79 -29.14
C LEU C 332 31.65 -3.59 -28.78
N LEU C 333 31.14 -4.39 -29.72
CA LEU C 333 30.02 -5.28 -29.40
C LEU C 333 30.38 -6.25 -28.29
N SER C 334 31.58 -6.85 -28.38
CA SER C 334 32.02 -7.76 -27.34
C SER C 334 32.18 -7.04 -26.00
N PHE C 335 32.69 -5.81 -26.03
CA PHE C 335 32.84 -5.05 -24.79
C PHE C 335 31.48 -4.80 -24.16
N LEU C 336 30.49 -4.43 -24.95
CA LEU C 336 29.14 -4.26 -24.42
C LEU C 336 28.62 -5.57 -23.84
N GLY C 337 28.85 -6.68 -24.55
CA GLY C 337 28.43 -7.97 -24.03
C GLY C 337 29.08 -8.31 -22.70
N ARG C 338 30.31 -7.87 -22.49
CA ARG C 338 31.00 -8.13 -21.22
C ARG C 338 30.25 -7.49 -20.07
N GLN C 339 29.76 -6.27 -20.25
CA GLN C 339 29.05 -5.54 -19.20
C GLN C 339 27.85 -6.36 -18.71
N VAL D 22 -40.20 -30.07 -16.76
CA VAL D 22 -39.82 -31.19 -15.85
C VAL D 22 -39.42 -30.64 -14.50
N ALA D 23 -39.90 -31.27 -13.44
CA ALA D 23 -39.59 -30.82 -12.10
C ALA D 23 -38.10 -30.98 -11.82
N PRO D 24 -37.47 -30.06 -11.09
CA PRO D 24 -36.05 -30.21 -10.79
C PRO D 24 -35.80 -31.38 -9.86
N VAL D 25 -34.59 -31.95 -9.97
CA VAL D 25 -34.21 -33.12 -9.20
C VAL D 25 -32.81 -32.90 -8.63
N PHE D 26 -32.49 -33.71 -7.63
CA PHE D 26 -31.18 -33.72 -6.99
C PHE D 26 -30.54 -35.08 -7.20
N THR D 27 -29.29 -35.08 -7.65
CA THR D 27 -28.50 -36.30 -7.78
C THR D 27 -27.78 -36.52 -6.47
N VAL D 28 -28.26 -37.47 -5.67
CA VAL D 28 -27.78 -37.65 -4.31
C VAL D 28 -27.04 -38.97 -4.20
N THR D 29 -26.07 -39.00 -3.31
CA THR D 29 -25.41 -40.23 -2.88
C THR D 29 -25.45 -40.27 -1.36
N LYS D 30 -25.88 -41.41 -0.82
CA LYS D 30 -26.20 -41.57 0.59
C LYS D 30 -25.23 -42.56 1.23
N PHE D 31 -24.69 -42.17 2.38
CA PHE D 31 -23.81 -43.01 3.18
C PHE D 31 -24.48 -43.32 4.51
N ASP D 32 -24.47 -44.59 4.90
CA ASP D 32 -25.05 -45.02 6.16
C ASP D 32 -23.98 -45.04 7.24
N LYS D 33 -24.39 -45.40 8.47
CA LYS D 33 -23.44 -45.47 9.58
C LYS D 33 -22.37 -46.51 9.33
N GLN D 34 -22.77 -47.69 8.83
CA GLN D 34 -21.82 -48.77 8.58
C GLN D 34 -20.91 -48.51 7.40
N GLY D 35 -21.17 -47.46 6.62
CA GLY D 35 -20.39 -47.14 5.44
C GLY D 35 -21.01 -47.57 4.13
N ASN D 36 -22.18 -48.22 4.16
CA ASN D 36 -22.84 -48.63 2.93
C ASN D 36 -23.17 -47.40 2.08
N VAL D 37 -23.08 -47.58 0.77
CA VAL D 37 -23.22 -46.48 -0.18
C VAL D 37 -24.41 -46.76 -1.10
N THR D 38 -25.18 -45.71 -1.38
CA THR D 38 -26.24 -45.76 -2.38
C THR D 38 -26.17 -44.48 -3.20
N SER D 39 -26.74 -44.52 -4.39
CA SER D 39 -26.75 -43.35 -5.27
C SER D 39 -28.01 -43.38 -6.12
N PHE D 40 -28.62 -42.22 -6.31
CA PHE D 40 -29.85 -42.14 -7.09
C PHE D 40 -30.16 -40.67 -7.35
N GLU D 41 -31.32 -40.41 -7.94
CA GLU D 41 -31.83 -39.07 -8.17
C GLU D 41 -33.24 -38.99 -7.59
N ARG D 42 -33.54 -37.87 -6.93
CA ARG D 42 -34.82 -37.71 -6.26
C ARG D 42 -35.34 -36.29 -6.44
N LYS D 43 -36.66 -36.16 -6.50
CA LYS D 43 -37.29 -34.86 -6.64
C LYS D 43 -37.08 -34.04 -5.38
N LYS D 44 -36.95 -32.72 -5.56
CA LYS D 44 -36.70 -31.83 -4.43
C LYS D 44 -37.84 -31.88 -3.43
N THR D 45 -39.08 -31.95 -3.90
CA THR D 45 -40.22 -32.03 -2.99
C THR D 45 -40.16 -33.30 -2.16
N GLU D 46 -39.82 -34.43 -2.80
CA GLU D 46 -39.71 -35.68 -2.06
C GLU D 46 -38.60 -35.60 -1.02
N LEU D 47 -37.48 -34.95 -1.36
CA LEU D 47 -36.40 -34.77 -0.40
C LEU D 47 -36.87 -33.93 0.79
N TYR D 48 -37.57 -32.83 0.52
CA TYR D 48 -38.08 -31.99 1.61
C TYR D 48 -39.02 -32.78 2.50
N GLN D 49 -39.91 -33.57 1.89
CA GLN D 49 -40.87 -34.34 2.69
C GLN D 49 -40.16 -35.40 3.52
N GLU D 50 -39.14 -36.06 2.95
CA GLU D 50 -38.42 -37.09 3.69
C GLU D 50 -37.76 -36.50 4.93
N LEU D 51 -37.13 -35.34 4.79
CA LEU D 51 -36.55 -34.63 5.92
C LEU D 51 -37.59 -33.67 6.49
N GLY D 52 -37.17 -32.86 7.47
CA GLY D 52 -38.05 -31.88 8.07
C GLY D 52 -37.73 -30.48 7.62
N LEU D 53 -37.16 -30.35 6.42
CA LEU D 53 -36.68 -29.09 5.91
C LEU D 53 -37.69 -28.47 4.94
N GLN D 54 -37.33 -27.32 4.40
CA GLN D 54 -38.12 -26.61 3.41
C GLN D 54 -37.19 -26.12 2.29
N ALA D 55 -37.80 -25.70 1.18
CA ALA D 55 -37.00 -25.19 0.07
C ALA D 55 -36.16 -23.99 0.46
N ARG D 56 -36.53 -23.29 1.53
CA ARG D 56 -35.75 -22.15 1.99
C ARG D 56 -34.36 -22.57 2.44
N ASP D 57 -34.19 -23.82 2.87
CA ASP D 57 -32.94 -24.30 3.40
C ASP D 57 -32.05 -24.91 2.31
N LEU D 58 -32.59 -25.83 1.52
CA LEU D 58 -31.82 -26.50 0.47
C LEU D 58 -31.84 -25.66 -0.81
N ARG D 59 -31.34 -24.44 -0.67
CA ARG D 59 -31.19 -23.53 -1.80
C ARG D 59 -29.75 -23.29 -2.20
N PHE D 60 -28.82 -23.30 -1.25
CA PHE D 60 -27.39 -23.24 -1.54
C PHE D 60 -27.03 -21.96 -2.30
N GLN D 61 -27.30 -20.83 -1.66
CA GLN D 61 -27.02 -19.52 -2.25
C GLN D 61 -25.69 -18.93 -1.80
N HIS D 62 -25.01 -19.55 -0.83
CA HIS D 62 -23.78 -19.02 -0.26
C HIS D 62 -22.61 -19.91 -0.65
N VAL D 63 -21.46 -19.27 -0.93
CA VAL D 63 -20.29 -20.01 -1.36
C VAL D 63 -19.82 -20.94 -0.26
N MET D 64 -19.75 -20.45 0.97
CA MET D 64 -19.36 -21.23 2.14
C MET D 64 -20.41 -21.04 3.23
N SER D 65 -20.94 -22.15 3.74
CA SER D 65 -21.99 -22.04 4.73
C SER D 65 -22.05 -23.32 5.55
N ILE D 66 -22.25 -23.16 6.86
CA ILE D 66 -22.53 -24.25 7.77
C ILE D 66 -23.71 -23.83 8.64
N THR D 67 -24.81 -24.58 8.56
CA THR D 67 -26.03 -24.21 9.27
C THR D 67 -26.69 -25.46 9.84
N VAL D 68 -27.63 -25.24 10.75
CA VAL D 68 -28.39 -26.31 11.38
C VAL D 68 -29.87 -25.95 11.31
N ARG D 69 -30.69 -26.90 10.86
CA ARG D 69 -32.13 -26.70 10.77
C ARG D 69 -32.83 -28.02 11.09
N ASN D 70 -33.70 -28.00 12.08
CA ASN D 70 -34.51 -29.16 12.46
C ASN D 70 -33.63 -30.39 12.66
N ASN D 71 -32.55 -30.22 13.43
CA ASN D 71 -31.64 -31.31 13.74
C ASN D 71 -31.05 -31.93 12.49
N ARG D 72 -30.77 -31.09 11.49
CA ARG D 72 -30.10 -31.50 10.26
C ARG D 72 -29.04 -30.46 9.93
N ILE D 73 -27.82 -30.92 9.67
CA ILE D 73 -26.70 -30.03 9.38
C ILE D 73 -26.60 -29.86 7.87
N ILE D 74 -26.42 -28.62 7.42
CA ILE D 74 -26.34 -28.30 6.00
C ILE D 74 -25.02 -27.59 5.77
N MET D 75 -24.18 -28.15 4.92
CA MET D 75 -22.85 -27.61 4.65
C MET D 75 -22.68 -27.40 3.16
N ARG D 76 -22.08 -26.26 2.80
CA ARG D 76 -21.73 -25.99 1.42
C ARG D 76 -20.36 -25.35 1.34
N MET D 77 -19.53 -25.91 0.46
CA MET D 77 -18.25 -25.38 0.04
C MET D 77 -18.42 -24.77 -1.35
N GLU D 78 -17.29 -24.46 -2.01
CA GLU D 78 -17.35 -23.90 -3.35
C GLU D 78 -18.22 -24.75 -4.27
N TYR D 79 -18.10 -26.07 -4.19
CA TYR D 79 -18.87 -26.95 -5.05
C TYR D 79 -19.39 -28.20 -4.35
N LEU D 80 -19.18 -28.34 -3.04
CA LEU D 80 -19.59 -29.52 -2.29
C LEU D 80 -20.82 -29.18 -1.46
N LYS D 81 -21.86 -29.99 -1.59
CA LYS D 81 -23.12 -29.78 -0.90
C LYS D 81 -23.47 -31.02 -0.10
N ALA D 82 -23.61 -30.88 1.21
CA ALA D 82 -23.78 -32.02 2.09
C ALA D 82 -24.88 -31.76 3.12
N VAL D 83 -25.64 -32.81 3.41
CA VAL D 83 -26.66 -32.81 4.44
C VAL D 83 -26.37 -33.95 5.39
N ILE D 84 -26.27 -33.65 6.68
CA ILE D 84 -25.91 -34.62 7.70
C ILE D 84 -27.10 -34.79 8.65
N THR D 85 -27.48 -36.05 8.87
CA THR D 85 -28.53 -36.40 9.81
C THR D 85 -27.95 -37.33 10.86
N PRO D 86 -28.71 -37.64 11.92
CA PRO D 86 -28.17 -38.53 12.96
C PRO D 86 -27.83 -39.92 12.45
N GLU D 87 -28.45 -40.36 11.35
CA GLU D 87 -28.32 -41.74 10.89
C GLU D 87 -27.80 -41.87 9.47
N CYS D 88 -27.52 -40.77 8.78
CA CYS D 88 -27.11 -40.87 7.39
C CYS D 88 -26.46 -39.56 6.95
N LEU D 89 -25.70 -39.65 5.87
CA LEU D 89 -25.08 -38.50 5.22
C LEU D 89 -25.47 -38.51 3.74
N LEU D 90 -25.64 -37.32 3.19
CA LEU D 90 -26.05 -37.17 1.79
C LEU D 90 -25.18 -36.13 1.12
N ILE D 91 -24.63 -36.49 -0.04
CA ILE D 91 -23.89 -35.56 -0.89
C ILE D 91 -24.71 -35.30 -2.14
N LEU D 92 -24.91 -34.02 -2.47
CA LEU D 92 -25.80 -33.61 -3.54
C LEU D 92 -24.99 -32.97 -4.67
N ASP D 93 -25.42 -33.25 -5.90
CA ASP D 93 -24.80 -32.68 -7.10
C ASP D 93 -23.31 -32.99 -7.16
N TYR D 94 -23.01 -34.30 -7.22
CA TYR D 94 -21.65 -34.78 -7.28
C TYR D 94 -21.19 -35.11 -8.70
N ARG D 95 -22.08 -35.00 -9.69
CA ARG D 95 -21.74 -35.40 -11.05
C ARG D 95 -20.83 -34.36 -11.70
N ASN D 96 -19.88 -34.85 -12.51
CA ASN D 96 -18.97 -34.00 -13.26
C ASN D 96 -18.11 -33.14 -12.35
N LEU D 97 -17.63 -33.71 -11.23
CA LEU D 97 -16.76 -33.01 -10.30
C LEU D 97 -15.63 -33.90 -9.79
N ASN D 98 -15.32 -34.97 -10.52
CA ASN D 98 -14.22 -35.88 -10.17
C ASN D 98 -14.17 -36.19 -8.68
N LEU D 99 -15.35 -36.36 -8.08
CA LEU D 99 -15.46 -36.74 -6.68
C LEU D 99 -15.64 -38.24 -6.49
N GLU D 100 -15.62 -39.02 -7.58
CA GLU D 100 -15.88 -40.45 -7.47
C GLU D 100 -14.82 -41.15 -6.62
N GLN D 101 -13.56 -40.79 -6.81
CA GLN D 101 -12.49 -41.44 -6.06
C GLN D 101 -12.66 -41.22 -4.56
N TRP D 102 -12.98 -39.99 -4.16
CA TRP D 102 -13.15 -39.71 -2.74
C TRP D 102 -14.40 -40.38 -2.20
N LEU D 103 -15.48 -40.40 -2.98
CA LEU D 103 -16.75 -40.90 -2.49
C LEU D 103 -16.75 -42.41 -2.35
N PHE D 104 -16.24 -43.13 -3.35
CA PHE D 104 -16.39 -44.57 -3.43
C PHE D 104 -15.15 -45.34 -2.99
N ARG D 105 -14.11 -44.65 -2.54
CA ARG D 105 -12.88 -45.33 -2.15
C ARG D 105 -12.38 -44.95 -0.77
N GLU D 106 -12.53 -43.68 -0.38
CA GLU D 106 -11.98 -43.19 0.88
C GLU D 106 -13.04 -42.99 1.96
N LEU D 107 -14.14 -42.31 1.62
CA LEU D 107 -15.12 -41.97 2.64
C LEU D 107 -15.66 -43.18 3.39
N PRO D 108 -16.02 -44.29 2.73
CA PRO D 108 -16.54 -45.44 3.49
C PRO D 108 -15.58 -45.92 4.57
N SER D 109 -14.27 -45.91 4.29
CA SER D 109 -13.31 -46.33 5.29
C SER D 109 -13.34 -45.41 6.51
N GLN D 110 -13.40 -44.09 6.27
CA GLN D 110 -13.46 -43.15 7.38
C GLN D 110 -14.73 -43.32 8.18
N LEU D 111 -15.86 -43.50 7.51
CA LEU D 111 -17.13 -43.63 8.22
C LEU D 111 -17.27 -44.97 8.92
N SER D 112 -16.48 -45.97 8.54
CA SER D 112 -16.55 -47.28 9.18
C SER D 112 -15.64 -47.32 10.40
N PRO D 121 -16.28 -45.05 18.78
CA PRO D 121 -17.45 -44.96 19.66
C PRO D 121 -18.20 -43.64 19.50
N LEU D 122 -17.57 -42.66 18.88
CA LEU D 122 -18.18 -41.35 18.72
C LEU D 122 -19.36 -41.42 17.76
N PRO D 123 -20.28 -40.46 17.84
CA PRO D 123 -21.45 -40.46 16.94
C PRO D 123 -21.06 -40.25 15.48
N PHE D 124 -22.07 -40.28 14.61
CA PHE D 124 -21.83 -40.18 13.17
C PHE D 124 -21.50 -38.75 12.76
N GLU D 125 -22.07 -37.76 13.44
CA GLU D 125 -21.87 -36.37 13.04
C GLU D 125 -20.40 -35.99 13.09
N PHE D 126 -19.71 -36.42 14.15
CA PHE D 126 -18.29 -36.10 14.28
C PHE D 126 -17.50 -36.63 13.10
N ARG D 127 -17.71 -37.91 12.76
CA ARG D 127 -16.99 -38.51 11.64
C ARG D 127 -17.29 -37.80 10.34
N ALA D 128 -18.56 -37.50 10.08
CA ALA D 128 -18.93 -36.86 8.82
C ALA D 128 -18.30 -35.47 8.70
N ILE D 129 -18.42 -34.67 9.76
CA ILE D 129 -17.87 -33.32 9.72
C ILE D 129 -16.36 -33.36 9.56
N GLU D 130 -15.70 -34.27 10.29
CA GLU D 130 -14.26 -34.40 10.16
C GLU D 130 -13.87 -34.76 8.73
N ALA D 131 -14.60 -35.70 8.13
CA ALA D 131 -14.29 -36.11 6.76
C ALA D 131 -14.40 -34.93 5.81
N LEU D 132 -15.51 -34.19 5.88
CA LEU D 132 -15.71 -33.09 4.95
C LEU D 132 -14.65 -32.00 5.13
N LEU D 133 -14.40 -31.62 6.38
CA LEU D 133 -13.41 -30.58 6.63
C LEU D 133 -12.02 -31.02 6.19
N GLN D 134 -11.67 -32.28 6.44
CA GLN D 134 -10.38 -32.78 5.99
C GLN D 134 -10.26 -32.76 4.48
N TYR D 135 -11.34 -33.13 3.78
CA TYR D 135 -11.31 -33.08 2.32
C TYR D 135 -11.03 -31.65 1.86
N TRP D 136 -11.76 -30.68 2.40
CA TRP D 136 -11.57 -29.31 1.96
C TRP D 136 -10.17 -28.80 2.26
N ILE D 137 -9.66 -29.12 3.46
CA ILE D 137 -8.33 -28.66 3.85
C ILE D 137 -7.27 -29.28 2.94
N ASN D 138 -7.41 -30.58 2.64
CA ASN D 138 -6.46 -31.22 1.75
C ASN D 138 -6.51 -30.62 0.36
N THR D 139 -7.70 -30.27 -0.11
CA THR D 139 -7.82 -29.60 -1.41
C THR D 139 -7.06 -28.29 -1.42
N LEU D 140 -7.25 -27.48 -0.38
CA LEU D 140 -6.55 -26.19 -0.31
C LEU D 140 -5.04 -26.40 -0.23
N GLN D 141 -4.59 -27.38 0.56
CA GLN D 141 -3.17 -27.66 0.66
C GLN D 141 -2.59 -28.07 -0.68
N GLY D 142 -3.31 -28.90 -1.43
CA GLY D 142 -2.83 -29.29 -2.75
C GLY D 142 -2.74 -28.10 -3.69
N LYS D 143 -3.75 -27.23 -3.66
CA LYS D 143 -3.68 -26.02 -4.48
C LYS D 143 -2.43 -25.21 -4.17
N LEU D 144 -2.18 -24.98 -2.88
CA LEU D 144 -1.04 -24.16 -2.48
C LEU D 144 0.28 -24.83 -2.86
N SER D 145 0.37 -26.15 -2.67
CA SER D 145 1.60 -26.86 -2.98
C SER D 145 1.87 -26.86 -4.48
N ILE D 146 0.82 -26.88 -5.30
CA ILE D 146 1.02 -26.77 -6.74
C ILE D 146 1.45 -25.35 -7.10
N LEU D 147 0.85 -24.35 -6.49
CA LEU D 147 1.12 -22.96 -6.88
C LEU D 147 2.54 -22.55 -6.49
N GLN D 148 3.01 -22.97 -5.32
CA GLN D 148 4.27 -22.43 -4.79
C GLN D 148 5.45 -22.63 -5.74
N PRO D 149 5.79 -23.86 -6.14
CA PRO D 149 7.03 -24.03 -6.94
C PRO D 149 7.01 -23.28 -8.26
N LEU D 150 5.85 -23.20 -8.93
CA LEU D 150 5.79 -22.48 -10.19
C LEU D 150 6.17 -21.02 -10.00
N ILE D 151 5.57 -20.37 -8.99
CA ILE D 151 5.87 -18.98 -8.73
C ILE D 151 7.33 -18.80 -8.35
N LEU D 152 7.85 -19.70 -7.52
CA LEU D 152 9.24 -19.58 -7.09
C LEU D 152 10.18 -19.68 -8.29
N GLU D 153 9.95 -20.65 -9.17
CA GLU D 153 10.81 -20.80 -10.34
C GLU D 153 10.70 -19.60 -11.26
N THR D 154 9.48 -19.11 -11.48
CA THR D 154 9.31 -17.94 -12.35
C THR D 154 10.05 -16.72 -11.79
N LEU D 155 9.92 -16.48 -10.49
CA LEU D 155 10.59 -15.35 -9.87
C LEU D 155 12.10 -15.51 -9.92
N ASP D 156 12.61 -16.73 -9.69
CA ASP D 156 14.04 -16.96 -9.77
C ASP D 156 14.55 -16.68 -11.17
N ALA D 157 13.80 -17.10 -12.20
CA ALA D 157 14.21 -16.82 -13.56
C ALA D 157 14.20 -15.32 -13.86
N LEU D 158 13.15 -14.61 -13.39
CA LEU D 158 13.03 -13.20 -13.71
C LEU D 158 14.11 -12.37 -13.02
N VAL D 159 14.42 -12.70 -11.76
CA VAL D 159 15.34 -11.87 -10.98
C VAL D 159 16.77 -11.97 -11.45
N ASP D 160 17.09 -12.98 -12.27
CA ASP D 160 18.45 -13.17 -12.77
C ASP D 160 18.99 -11.85 -13.32
N PRO D 161 19.99 -11.23 -12.70
CA PRO D 161 20.50 -9.94 -13.18
C PRO D 161 21.40 -10.03 -14.40
N LYS D 162 21.54 -11.20 -15.01
CA LYS D 162 22.43 -11.36 -16.15
C LYS D 162 21.77 -10.98 -17.47
N HIS D 163 20.51 -10.57 -17.46
CA HIS D 163 19.77 -10.21 -18.66
C HIS D 163 19.26 -8.79 -18.54
N SER D 164 19.46 -8.00 -19.59
CA SER D 164 18.93 -6.64 -19.62
C SER D 164 17.43 -6.60 -19.78
N SER D 165 16.82 -7.69 -20.25
CA SER D 165 15.39 -7.78 -20.44
C SER D 165 14.89 -9.10 -19.87
N VAL D 166 13.56 -9.24 -19.80
CA VAL D 166 12.93 -10.41 -19.23
C VAL D 166 11.83 -10.89 -20.17
N ASP D 167 11.53 -12.17 -20.08
CA ASP D 167 10.47 -12.75 -20.89
C ASP D 167 9.11 -12.25 -20.40
N ARG D 168 8.12 -12.31 -21.31
CA ARG D 168 6.77 -11.85 -21.03
C ARG D 168 5.77 -12.98 -20.84
N SER D 169 6.00 -14.13 -21.47
CA SER D 169 5.15 -15.29 -21.21
C SER D 169 5.22 -15.69 -19.75
N LYS D 170 6.42 -15.65 -19.18
CA LYS D 170 6.57 -15.92 -17.75
C LYS D 170 5.83 -14.89 -16.92
N LEU D 171 5.80 -13.63 -17.37
CA LEU D 171 5.04 -12.62 -16.66
C LEU D 171 3.54 -12.93 -16.69
N HIS D 172 3.03 -13.36 -17.84
CA HIS D 172 1.62 -13.74 -17.91
C HIS D 172 1.33 -14.92 -17.00
N ILE D 173 2.24 -15.90 -16.97
CA ILE D 173 2.08 -17.04 -16.07
C ILE D 173 2.03 -16.57 -14.62
N LEU D 174 2.93 -15.65 -14.26
CA LEU D 174 2.94 -15.11 -12.90
C LEU D 174 1.63 -14.41 -12.58
N LEU D 175 1.09 -13.65 -13.53
CA LEU D 175 -0.17 -12.95 -13.30
C LEU D 175 -1.30 -13.94 -13.05
N GLN D 176 -1.39 -14.98 -13.88
CA GLN D 176 -2.44 -15.98 -13.69
C GLN D 176 -2.30 -16.67 -12.34
N ASN D 177 -1.07 -17.05 -11.98
CA ASN D 177 -0.87 -17.73 -10.71
C ASN D 177 -1.17 -16.81 -9.53
N GLY D 178 -0.88 -15.52 -9.65
CA GLY D 178 -1.25 -14.59 -8.60
C GLY D 178 -2.74 -14.45 -8.44
N LYS D 179 -3.47 -14.46 -9.55
CA LYS D 179 -4.93 -14.46 -9.48
C LYS D 179 -5.43 -15.69 -8.75
N SER D 180 -4.89 -16.86 -9.10
CA SER D 180 -5.28 -18.08 -8.42
C SER D 180 -4.96 -18.01 -6.92
N LEU D 181 -3.81 -17.43 -6.59
CA LEU D 181 -3.42 -17.30 -5.19
C LEU D 181 -4.39 -16.40 -4.44
N SER D 182 -4.83 -15.31 -5.05
CA SER D 182 -5.80 -14.44 -4.41
C SER D 182 -7.12 -15.17 -4.17
N GLU D 183 -7.56 -15.95 -5.15
CA GLU D 183 -8.78 -16.74 -4.96
C GLU D 183 -8.62 -17.72 -3.80
N LEU D 184 -7.46 -18.38 -3.72
CA LEU D 184 -7.20 -19.32 -2.63
C LEU D 184 -7.22 -18.61 -1.28
N GLU D 185 -6.61 -17.42 -1.21
CA GLU D 185 -6.62 -16.66 0.02
C GLU D 185 -8.05 -16.32 0.45
N THR D 186 -8.88 -15.92 -0.51
CA THR D 186 -10.27 -15.60 -0.20
C THR D 186 -11.00 -16.84 0.35
N ASP D 187 -10.78 -17.99 -0.27
CA ASP D 187 -11.42 -19.22 0.20
C ASP D 187 -10.99 -19.54 1.63
N ILE D 188 -9.69 -19.46 1.91
CA ILE D 188 -9.19 -19.72 3.25
C ILE D 188 -9.81 -18.75 4.25
N LYS D 189 -9.94 -17.48 3.84
CA LYS D 189 -10.50 -16.48 4.74
C LYS D 189 -11.92 -16.82 5.11
N ILE D 190 -12.75 -17.18 4.12
CA ILE D 190 -14.15 -17.48 4.42
C ILE D 190 -14.23 -18.73 5.29
N PHE D 191 -13.40 -19.73 5.01
CA PHE D 191 -13.38 -20.92 5.83
C PHE D 191 -13.11 -20.57 7.30
N LYS D 192 -12.05 -19.80 7.53
CA LYS D 192 -11.71 -19.41 8.90
C LYS D 192 -12.81 -18.60 9.54
N GLU D 193 -13.42 -17.68 8.78
CA GLU D 193 -14.49 -16.85 9.33
C GLU D 193 -15.65 -17.70 9.80
N SER D 194 -16.07 -18.66 8.98
CA SER D 194 -17.19 -19.52 9.36
C SER D 194 -16.83 -20.35 10.60
N ILE D 195 -15.64 -20.94 10.61
CA ILE D 195 -15.26 -21.80 11.72
C ILE D 195 -15.23 -20.99 13.02
N LEU D 196 -14.63 -19.79 12.97
CA LEU D 196 -14.54 -18.97 14.17
C LEU D 196 -15.90 -18.47 14.61
N GLU D 197 -16.78 -18.13 13.67
CA GLU D 197 -18.13 -17.70 14.04
C GLU D 197 -18.86 -18.82 14.77
N ILE D 198 -18.70 -20.06 14.32
CA ILE D 198 -19.32 -21.16 15.04
C ILE D 198 -18.65 -21.37 16.40
N LEU D 199 -17.33 -21.23 16.48
CA LEU D 199 -16.62 -21.56 17.71
C LEU D 199 -16.98 -20.60 18.84
N ASP D 200 -17.12 -19.32 18.53
CA ASP D 200 -17.29 -18.32 19.59
C ASP D 200 -18.54 -18.60 20.42
N GLU D 201 -19.65 -18.91 19.76
CA GLU D 201 -20.88 -19.23 20.45
C GLU D 201 -20.92 -20.70 20.85
N GLU D 202 -21.59 -20.98 21.97
CA GLU D 202 -21.80 -22.34 22.43
C GLU D 202 -23.16 -22.90 22.05
N GLU D 203 -24.14 -22.04 21.75
CA GLU D 203 -25.44 -22.52 21.33
C GLU D 203 -25.32 -23.31 20.03
N LEU D 204 -24.53 -22.81 19.08
CA LEU D 204 -24.33 -23.53 17.83
C LEU D 204 -23.58 -24.84 18.07
N LEU D 205 -22.60 -24.83 18.97
CA LEU D 205 -21.89 -26.06 19.31
C LEU D 205 -22.85 -27.11 19.85
N GLU D 206 -23.77 -26.70 20.73
CA GLU D 206 -24.77 -27.64 21.22
C GLU D 206 -25.71 -28.07 20.11
N GLU D 207 -26.02 -27.17 19.17
CA GLU D 207 -26.90 -27.52 18.06
C GLU D 207 -26.28 -28.61 17.20
N LEU D 208 -24.98 -28.56 16.98
CA LEU D 208 -24.33 -29.55 16.12
C LEU D 208 -24.48 -30.96 16.66
N CYS D 209 -24.75 -31.12 17.96
CA CYS D 209 -24.98 -32.44 18.55
C CYS D 209 -26.45 -32.83 18.33
N VAL D 210 -26.76 -33.09 17.06
CA VAL D 210 -28.14 -33.37 16.68
C VAL D 210 -28.62 -34.70 17.26
N SER D 211 -27.72 -35.68 17.35
CA SER D 211 -28.12 -37.00 17.80
C SER D 211 -28.67 -36.96 19.23
N LYS D 212 -27.99 -36.25 20.12
CA LYS D 212 -28.45 -36.18 21.50
C LYS D 212 -29.79 -35.46 21.60
N TRP D 213 -29.97 -34.38 20.84
CA TRP D 213 -31.24 -33.67 20.87
C TRP D 213 -32.38 -34.55 20.36
N SER D 214 -32.13 -35.32 19.30
CA SER D 214 -33.17 -36.17 18.74
C SER D 214 -33.57 -37.26 19.73
N ASP D 215 -32.59 -37.89 20.38
CA ASP D 215 -32.82 -38.98 21.33
C ASP D 215 -32.01 -38.72 22.58
N PRO D 216 -32.44 -37.77 23.43
CA PRO D 216 -31.72 -37.47 24.67
C PRO D 216 -31.60 -38.68 25.59
N ILE D 226 -17.81 -37.98 29.25
CA ILE D 226 -17.50 -37.55 27.90
C ILE D 226 -18.38 -36.37 27.53
N ASP D 227 -17.76 -35.31 27.00
CA ASP D 227 -18.45 -34.09 26.62
C ASP D 227 -18.33 -33.90 25.12
N HIS D 228 -19.48 -33.78 24.44
CA HIS D 228 -19.48 -33.55 23.01
C HIS D 228 -18.91 -32.17 22.67
N ALA D 229 -19.22 -31.17 23.48
CA ALA D 229 -18.80 -29.81 23.19
C ALA D 229 -17.29 -29.71 23.10
N GLU D 230 -16.58 -30.37 24.02
CA GLU D 230 -15.12 -30.33 23.99
C GLU D 230 -14.58 -30.92 22.70
N GLU D 231 -15.12 -32.06 22.28
CA GLU D 231 -14.64 -32.70 21.05
C GLU D 231 -14.89 -31.82 19.84
N MET D 232 -16.09 -31.25 19.74
CA MET D 232 -16.38 -30.37 18.60
C MET D 232 -15.46 -29.15 18.61
N GLU D 233 -15.24 -28.57 19.79
CA GLU D 233 -14.34 -27.43 19.89
C GLU D 233 -12.93 -27.80 19.44
N LEU D 234 -12.46 -28.98 19.83
CA LEU D 234 -11.14 -29.43 19.41
C LEU D 234 -11.06 -29.55 17.90
N LEU D 235 -12.07 -30.19 17.29
CA LEU D 235 -12.09 -30.33 15.84
C LEU D 235 -12.02 -28.97 15.15
N LEU D 236 -12.92 -28.07 15.53
CA LEU D 236 -12.99 -26.78 14.86
C LEU D 236 -11.72 -25.98 15.07
N GLU D 237 -11.15 -26.04 16.28
CA GLU D 237 -9.91 -25.31 16.53
C GLU D 237 -8.77 -25.86 15.69
N ASN D 238 -8.69 -27.18 15.58
CA ASN D 238 -7.64 -27.79 14.75
C ASN D 238 -7.74 -27.30 13.31
N TYR D 239 -8.94 -27.34 12.74
CA TYR D 239 -9.08 -26.95 11.34
C TYR D 239 -8.86 -25.45 11.17
N TYR D 240 -9.29 -24.65 12.14
CA TYR D 240 -9.03 -23.22 12.10
C TYR D 240 -7.53 -22.92 12.10
N ARG D 241 -6.77 -23.64 12.94
CA ARG D 241 -5.34 -23.42 12.99
C ARG D 241 -4.66 -23.82 11.69
N LEU D 242 -5.07 -24.95 11.11
CA LEU D 242 -4.52 -25.35 9.82
C LEU D 242 -4.79 -24.28 8.76
N ALA D 243 -6.01 -23.77 8.71
CA ALA D 243 -6.34 -22.72 7.75
C ALA D 243 -5.52 -21.46 7.99
N ASP D 244 -5.27 -21.13 9.26
CA ASP D 244 -4.45 -19.97 9.57
C ASP D 244 -3.03 -20.14 9.05
N ASP D 245 -2.47 -21.34 9.22
CA ASP D 245 -1.13 -21.62 8.68
C ASP D 245 -1.12 -21.43 7.16
N LEU D 246 -2.13 -21.97 6.48
CA LEU D 246 -2.20 -21.81 5.04
C LEU D 246 -2.26 -20.33 4.65
N SER D 247 -3.07 -19.55 5.37
CA SER D 247 -3.20 -18.14 5.05
C SER D 247 -1.87 -17.41 5.23
N ASN D 248 -1.14 -17.74 6.29
CA ASN D 248 0.16 -17.11 6.50
C ASN D 248 1.12 -17.45 5.37
N ALA D 249 1.13 -18.71 4.94
CA ALA D 249 2.00 -19.09 3.82
C ALA D 249 1.65 -18.30 2.56
N ALA D 250 0.36 -18.18 2.25
CA ALA D 250 -0.05 -17.45 1.06
C ALA D 250 0.37 -15.98 1.14
N ARG D 251 0.19 -15.37 2.31
CA ARG D 251 0.59 -13.97 2.47
C ARG D 251 2.09 -13.80 2.27
N GLU D 252 2.88 -14.73 2.81
CA GLU D 252 4.33 -14.67 2.60
C GLU D 252 4.66 -14.75 1.12
N LEU D 253 3.99 -15.64 0.39
CA LEU D 253 4.24 -15.76 -1.04
C LEU D 253 3.92 -14.45 -1.76
N ARG D 254 2.81 -13.82 -1.41
CA ARG D 254 2.42 -12.57 -2.08
C ARG D 254 3.44 -11.47 -1.83
N VAL D 255 3.89 -11.32 -0.58
CA VAL D 255 4.87 -10.27 -0.30
C VAL D 255 6.18 -10.56 -1.02
N LEU D 256 6.55 -11.84 -1.13
CA LEU D 256 7.72 -12.19 -1.91
C LEU D 256 7.57 -11.75 -3.36
N ILE D 257 6.38 -11.96 -3.93
CA ILE D 257 6.13 -11.54 -5.31
C ILE D 257 6.36 -10.03 -5.44
N ASP D 258 5.80 -9.26 -4.50
CA ASP D 258 5.94 -7.80 -4.58
C ASP D 258 7.40 -7.38 -4.51
N ASP D 259 8.16 -7.96 -3.58
CA ASP D 259 9.57 -7.61 -3.46
C ASP D 259 10.32 -7.95 -4.74
N SER D 260 10.03 -9.11 -5.34
CA SER D 260 10.68 -9.47 -6.58
C SER D 260 10.37 -8.47 -7.68
N GLN D 261 9.12 -7.99 -7.75
CA GLN D 261 8.77 -6.99 -8.75
C GLN D 261 9.61 -5.72 -8.56
N SER D 262 9.75 -5.26 -7.32
CA SER D 262 10.54 -4.06 -7.07
C SER D 262 12.00 -4.28 -7.51
N ILE D 263 12.57 -5.44 -7.17
CA ILE D 263 13.95 -5.70 -7.56
C ILE D 263 14.10 -5.72 -9.07
N ILE D 264 13.09 -6.26 -9.76
CA ILE D 264 13.13 -6.28 -11.23
C ILE D 264 13.17 -4.86 -11.77
N PHE D 265 12.32 -3.99 -11.23
CA PHE D 265 12.33 -2.59 -11.67
C PHE D 265 13.71 -1.99 -11.49
N ILE D 266 14.31 -2.20 -10.31
CA ILE D 266 15.61 -1.61 -10.04
C ILE D 266 16.65 -2.11 -11.04
N ASN D 267 16.67 -3.41 -11.30
CA ASN D 267 17.65 -3.96 -12.23
C ASN D 267 17.49 -3.39 -13.62
N LEU D 268 16.25 -3.28 -14.09
CA LEU D 268 16.02 -2.71 -15.42
C LEU D 268 16.52 -1.28 -15.49
N ASP D 269 16.23 -0.49 -14.46
CA ASP D 269 16.69 0.90 -14.46
C ASP D 269 18.22 0.99 -14.48
N SER D 270 18.89 0.13 -13.71
CA SER D 270 20.34 0.15 -13.69
C SER D 270 20.92 -0.18 -15.06
N HIS D 271 20.36 -1.20 -15.72
CA HIS D 271 20.85 -1.54 -17.06
C HIS D 271 20.62 -0.39 -18.03
N ARG D 272 19.45 0.26 -17.94
CA ARG D 272 19.19 1.42 -18.78
C ARG D 272 20.27 2.47 -18.59
N ASN D 273 20.59 2.78 -17.34
CA ASN D 273 21.57 3.83 -17.07
C ASN D 273 22.94 3.45 -17.62
N VAL D 274 23.32 2.18 -17.47
CA VAL D 274 24.62 1.74 -17.97
C VAL D 274 24.70 1.94 -19.48
N MET D 275 23.68 1.46 -20.20
CA MET D 275 23.72 1.56 -21.65
C MET D 275 23.67 3.01 -22.11
N MET D 276 22.93 3.87 -21.40
CA MET D 276 22.90 5.28 -21.77
C MET D 276 24.25 5.94 -21.53
N ARG D 277 24.94 5.57 -20.46
CA ARG D 277 26.29 6.08 -20.24
C ARG D 277 27.21 5.69 -21.39
N LEU D 278 27.14 4.44 -21.81
CA LEU D 278 27.98 4.01 -22.93
C LEU D 278 27.64 4.78 -24.20
N ASN D 279 26.35 4.97 -24.47
CA ASN D 279 25.95 5.70 -25.66
C ASN D 279 26.47 7.14 -25.62
N LEU D 280 26.40 7.78 -24.46
CA LEU D 280 26.93 9.13 -24.32
C LEU D 280 28.43 9.16 -24.57
N GLN D 281 29.16 8.18 -24.02
CA GLN D 281 30.61 8.14 -24.24
C GLN D 281 30.93 8.03 -25.72
N LEU D 282 30.17 7.21 -26.44
CA LEU D 282 30.41 7.07 -27.88
C LEU D 282 30.02 8.35 -28.62
N THR D 283 28.95 9.01 -28.19
CA THR D 283 28.50 10.23 -28.85
C THR D 283 29.53 11.35 -28.70
N MET D 284 30.23 11.41 -27.58
CA MET D 284 31.30 12.40 -27.43
C MET D 284 32.33 12.24 -28.54
N GLY D 285 32.82 11.01 -28.73
CA GLY D 285 33.80 10.77 -29.78
C GLY D 285 33.26 11.05 -31.16
N THR D 286 32.00 10.68 -31.40
CA THR D 286 31.39 10.98 -32.69
C THR D 286 31.37 12.48 -32.95
N PHE D 287 31.01 13.26 -31.92
CA PHE D 287 30.95 14.71 -32.07
C PHE D 287 32.34 15.28 -32.38
N SER D 288 33.35 14.83 -31.64
CA SER D 288 34.71 15.34 -31.90
C SER D 288 35.16 14.98 -33.31
N LEU D 289 34.91 13.74 -33.73
CA LEU D 289 35.29 13.31 -35.07
C LEU D 289 34.59 14.15 -36.12
N SER D 290 33.30 14.43 -35.93
CA SER D 290 32.57 15.24 -36.91
C SER D 290 33.11 16.67 -36.94
N LEU D 291 33.44 17.22 -35.78
CA LEU D 291 34.00 18.57 -35.73
C LEU D 291 35.27 18.65 -36.57
N PHE D 292 36.22 17.75 -36.31
CA PHE D 292 37.48 17.83 -37.04
C PHE D 292 37.35 17.38 -38.49
N GLY D 293 36.35 16.55 -38.80
CA GLY D 293 36.05 16.27 -40.19
C GLY D 293 35.53 17.49 -40.93
N LEU D 294 34.69 18.29 -40.26
CA LEU D 294 34.30 19.57 -40.86
C LEU D 294 35.50 20.46 -41.08
N MET D 295 36.41 20.50 -40.09
CA MET D 295 37.62 21.29 -40.26
C MET D 295 38.39 20.86 -41.50
N GLY D 296 38.61 19.55 -41.64
CA GLY D 296 39.34 19.06 -42.81
C GLY D 296 38.61 19.34 -44.11
N VAL D 297 37.30 19.13 -44.14
CA VAL D 297 36.52 19.37 -45.34
C VAL D 297 36.62 20.84 -45.75
N ALA D 298 36.46 21.73 -44.77
CA ALA D 298 36.56 23.16 -45.06
C ALA D 298 37.92 23.51 -45.61
N PHE D 299 38.98 22.95 -45.03
CA PHE D 299 40.32 23.21 -45.55
C PHE D 299 40.58 22.49 -46.87
N GLY D 300 39.69 21.59 -47.29
CA GLY D 300 39.88 20.84 -48.51
C GLY D 300 38.83 21.07 -49.57
N MET D 301 38.39 22.33 -49.73
CA MET D 301 37.45 22.65 -50.79
C MET D 301 38.14 22.58 -52.16
N ASN D 302 37.32 22.52 -53.20
CA ASN D 302 37.82 22.51 -54.57
C ASN D 302 37.96 23.94 -55.10
N LEU D 303 38.77 24.72 -54.39
CA LEU D 303 39.00 26.11 -54.70
C LEU D 303 40.48 26.41 -54.50
N GLU D 304 40.83 27.69 -54.47
CA GLU D 304 42.19 28.14 -54.26
C GLU D 304 42.35 28.65 -52.84
N SER D 305 43.32 28.10 -52.12
CA SER D 305 43.62 28.50 -50.76
C SER D 305 45.06 28.95 -50.56
N SER D 306 45.88 28.95 -51.62
CA SER D 306 47.27 29.38 -51.56
C SER D 306 48.08 28.50 -50.61
N LEU D 307 47.68 27.24 -50.44
CA LEU D 307 48.38 26.33 -49.55
C LEU D 307 48.51 24.94 -50.14
N GLU D 308 48.33 24.78 -51.44
CA GLU D 308 48.41 23.48 -52.09
C GLU D 308 49.84 23.11 -52.52
N GLU D 309 50.80 24.01 -52.34
CA GLU D 309 52.18 23.77 -52.75
C GLU D 309 53.04 23.20 -51.64
N ASP D 310 52.49 22.98 -50.45
CA ASP D 310 53.25 22.46 -49.31
C ASP D 310 52.53 21.26 -48.73
N HIS D 311 53.27 20.18 -48.50
CA HIS D 311 52.73 18.99 -47.87
C HIS D 311 52.95 18.97 -46.36
N ARG D 312 53.92 19.74 -45.87
CA ARG D 312 54.15 19.80 -44.42
C ARG D 312 52.91 20.34 -43.71
N ILE D 313 52.26 21.35 -44.28
CA ILE D 313 51.04 21.89 -43.69
C ILE D 313 49.96 20.83 -43.65
N PHE D 314 49.84 20.05 -44.73
CA PHE D 314 48.84 18.98 -44.77
C PHE D 314 49.08 17.95 -43.68
N TRP D 315 50.32 17.50 -43.54
CA TRP D 315 50.64 16.52 -42.51
C TRP D 315 50.41 17.09 -41.12
N LEU D 316 50.78 18.35 -40.91
CA LEU D 316 50.55 19.00 -39.63
C LEU D 316 49.07 19.05 -39.31
N ILE D 317 48.24 19.40 -40.29
CA ILE D 317 46.81 19.48 -40.05
C ILE D 317 46.25 18.11 -39.72
N THR D 318 46.68 17.08 -40.43
CA THR D 318 46.22 15.72 -40.12
C THR D 318 46.59 15.34 -38.69
N GLY D 319 47.86 15.52 -38.33
CA GLY D 319 48.30 15.13 -37.00
C GLY D 319 47.58 15.90 -35.90
N ILE D 320 47.46 17.22 -36.07
CA ILE D 320 46.84 18.04 -35.04
C ILE D 320 45.36 17.70 -34.92
N MET D 321 44.67 17.47 -36.05
CA MET D 321 43.26 17.14 -35.96
C MET D 321 43.05 15.82 -35.23
N PHE D 322 43.88 14.81 -35.52
CA PHE D 322 43.74 13.53 -34.84
C PHE D 322 44.02 13.67 -33.35
N MET D 323 45.15 14.26 -32.99
CA MET D 323 45.49 14.37 -31.58
C MET D 323 44.48 15.21 -30.82
N GLY D 324 43.99 16.29 -31.44
CA GLY D 324 42.99 17.11 -30.78
C GLY D 324 41.67 16.39 -30.63
N SER D 325 41.30 15.56 -31.60
CA SER D 325 40.15 14.69 -31.43
C SER D 325 40.31 13.87 -30.16
N GLY D 326 41.49 13.25 -30.02
CA GLY D 326 41.74 12.46 -28.82
C GLY D 326 41.62 13.26 -27.54
N LEU D 327 42.26 14.43 -27.50
CA LEU D 327 42.27 15.22 -26.27
C LEU D 327 40.87 15.71 -25.92
N ILE D 328 40.10 16.15 -26.93
CA ILE D 328 38.76 16.63 -26.65
C ILE D 328 37.88 15.50 -26.17
N TRP D 329 38.01 14.31 -26.76
CA TRP D 329 37.25 13.16 -26.29
C TRP D 329 37.57 12.87 -24.83
N ARG D 330 38.87 12.85 -24.50
CA ARG D 330 39.26 12.56 -23.11
C ARG D 330 38.74 13.63 -22.16
N ARG D 331 38.79 14.90 -22.56
CA ARG D 331 38.38 15.97 -21.67
C ARG D 331 36.87 15.93 -21.46
N LEU D 332 36.10 15.62 -22.50
CA LEU D 332 34.66 15.46 -22.33
C LEU D 332 34.35 14.26 -21.44
N LEU D 333 35.12 13.18 -21.57
CA LEU D 333 34.94 12.04 -20.67
C LEU D 333 35.19 12.46 -19.22
N SER D 334 36.25 13.22 -18.98
CA SER D 334 36.53 13.69 -17.63
C SER D 334 35.42 14.60 -17.13
N PHE D 335 34.89 15.46 -18.00
CA PHE D 335 33.79 16.34 -17.60
C PHE D 335 32.58 15.53 -17.18
N LEU D 336 32.24 14.50 -17.95
CA LEU D 336 31.14 13.62 -17.56
C LEU D 336 31.43 12.95 -16.22
N GLY D 337 32.66 12.48 -16.03
CA GLY D 337 33.02 11.88 -14.75
C GLY D 337 32.88 12.83 -13.59
N ARG D 338 33.11 14.12 -13.82
CA ARG D 338 32.96 15.10 -12.76
C ARG D 338 31.52 15.16 -12.26
N GLN D 339 30.56 15.10 -13.17
CA GLN D 339 29.15 15.15 -12.81
C GLN D 339 28.79 14.05 -11.82
N VAL E 22 7.92 -51.29 10.38
CA VAL E 22 8.38 -51.00 11.77
C VAL E 22 7.50 -49.93 12.39
N ALA E 23 7.09 -50.15 13.64
CA ALA E 23 6.24 -49.19 14.31
C ALA E 23 6.98 -47.87 14.52
N PRO E 24 6.31 -46.73 14.41
CA PRO E 24 6.99 -45.45 14.62
C PRO E 24 7.39 -45.28 16.08
N VAL E 25 8.46 -44.50 16.28
CA VAL E 25 9.02 -44.28 17.60
C VAL E 25 9.30 -42.80 17.78
N PHE E 26 9.48 -42.40 19.04
CA PHE E 26 9.82 -41.04 19.42
C PHE E 26 11.17 -41.06 20.12
N THR E 27 12.07 -40.18 19.69
CA THR E 27 13.35 -39.98 20.34
C THR E 27 13.17 -38.93 21.41
N VAL E 28 13.12 -39.35 22.67
CA VAL E 28 12.76 -38.47 23.77
C VAL E 28 13.97 -38.27 24.68
N THR E 29 14.02 -37.09 25.28
CA THR E 29 14.94 -36.79 26.37
C THR E 29 14.13 -36.25 27.53
N LYS E 30 14.38 -36.79 28.72
CA LYS E 30 13.56 -36.56 29.90
C LYS E 30 14.37 -35.84 30.96
N PHE E 31 13.79 -34.79 31.52
CA PHE E 31 14.38 -34.02 32.61
C PHE E 31 13.51 -34.17 33.85
N ASP E 32 14.15 -34.44 34.99
CA ASP E 32 13.46 -34.59 36.26
C ASP E 32 13.46 -33.26 37.00
N LYS E 33 12.82 -33.26 38.18
CA LYS E 33 12.76 -32.04 38.98
C LYS E 33 14.15 -31.59 39.41
N GLN E 34 14.99 -32.53 39.84
CA GLN E 34 16.33 -32.20 40.30
C GLN E 34 17.26 -31.81 39.17
N GLY E 35 16.86 -31.97 37.92
CA GLY E 35 17.70 -31.66 36.78
C GLY E 35 18.35 -32.86 36.13
N ASN E 36 18.15 -34.05 36.67
CA ASN E 36 18.73 -35.24 36.07
C ASN E 36 18.21 -35.44 34.65
N VAL E 37 19.08 -35.95 33.78
CA VAL E 37 18.79 -36.06 32.36
C VAL E 37 18.84 -37.52 31.94
N THR E 38 17.90 -37.92 31.10
CA THR E 38 17.91 -39.23 30.47
C THR E 38 17.53 -39.05 29.00
N SER E 39 17.90 -40.03 28.18
CA SER E 39 17.60 -39.97 26.76
C SER E 39 17.42 -41.38 26.23
N PHE E 40 16.42 -41.57 25.37
CA PHE E 40 16.14 -42.89 24.82
C PHE E 40 15.15 -42.74 23.68
N GLU E 41 14.69 -43.88 23.15
CA GLU E 41 13.65 -43.93 22.13
C GLU E 41 12.55 -44.87 22.61
N ARG E 42 11.30 -44.47 22.38
CA ARG E 42 10.17 -45.24 22.88
C ARG E 42 9.05 -45.26 21.84
N LYS E 43 8.32 -46.37 21.81
CA LYS E 43 7.20 -46.49 20.89
C LYS E 43 6.08 -45.53 21.27
N LYS E 44 5.37 -45.03 20.25
CA LYS E 44 4.31 -44.06 20.50
C LYS E 44 3.21 -44.65 21.36
N THR E 45 2.86 -45.92 21.14
CA THR E 45 1.84 -46.56 21.95
C THR E 45 2.26 -46.62 23.41
N GLU E 46 3.53 -46.98 23.66
CA GLU E 46 4.01 -47.02 25.03
C GLU E 46 3.98 -45.64 25.67
N LEU E 47 4.32 -44.60 24.90
CA LEU E 47 4.25 -43.24 25.42
C LEU E 47 2.82 -42.88 25.79
N TYR E 48 1.87 -43.20 24.91
CA TYR E 48 0.46 -42.90 25.20
C TYR E 48 0.01 -43.63 26.46
N GLN E 49 0.39 -44.90 26.59
CA GLN E 49 -0.02 -45.67 27.77
C GLN E 49 0.61 -45.10 29.05
N GLU E 50 1.88 -44.69 28.98
CA GLU E 50 2.54 -44.15 30.16
C GLU E 50 1.84 -42.90 30.64
N LEU E 51 1.46 -42.01 29.72
CA LEU E 51 0.70 -40.82 30.05
C LEU E 51 -0.79 -41.14 29.92
N GLY E 52 -1.64 -40.13 30.08
CA GLY E 52 -3.07 -40.29 29.95
C GLY E 52 -3.59 -39.71 28.65
N LEU E 53 -2.73 -39.65 27.64
CA LEU E 53 -3.04 -39.00 26.38
C LEU E 53 -3.46 -40.02 25.33
N GLN E 54 -3.75 -39.53 24.13
CA GLN E 54 -4.10 -40.34 22.99
C GLN E 54 -3.34 -39.82 21.76
N ALA E 55 -3.34 -40.62 20.70
CA ALA E 55 -2.66 -40.22 19.47
C ALA E 55 -3.23 -38.93 18.91
N ARG E 56 -4.46 -38.58 19.27
CA ARG E 56 -5.06 -37.33 18.80
C ARG E 56 -4.29 -36.11 19.31
N ASP E 57 -3.60 -36.25 20.44
CA ASP E 57 -2.92 -35.13 21.07
C ASP E 57 -1.47 -35.02 20.59
N LEU E 58 -0.72 -36.12 20.65
CA LEU E 58 0.70 -36.12 20.26
C LEU E 58 0.81 -36.34 18.75
N ARG E 59 0.20 -35.44 18.00
CA ARG E 59 0.27 -35.44 16.55
C ARG E 59 1.08 -34.28 15.98
N PHE E 60 1.06 -33.13 16.63
CA PHE E 60 1.93 -32.01 16.27
C PHE E 60 1.68 -31.56 14.83
N GLN E 61 0.44 -31.13 14.57
CA GLN E 61 0.04 -30.67 13.25
C GLN E 61 0.10 -29.16 13.10
N HIS E 62 0.35 -28.42 14.18
CA HIS E 62 0.33 -26.97 14.16
C HIS E 62 1.74 -26.43 14.37
N VAL E 63 2.06 -25.34 13.65
CA VAL E 63 3.40 -24.78 13.74
C VAL E 63 3.67 -24.26 15.15
N MET E 64 2.71 -23.54 15.72
CA MET E 64 2.81 -23.03 17.08
C MET E 64 1.56 -23.41 17.85
N SER E 65 1.74 -24.06 19.00
CA SER E 65 0.59 -24.53 19.75
C SER E 65 0.97 -24.70 21.22
N ILE E 66 0.05 -24.29 22.10
CA ILE E 66 0.14 -24.55 23.53
C ILE E 66 -1.22 -25.07 23.98
N THR E 67 -1.26 -26.28 24.50
CA THR E 67 -2.52 -26.92 24.87
C THR E 67 -2.33 -27.69 26.17
N VAL E 68 -3.46 -28.06 26.78
CA VAL E 68 -3.49 -28.83 28.01
C VAL E 68 -4.46 -29.98 27.83
N ARG E 69 -4.02 -31.19 28.19
CA ARG E 69 -4.85 -32.39 28.09
C ARG E 69 -4.52 -33.30 29.26
N ASN E 70 -5.53 -33.64 30.05
CA ASN E 70 -5.38 -34.59 31.15
C ASN E 70 -4.20 -34.21 32.06
N ASN E 71 -4.17 -32.92 32.44
CA ASN E 71 -3.14 -32.40 33.32
C ASN E 71 -1.74 -32.61 32.76
N ARG E 72 -1.62 -32.48 31.43
CA ARG E 72 -0.34 -32.54 30.74
C ARG E 72 -0.30 -31.40 29.73
N ILE E 73 0.78 -30.63 29.74
CA ILE E 73 0.93 -29.48 28.85
C ILE E 73 1.68 -29.93 27.62
N ILE E 74 1.20 -29.53 26.45
CA ILE E 74 1.79 -29.90 25.17
C ILE E 74 2.12 -28.61 24.42
N MET E 75 3.39 -28.44 24.10
CA MET E 75 3.88 -27.24 23.44
C MET E 75 4.62 -27.60 22.17
N ARG E 76 4.38 -26.84 21.11
CA ARG E 76 5.11 -26.99 19.87
C ARG E 76 5.46 -25.64 19.29
N MET E 77 6.73 -25.47 18.95
CA MET E 77 7.27 -24.36 18.18
C MET E 77 7.53 -24.85 16.75
N GLU E 78 8.27 -24.03 15.98
CA GLU E 78 8.58 -24.42 14.61
C GLU E 78 9.17 -25.83 14.55
N TYR E 79 10.08 -26.15 15.47
CA TYR E 79 10.73 -27.45 15.48
C TYR E 79 10.90 -28.05 16.87
N LEU E 80 10.40 -27.40 17.91
CA LEU E 80 10.57 -27.87 19.29
C LEU E 80 9.26 -28.47 19.77
N LYS E 81 9.32 -29.69 20.29
CA LYS E 81 8.14 -30.41 20.75
C LYS E 81 8.37 -30.82 22.21
N ALA E 82 7.48 -30.38 23.10
CA ALA E 82 7.68 -30.57 24.52
C ALA E 82 6.39 -31.02 25.19
N VAL E 83 6.54 -31.92 26.16
CA VAL E 83 5.44 -32.37 27.01
C VAL E 83 5.85 -32.15 28.45
N ILE E 84 5.01 -31.46 29.21
CA ILE E 84 5.28 -31.08 30.59
C ILE E 84 4.27 -31.77 31.49
N THR E 85 4.79 -32.45 32.51
CA THR E 85 3.97 -33.10 33.53
C THR E 85 4.33 -32.52 34.89
N PRO E 86 3.57 -32.84 35.94
CA PRO E 86 3.89 -32.28 37.27
C PRO E 86 5.25 -32.69 37.78
N GLU E 87 5.82 -33.80 37.30
CA GLU E 87 7.04 -34.36 37.85
C GLU E 87 8.17 -34.52 36.84
N CYS E 88 7.95 -34.18 35.58
CA CYS E 88 8.98 -34.40 34.58
C CYS E 88 8.69 -33.57 33.33
N LEU E 89 9.72 -33.39 32.53
CA LEU E 89 9.64 -32.71 31.24
C LEU E 89 10.22 -33.63 30.17
N LEU E 90 9.64 -33.58 28.98
CA LEU E 90 10.07 -34.42 27.87
C LEU E 90 10.20 -33.59 26.61
N ILE E 91 11.35 -33.70 25.95
CA ILE E 91 11.58 -33.08 24.65
C ILE E 91 11.64 -34.19 23.60
N LEU E 92 10.87 -34.03 22.53
CA LEU E 92 10.70 -35.06 21.52
C LEU E 92 11.31 -34.61 20.20
N ASP E 93 11.94 -35.55 19.49
CA ASP E 93 12.51 -35.31 18.17
C ASP E 93 13.54 -34.17 18.23
N TYR E 94 14.59 -34.40 19.02
CA TYR E 94 15.66 -33.44 19.20
C TYR E 94 16.87 -33.72 18.32
N ARG E 95 16.87 -34.83 17.58
CA ARG E 95 18.04 -35.21 16.81
C ARG E 95 18.18 -34.33 15.56
N ASN E 96 19.42 -34.02 15.21
CA ASN E 96 19.74 -33.24 14.02
C ASN E 96 19.13 -31.85 14.07
N LEU E 97 19.16 -31.21 15.25
CA LEU E 97 18.65 -29.86 15.41
C LEU E 97 19.55 -29.00 16.29
N ASN E 98 20.82 -29.40 16.44
CA ASN E 98 21.82 -28.65 17.21
C ASN E 98 21.25 -28.13 18.54
N LEU E 99 20.42 -28.95 19.18
CA LEU E 99 19.86 -28.63 20.48
C LEU E 99 20.67 -29.22 21.63
N GLU E 100 21.78 -29.91 21.34
CA GLU E 100 22.53 -30.59 22.39
C GLU E 100 23.09 -29.60 23.39
N GLN E 101 23.61 -28.48 22.92
CA GLN E 101 24.20 -27.49 23.84
C GLN E 101 23.17 -26.97 24.82
N TRP E 102 21.97 -26.65 24.33
CA TRP E 102 20.93 -26.14 25.22
C TRP E 102 20.42 -27.22 26.16
N LEU E 103 20.30 -28.46 25.67
CA LEU E 103 19.70 -29.52 26.46
C LEU E 103 20.63 -29.99 27.57
N PHE E 104 21.90 -30.20 27.25
CA PHE E 104 22.83 -30.87 28.16
C PHE E 104 23.74 -29.90 28.90
N ARG E 105 23.60 -28.61 28.71
CA ARG E 105 24.49 -27.65 29.36
C ARG E 105 23.74 -26.54 30.09
N GLU E 106 22.62 -26.07 29.57
CA GLU E 106 21.91 -24.94 30.13
C GLU E 106 20.64 -25.34 30.88
N LEU E 107 19.80 -26.17 30.27
CA LEU E 107 18.51 -26.49 30.87
C LEU E 107 18.63 -27.07 32.27
N PRO E 108 19.53 -28.03 32.54
CA PRO E 108 19.61 -28.56 33.91
C PRO E 108 19.86 -27.49 34.96
N SER E 109 20.68 -26.49 34.65
CA SER E 109 20.93 -25.42 35.60
C SER E 109 19.65 -24.65 35.90
N GLN E 110 18.87 -24.33 34.86
CA GLN E 110 17.62 -23.61 35.06
C GLN E 110 16.64 -24.43 35.87
N LEU E 111 16.53 -25.73 35.58
CA LEU E 111 15.57 -26.57 36.29
C LEU E 111 16.02 -26.88 37.71
N SER E 112 17.29 -26.72 38.02
CA SER E 112 17.79 -26.97 39.37
C SER E 112 17.62 -25.73 40.24
N PRO E 121 11.29 -22.16 45.04
CA PRO E 121 10.16 -22.79 45.72
C PRO E 121 8.97 -23.02 44.79
N LEU E 122 8.98 -22.39 43.62
CA LEU E 122 7.88 -22.51 42.69
C LEU E 122 7.82 -23.92 42.10
N PRO E 123 6.66 -24.33 41.59
CA PRO E 123 6.54 -25.68 41.01
C PRO E 123 7.38 -25.86 39.76
N PHE E 124 7.35 -27.07 39.20
CA PHE E 124 8.17 -27.40 38.04
C PHE E 124 7.62 -26.78 36.77
N GLU E 125 6.29 -26.65 36.66
CA GLU E 125 5.70 -26.15 35.42
C GLU E 125 6.19 -24.74 35.10
N PHE E 126 6.26 -23.89 36.12
CA PHE E 126 6.72 -22.52 35.90
C PHE E 126 8.13 -22.51 35.32
N ARG E 127 9.03 -23.27 35.92
CA ARG E 127 10.42 -23.30 35.44
C ARG E 127 10.49 -23.82 34.01
N ALA E 128 9.76 -24.90 33.71
CA ALA E 128 9.82 -25.48 32.38
C ALA E 128 9.30 -24.52 31.33
N ILE E 129 8.13 -23.92 31.59
CA ILE E 129 7.54 -23.00 30.63
C ILE E 129 8.45 -21.80 30.43
N GLU E 130 9.01 -21.26 31.52
CA GLU E 130 9.91 -20.13 31.40
C GLU E 130 11.13 -20.49 30.56
N ALA E 131 11.69 -21.68 30.78
CA ALA E 131 12.85 -22.09 30.01
C ALA E 131 12.52 -22.16 28.52
N LEU E 132 11.42 -22.81 28.17
CA LEU E 132 11.07 -22.97 26.76
C LEU E 132 10.82 -21.62 26.10
N LEU E 133 10.02 -20.77 26.76
CA LEU E 133 9.71 -19.47 26.18
C LEU E 133 10.96 -18.61 26.04
N GLN E 134 11.85 -18.67 27.03
CA GLN E 134 13.10 -17.91 26.94
C GLN E 134 13.95 -18.41 25.79
N TYR E 135 14.02 -19.73 25.59
CA TYR E 135 14.77 -20.25 24.46
C TYR E 135 14.23 -19.72 23.15
N TRP E 136 12.91 -19.78 22.97
CA TRP E 136 12.33 -19.31 21.71
C TRP E 136 12.57 -17.81 21.51
N ILE E 137 12.40 -17.02 22.57
CA ILE E 137 12.59 -15.58 22.46
C ILE E 137 14.04 -15.25 22.12
N ASN E 138 14.98 -15.95 22.76
CA ASN E 138 16.39 -15.71 22.46
C ASN E 138 16.71 -16.09 21.01
N THR E 139 16.10 -17.17 20.52
CA THR E 139 16.30 -17.56 19.12
C THR E 139 15.82 -16.45 18.18
N LEU E 140 14.63 -15.92 18.45
CA LEU E 140 14.12 -14.85 17.60
C LEU E 140 14.99 -13.60 17.67
N GLN E 141 15.46 -13.26 18.88
CA GLN E 141 16.33 -12.10 19.04
C GLN E 141 17.62 -12.28 18.26
N GLY E 142 18.20 -13.48 18.31
CA GLY E 142 19.42 -13.74 17.55
C GLY E 142 19.18 -13.60 16.06
N LYS E 143 18.06 -14.16 15.57
CA LYS E 143 17.73 -14.00 14.16
C LYS E 143 17.68 -12.53 13.76
N LEU E 144 16.96 -11.73 14.55
CA LEU E 144 16.81 -10.31 14.22
C LEU E 144 18.14 -9.58 14.28
N SER E 145 18.96 -9.88 15.29
CA SER E 145 20.25 -9.21 15.44
C SER E 145 21.19 -9.57 14.30
N ILE E 146 21.09 -10.79 13.78
CA ILE E 146 21.90 -11.16 12.61
C ILE E 146 21.38 -10.44 11.37
N LEU E 147 20.06 -10.36 11.21
CA LEU E 147 19.50 -9.79 9.99
C LEU E 147 19.75 -8.29 9.89
N GLN E 148 19.66 -7.58 11.01
CA GLN E 148 19.67 -6.11 10.95
C GLN E 148 20.93 -5.56 10.29
N PRO E 149 22.13 -5.85 10.78
CA PRO E 149 23.32 -5.18 10.21
C PRO E 149 23.52 -5.46 8.73
N LEU E 150 23.23 -6.66 8.26
CA LEU E 150 23.39 -6.97 6.85
C LEU E 150 22.52 -6.06 5.99
N ILE E 151 21.24 -5.95 6.36
CA ILE E 151 20.32 -5.10 5.61
C ILE E 151 20.77 -3.65 5.67
N LEU E 152 21.20 -3.19 6.85
CA LEU E 152 21.61 -1.80 6.98
C LEU E 152 22.81 -1.51 6.09
N GLU E 153 23.81 -2.38 6.09
CA GLU E 153 24.98 -2.18 5.25
C GLU E 153 24.62 -2.21 3.78
N THR E 154 23.78 -3.16 3.38
CA THR E 154 23.39 -3.24 1.98
C THR E 154 22.66 -1.97 1.53
N LEU E 155 21.74 -1.49 2.35
CA LEU E 155 21.00 -0.27 2.01
C LEU E 155 21.92 0.94 1.96
N ASP E 156 22.87 1.03 2.90
CA ASP E 156 23.82 2.13 2.90
C ASP E 156 24.65 2.12 1.63
N ALA E 157 25.09 0.93 1.19
CA ALA E 157 25.85 0.84 -0.04
C ALA E 157 25.00 1.23 -1.25
N LEU E 158 23.74 0.77 -1.29
CA LEU E 158 22.91 1.04 -2.46
C LEU E 158 22.56 2.52 -2.57
N VAL E 159 22.26 3.17 -1.43
CA VAL E 159 21.76 4.54 -1.47
C VAL E 159 22.85 5.53 -1.86
N ASP E 160 24.11 5.13 -1.83
CA ASP E 160 25.21 6.03 -2.18
C ASP E 160 24.92 6.72 -3.51
N PRO E 161 24.70 8.05 -3.52
CA PRO E 161 24.37 8.73 -4.78
C PRO E 161 25.54 8.98 -5.70
N LYS E 162 26.73 8.46 -5.38
CA LYS E 162 27.91 8.69 -6.20
C LYS E 162 28.02 7.75 -7.39
N HIS E 163 27.08 6.83 -7.55
CA HIS E 163 27.10 5.84 -8.63
C HIS E 163 25.83 5.96 -9.44
N SER E 164 25.97 5.99 -10.76
CA SER E 164 24.81 6.02 -11.65
C SER E 164 24.09 4.68 -11.68
N SER E 165 24.74 3.61 -11.26
CA SER E 165 24.16 2.27 -11.24
C SER E 165 24.47 1.62 -9.91
N VAL E 166 23.82 0.47 -9.66
CA VAL E 166 23.97 -0.26 -8.41
C VAL E 166 24.22 -1.72 -8.71
N ASP E 167 24.86 -2.40 -7.78
CA ASP E 167 25.12 -3.82 -7.92
C ASP E 167 23.82 -4.62 -7.79
N ARG E 168 23.84 -5.82 -8.35
CA ARG E 168 22.67 -6.69 -8.34
C ARG E 168 22.80 -7.87 -7.38
N SER E 169 24.02 -8.33 -7.11
CA SER E 169 24.20 -9.35 -6.09
C SER E 169 23.73 -8.85 -4.73
N LYS E 170 24.02 -7.59 -4.42
CA LYS E 170 23.50 -7.00 -3.19
C LYS E 170 21.99 -6.94 -3.20
N LEU E 171 21.39 -6.70 -4.37
CA LEU E 171 19.93 -6.72 -4.45
C LEU E 171 19.36 -8.11 -4.16
N HIS E 172 20.00 -9.14 -4.69
CA HIS E 172 19.56 -10.51 -4.39
C HIS E 172 19.71 -10.80 -2.90
N ILE E 173 20.81 -10.37 -2.30
CA ILE E 173 21.00 -10.54 -0.87
C ILE E 173 19.88 -9.85 -0.09
N LEU E 174 19.55 -8.62 -0.50
CA LEU E 174 18.47 -7.88 0.15
C LEU E 174 17.14 -8.62 0.03
N LEU E 175 16.87 -9.19 -1.14
CA LEU E 175 15.63 -9.92 -1.33
C LEU E 175 15.56 -11.14 -0.41
N GLN E 176 16.65 -11.91 -0.33
CA GLN E 176 16.66 -13.08 0.55
C GLN E 176 16.47 -12.66 2.00
N ASN E 177 17.17 -11.61 2.43
CA ASN E 177 17.04 -11.16 3.81
C ASN E 177 15.65 -10.63 4.11
N GLY E 178 15.01 -9.98 3.14
CA GLY E 178 13.64 -9.55 3.33
C GLY E 178 12.68 -10.72 3.48
N LYS E 179 12.89 -11.78 2.70
CA LYS E 179 12.09 -12.99 2.86
C LYS E 179 12.26 -13.56 4.27
N SER E 180 13.50 -13.65 4.73
CA SER E 180 13.75 -14.14 6.08
C SER E 180 13.06 -13.25 7.12
N LEU E 181 13.10 -11.93 6.91
CA LEU E 181 12.46 -11.00 7.83
C LEU E 181 10.96 -11.21 7.88
N SER E 182 10.34 -11.45 6.73
CA SER E 182 8.91 -11.73 6.70
C SER E 182 8.58 -12.99 7.46
N GLU E 183 9.39 -14.04 7.28
CA GLU E 183 9.17 -15.27 8.04
C GLU E 183 9.28 -15.01 9.54
N LEU E 184 10.29 -14.24 9.95
CA LEU E 184 10.45 -13.91 11.36
C LEU E 184 9.26 -13.15 11.90
N GLU E 185 8.75 -12.19 11.12
CA GLU E 185 7.57 -11.44 11.53
C GLU E 185 6.37 -12.37 11.73
N THR E 186 6.19 -13.31 10.81
CA THR E 186 5.08 -14.27 10.95
C THR E 186 5.23 -15.09 12.23
N ASP E 187 6.45 -15.56 12.51
CA ASP E 187 6.67 -16.34 13.72
C ASP E 187 6.35 -15.53 14.96
N ILE E 188 6.82 -14.28 15.02
CA ILE E 188 6.53 -13.43 16.16
C ILE E 188 5.03 -13.22 16.31
N LYS E 189 4.34 -13.03 15.18
CA LYS E 189 2.90 -12.80 15.22
C LYS E 189 2.18 -13.99 15.83
N ILE E 190 2.52 -15.21 15.40
CA ILE E 190 1.83 -16.38 15.92
C ILE E 190 2.14 -16.56 17.40
N PHE E 191 3.40 -16.31 17.79
CA PHE E 191 3.76 -16.38 19.20
C PHE E 191 2.88 -15.45 20.03
N LYS E 192 2.79 -14.18 19.62
CA LYS E 192 1.98 -13.22 20.36
C LYS E 192 0.52 -13.63 20.37
N GLU E 193 0.01 -14.12 19.25
CA GLU E 193 -1.40 -14.51 19.19
C GLU E 193 -1.70 -15.61 20.19
N SER E 194 -0.84 -16.63 20.24
CA SER E 194 -1.05 -17.73 21.18
C SER E 194 -0.98 -17.24 22.62
N ILE E 195 0.03 -16.43 22.94
CA ILE E 195 0.19 -15.96 24.30
C ILE E 195 -1.02 -15.14 24.74
N LEU E 196 -1.47 -14.24 23.87
CA LEU E 196 -2.61 -13.39 24.21
C LEU E 196 -3.90 -14.20 24.30
N GLU E 197 -4.07 -15.20 23.44
CA GLU E 197 -5.25 -16.05 23.54
C GLU E 197 -5.30 -16.77 24.87
N ILE E 198 -4.14 -17.24 25.34
CA ILE E 198 -4.12 -17.87 26.66
C ILE E 198 -4.37 -16.85 27.76
N LEU E 199 -3.81 -15.64 27.63
CA LEU E 199 -3.89 -14.67 28.71
C LEU E 199 -5.31 -14.18 28.95
N ASP E 200 -6.08 -13.98 27.88
CA ASP E 200 -7.39 -13.36 28.02
C ASP E 200 -8.30 -14.19 28.92
N GLU E 201 -8.32 -15.51 28.71
CA GLU E 201 -9.13 -16.39 29.53
C GLU E 201 -8.38 -16.77 30.81
N GLU E 202 -9.16 -17.01 31.87
CA GLU E 202 -8.60 -17.48 33.14
C GLU E 202 -8.74 -18.97 33.33
N GLU E 203 -9.66 -19.62 32.61
CA GLU E 203 -9.79 -21.06 32.71
C GLU E 203 -8.51 -21.75 32.25
N LEU E 204 -7.92 -21.28 31.15
CA LEU E 204 -6.67 -21.86 30.69
C LEU E 204 -5.53 -21.59 31.67
N LEU E 205 -5.52 -20.39 32.26
CA LEU E 205 -4.51 -20.08 33.27
C LEU E 205 -4.61 -21.06 34.44
N GLU E 206 -5.82 -21.34 34.91
CA GLU E 206 -5.99 -22.33 35.97
C GLU E 206 -5.61 -23.72 35.49
N GLU E 207 -5.87 -24.03 34.22
CA GLU E 207 -5.50 -25.34 33.69
C GLU E 207 -3.99 -25.54 33.72
N LEU E 208 -3.22 -24.49 33.42
CA LEU E 208 -1.76 -24.64 33.39
C LEU E 208 -1.20 -25.05 34.74
N CYS E 209 -1.93 -24.82 35.83
CA CYS E 209 -1.49 -25.24 37.17
C CYS E 209 -1.87 -26.71 37.37
N VAL E 210 -1.18 -27.57 36.62
CA VAL E 210 -1.52 -29.00 36.62
C VAL E 210 -1.20 -29.63 37.97
N SER E 211 -0.12 -29.17 38.62
CA SER E 211 0.30 -29.80 39.86
C SER E 211 -0.78 -29.68 40.94
N LYS E 212 -1.39 -28.51 41.07
CA LYS E 212 -2.40 -28.33 42.10
C LYS E 212 -3.64 -29.18 41.80
N TRP E 213 -4.04 -29.25 40.53
CA TRP E 213 -5.19 -30.08 40.17
C TRP E 213 -4.92 -31.55 40.46
N SER E 214 -3.71 -32.03 40.16
CA SER E 214 -3.39 -33.43 40.38
C SER E 214 -3.42 -33.76 41.87
N ASP E 215 -2.83 -32.89 42.70
CA ASP E 215 -2.74 -33.10 44.14
C ASP E 215 -3.16 -31.81 44.85
N PRO E 216 -4.47 -31.52 44.89
CA PRO E 216 -4.95 -30.30 45.57
C PRO E 216 -4.58 -30.27 47.04
N ILE E 226 0.19 -16.86 48.29
CA ILE E 226 0.80 -16.97 46.96
C ILE E 226 -0.25 -17.47 45.97
N ASP E 227 -0.35 -16.78 44.83
CA ASP E 227 -1.32 -17.09 43.79
C ASP E 227 -0.58 -17.51 42.53
N HIS E 228 -0.89 -18.71 42.03
CA HIS E 228 -0.27 -19.19 40.81
C HIS E 228 -0.70 -18.36 39.61
N ALA E 229 -1.97 -17.96 39.57
CA ALA E 229 -2.50 -17.23 38.42
C ALA E 229 -1.72 -15.96 38.18
N GLU E 230 -1.40 -15.22 39.25
CA GLU E 230 -0.65 -13.98 39.09
C GLU E 230 0.71 -14.23 38.49
N GLU E 231 1.41 -15.27 38.96
CA GLU E 231 2.74 -15.56 38.43
C GLU E 231 2.68 -15.94 36.96
N MET E 232 1.72 -16.80 36.60
CA MET E 232 1.61 -17.18 35.19
C MET E 232 1.26 -15.98 34.33
N GLU E 233 0.36 -15.12 34.80
CA GLU E 233 0.03 -13.91 34.06
C GLU E 233 1.26 -13.04 33.86
N LEU E 234 2.08 -12.89 34.91
CA LEU E 234 3.29 -12.09 34.79
C LEU E 234 4.22 -12.67 33.73
N LEU E 235 4.44 -13.99 33.78
CA LEU E 235 5.31 -14.62 32.80
C LEU E 235 4.81 -14.36 31.37
N LEU E 236 3.54 -14.66 31.12
CA LEU E 236 3.00 -14.54 29.77
C LEU E 236 3.02 -13.09 29.30
N GLU E 237 2.71 -12.15 30.20
CA GLU E 237 2.74 -10.74 29.83
C GLU E 237 4.14 -10.29 29.47
N ASN E 238 5.13 -10.74 30.26
CA ASN E 238 6.52 -10.38 29.96
C ASN E 238 6.91 -10.86 28.57
N TYR E 239 6.64 -12.13 28.26
CA TYR E 239 7.04 -12.66 26.97
C TYR E 239 6.26 -12.01 25.83
N TYR E 240 4.98 -11.71 26.07
CA TYR E 240 4.18 -11.01 25.06
C TYR E 240 4.78 -9.64 24.76
N ARG E 241 5.20 -8.91 25.80
CA ARG E 241 5.77 -7.59 25.59
C ARG E 241 7.09 -7.67 24.83
N LEU E 242 7.93 -8.65 25.17
CA LEU E 242 9.18 -8.83 24.43
C LEU E 242 8.90 -9.10 22.96
N ALA E 243 7.94 -9.98 22.68
CA ALA E 243 7.60 -10.27 21.29
C ALA E 243 7.07 -9.04 20.58
N ASP E 244 6.29 -8.21 21.28
CA ASP E 244 5.78 -6.98 20.69
C ASP E 244 6.92 -6.04 20.31
N ASP E 245 7.92 -5.92 21.19
CA ASP E 245 9.08 -5.09 20.87
C ASP E 245 9.79 -5.61 19.62
N LEU E 246 9.98 -6.94 19.54
CA LEU E 246 10.61 -7.51 18.36
C LEU E 246 9.81 -7.20 17.10
N SER E 247 8.49 -7.33 17.18
CA SER E 247 7.64 -7.07 16.01
C SER E 247 7.77 -5.62 15.56
N ASN E 248 7.79 -4.69 16.52
CA ASN E 248 7.94 -3.28 16.16
C ASN E 248 9.27 -3.03 15.47
N ALA E 249 10.35 -3.64 15.98
CA ALA E 249 11.65 -3.47 15.34
C ALA E 249 11.63 -3.99 13.90
N ALA E 250 11.04 -5.16 13.69
CA ALA E 250 10.98 -5.72 12.34
C ALA E 250 10.18 -4.82 11.40
N ARG E 251 9.04 -4.30 11.88
CA ARG E 251 8.24 -3.41 11.05
C ARG E 251 9.03 -2.16 10.67
N GLU E 252 9.76 -1.59 11.63
CA GLU E 252 10.59 -0.42 11.32
C GLU E 252 11.61 -0.75 10.25
N LEU E 253 12.24 -1.93 10.35
CA LEU E 253 13.22 -2.32 9.34
C LEU E 253 12.57 -2.42 7.96
N ARG E 254 11.38 -3.00 7.88
CA ARG E 254 10.72 -3.16 6.59
C ARG E 254 10.38 -1.80 5.97
N VAL E 255 9.85 -0.88 6.77
CA VAL E 255 9.51 0.43 6.21
C VAL E 255 10.77 1.16 5.77
N LEU E 256 11.87 0.97 6.51
CA LEU E 256 13.14 1.54 6.07
C LEU E 256 13.55 0.99 4.71
N ILE E 257 13.37 -0.31 4.51
CA ILE E 257 13.69 -0.92 3.22
C ILE E 257 12.89 -0.26 2.11
N ASP E 258 11.59 -0.09 2.34
CA ASP E 258 10.73 0.51 1.31
C ASP E 258 11.18 1.92 0.97
N ASP E 259 11.47 2.73 1.99
CA ASP E 259 11.90 4.10 1.75
C ASP E 259 13.21 4.12 0.96
N SER E 260 14.14 3.22 1.30
CA SER E 260 15.39 3.16 0.57
C SER E 260 15.15 2.81 -0.90
N GLN E 261 14.22 1.90 -1.17
CA GLN E 261 13.91 1.55 -2.55
C GLN E 261 13.41 2.78 -3.31
N SER E 262 12.51 3.55 -2.70
CA SER E 262 12.00 4.75 -3.37
C SER E 262 13.12 5.73 -3.66
N ILE E 263 14.01 5.95 -2.69
CA ILE E 263 15.12 6.87 -2.90
C ILE E 263 16.02 6.39 -4.03
N ILE E 264 16.23 5.07 -4.11
CA ILE E 264 17.04 4.51 -5.20
C ILE E 264 16.42 4.83 -6.54
N PHE E 265 15.10 4.63 -6.65
CA PHE E 265 14.41 4.96 -7.90
C PHE E 265 14.63 6.42 -8.27
N ILE E 266 14.47 7.31 -7.30
CA ILE E 266 14.61 8.74 -7.58
C ILE E 266 16.01 9.05 -8.08
N ASN E 267 17.03 8.50 -7.41
CA ASN E 267 18.41 8.78 -7.80
C ASN E 267 18.68 8.29 -9.22
N LEU E 268 18.22 7.09 -9.55
CA LEU E 268 18.44 6.57 -10.90
C LEU E 268 17.78 7.47 -11.94
N ASP E 269 16.55 7.92 -11.67
CA ASP E 269 15.88 8.78 -12.62
C ASP E 269 16.63 10.10 -12.81
N SER E 270 17.13 10.67 -11.71
CA SER E 270 17.87 11.93 -11.82
C SER E 270 19.13 11.76 -12.67
N HIS E 271 19.87 10.67 -12.44
CA HIS E 271 21.07 10.43 -13.25
C HIS E 271 20.69 10.25 -14.72
N ARG E 272 19.61 9.52 -15.00
CA ARG E 272 19.15 9.38 -16.37
C ARG E 272 18.93 10.75 -17.00
N ASN E 273 18.21 11.61 -16.31
CA ASN E 273 17.88 12.93 -16.87
C ASN E 273 19.15 13.73 -17.13
N VAL E 274 20.10 13.67 -16.21
CA VAL E 274 21.35 14.43 -16.39
C VAL E 274 22.07 13.96 -17.65
N MET E 275 22.24 12.64 -17.79
CA MET E 275 22.96 12.14 -18.95
C MET E 275 22.22 12.42 -20.25
N MET E 276 20.89 12.38 -20.23
CA MET E 276 20.13 12.70 -21.44
C MET E 276 20.27 14.17 -21.80
N ARG E 277 20.31 15.05 -20.80
CA ARG E 277 20.55 16.46 -21.08
C ARG E 277 21.91 16.66 -21.74
N LEU E 278 22.93 15.99 -21.23
CA LEU E 278 24.26 16.12 -21.84
C LEU E 278 24.25 15.59 -23.27
N ASN E 279 23.59 14.46 -23.50
CA ASN E 279 23.54 13.90 -24.84
C ASN E 279 22.84 14.87 -25.80
N LEU E 280 21.76 15.50 -25.35
CA LEU E 280 21.06 16.47 -26.18
C LEU E 280 21.95 17.66 -26.50
N GLN E 281 22.68 18.15 -25.50
CA GLN E 281 23.59 19.28 -25.74
C GLN E 281 24.63 18.93 -26.79
N LEU E 282 25.16 17.70 -26.73
CA LEU E 282 26.14 17.30 -27.74
C LEU E 282 25.50 17.11 -29.11
N THR E 283 24.26 16.61 -29.14
CA THR E 283 23.57 16.39 -30.41
C THR E 283 23.29 17.71 -31.12
N MET E 284 23.01 18.78 -30.37
CA MET E 284 22.84 20.09 -30.99
C MET E 284 24.08 20.48 -31.79
N GLY E 285 25.25 20.38 -31.16
CA GLY E 285 26.48 20.72 -31.85
C GLY E 285 26.75 19.81 -33.02
N THR E 286 26.48 18.52 -32.87
CA THR E 286 26.66 17.60 -33.98
C THR E 286 25.78 18.00 -35.17
N PHE E 287 24.53 18.37 -34.89
CA PHE E 287 23.61 18.77 -35.96
C PHE E 287 24.12 20.03 -36.67
N SER E 288 24.56 21.03 -35.90
CA SER E 288 25.07 22.24 -36.53
C SER E 288 26.30 21.96 -37.38
N LEU E 289 27.21 21.14 -36.85
CA LEU E 289 28.42 20.79 -37.59
C LEU E 289 28.06 20.06 -38.87
N SER E 290 27.10 19.14 -38.82
CA SER E 290 26.71 18.42 -40.03
C SER E 290 26.06 19.36 -41.04
N LEU E 291 25.23 20.30 -40.58
CA LEU E 291 24.61 21.26 -41.47
C LEU E 291 25.67 22.04 -42.25
N PHE E 292 26.62 22.64 -41.52
CA PHE E 292 27.61 23.45 -42.21
C PHE E 292 28.63 22.60 -42.98
N GLY E 293 28.82 21.34 -42.60
CA GLY E 293 29.59 20.44 -43.43
C GLY E 293 28.91 20.14 -44.75
N LEU E 294 27.59 19.97 -44.72
CA LEU E 294 26.85 19.84 -45.98
C LEU E 294 27.01 21.09 -46.82
N MET E 295 26.93 22.26 -46.18
CA MET E 295 27.12 23.51 -46.92
C MET E 295 28.48 23.51 -47.62
N GLY E 296 29.54 23.19 -46.87
CA GLY E 296 30.87 23.18 -47.47
C GLY E 296 31.00 22.14 -48.57
N VAL E 297 30.47 20.95 -48.35
CA VAL E 297 30.55 19.89 -49.36
C VAL E 297 29.85 20.33 -50.64
N ALA E 298 28.65 20.89 -50.49
CA ALA E 298 27.90 21.35 -51.66
C ALA E 298 28.67 22.43 -52.40
N PHE E 299 29.29 23.36 -51.67
CA PHE E 299 30.10 24.37 -52.33
C PHE E 299 31.41 23.82 -52.86
N GLY E 300 31.77 22.59 -52.51
CA GLY E 300 33.03 22.01 -52.94
C GLY E 300 32.89 20.77 -53.81
N MET E 301 31.92 20.78 -54.72
CA MET E 301 31.79 19.68 -55.66
C MET E 301 32.91 19.70 -56.69
N ASN E 302 33.10 18.57 -57.36
CA ASN E 302 34.10 18.45 -58.41
C ASN E 302 33.50 18.86 -59.76
N LEU E 303 33.03 20.11 -59.81
CA LEU E 303 32.39 20.66 -60.98
C LEU E 303 32.87 22.10 -61.14
N GLU E 304 32.17 22.86 -62.00
CA GLU E 304 32.48 24.26 -62.23
C GLU E 304 31.46 25.13 -61.52
N SER E 305 31.95 26.04 -60.69
CA SER E 305 31.10 26.97 -59.97
C SER E 305 31.46 28.43 -60.23
N SER E 306 32.45 28.71 -61.07
CA SER E 306 32.86 30.07 -61.42
C SER E 306 33.35 30.83 -60.19
N LEU E 307 33.89 30.11 -59.20
CA LEU E 307 34.38 30.74 -57.98
C LEU E 307 35.70 30.13 -57.50
N GLU E 308 36.40 29.40 -58.36
CA GLU E 308 37.66 28.76 -57.99
C GLU E 308 38.88 29.67 -58.18
N GLU E 309 38.69 30.88 -58.71
CA GLU E 309 39.78 31.80 -58.96
C GLU E 309 40.03 32.77 -57.81
N ASP E 310 39.24 32.70 -56.75
CA ASP E 310 39.37 33.61 -55.61
C ASP E 310 39.47 32.82 -54.32
N HIS E 311 40.46 33.16 -53.49
CA HIS E 311 40.63 32.53 -52.19
C HIS E 311 39.95 33.30 -51.08
N ARG E 312 39.68 34.60 -51.28
CA ARG E 312 38.97 35.37 -50.27
C ARG E 312 37.60 34.80 -50.00
N ILE E 313 36.89 34.37 -51.05
CA ILE E 313 35.57 33.76 -50.87
C ILE E 313 35.69 32.48 -50.06
N PHE E 314 36.73 31.68 -50.34
CA PHE E 314 36.93 30.44 -49.59
C PHE E 314 37.16 30.72 -48.11
N TRP E 315 38.04 31.67 -47.80
CA TRP E 315 38.30 32.01 -46.41
C TRP E 315 37.06 32.56 -45.73
N LEU E 316 36.30 33.40 -46.44
CA LEU E 316 35.07 33.94 -45.89
C LEU E 316 34.07 32.83 -45.58
N ILE E 317 33.94 31.86 -46.48
CA ILE E 317 33.01 30.75 -46.25
C ILE E 317 33.45 29.94 -45.05
N THR E 318 34.75 29.66 -44.93
CA THR E 318 35.23 28.91 -43.76
C THR E 318 34.91 29.66 -42.47
N GLY E 319 35.27 30.95 -42.41
CA GLY E 319 35.04 31.71 -41.20
C GLY E 319 33.56 31.80 -40.84
N ILE E 320 32.72 32.09 -41.83
CA ILE E 320 31.30 32.25 -41.55
C ILE E 320 30.69 30.93 -41.13
N MET E 321 31.08 29.82 -41.77
CA MET E 321 30.52 28.54 -41.39
C MET E 321 30.89 28.20 -39.95
N PHE E 322 32.15 28.43 -39.56
CA PHE E 322 32.56 28.12 -38.20
C PHE E 322 31.82 29.00 -37.19
N MET E 323 31.82 30.31 -37.40
CA MET E 323 31.17 31.20 -36.44
C MET E 323 29.68 30.93 -36.36
N GLY E 324 29.03 30.65 -37.50
CA GLY E 324 27.62 30.34 -37.48
C GLY E 324 27.32 29.03 -36.79
N SER E 325 28.21 28.04 -36.94
CA SER E 325 28.09 26.83 -36.15
C SER E 325 28.04 27.18 -34.66
N GLY E 326 28.98 28.03 -34.24
CA GLY E 326 29.01 28.43 -32.84
C GLY E 326 27.72 29.11 -32.41
N LEU E 327 27.26 30.09 -33.21
CA LEU E 327 26.08 30.85 -32.82
C LEU E 327 24.84 29.97 -32.77
N ILE E 328 24.68 29.08 -33.76
CA ILE E 328 23.50 28.22 -33.77
C ILE E 328 23.54 27.26 -32.59
N TRP E 329 24.72 26.72 -32.26
CA TRP E 329 24.83 25.87 -31.09
C TRP E 329 24.41 26.61 -29.83
N ARG E 330 24.92 27.84 -29.67
CA ARG E 330 24.57 28.62 -28.48
C ARG E 330 23.08 28.93 -28.43
N ARG E 331 22.49 29.25 -29.58
CA ARG E 331 21.08 29.62 -29.59
C ARG E 331 20.20 28.42 -29.29
N LEU E 332 20.58 27.24 -29.80
CA LEU E 332 19.83 26.04 -29.46
C LEU E 332 19.98 25.70 -27.98
N LEU E 333 21.18 25.92 -27.42
CA LEU E 333 21.36 25.73 -25.98
C LEU E 333 20.43 26.65 -25.19
N SER E 334 20.35 27.93 -25.60
CA SER E 334 19.46 28.86 -24.93
C SER E 334 18.00 28.43 -25.07
N PHE E 335 17.62 27.93 -26.24
CA PHE E 335 16.25 27.47 -26.45
C PHE E 335 15.94 26.32 -25.51
N LEU E 336 16.86 25.37 -25.38
CA LEU E 336 16.66 24.28 -24.43
C LEU E 336 16.53 24.82 -23.01
N GLY E 337 17.38 25.78 -22.64
CA GLY E 337 17.29 26.38 -21.32
C GLY E 337 15.96 27.04 -21.07
N ARG E 338 15.35 27.61 -22.11
CA ARG E 338 14.04 28.25 -21.96
C ARG E 338 12.99 27.24 -21.52
N GLN E 339 13.01 26.04 -22.09
CA GLN E 339 12.05 25.00 -21.76
C GLN E 339 12.06 24.70 -20.25
MG MG F . 37.50 16.54 -53.85
MG MG G . 10.14 4.44 -14.51
MG MG H . 12.87 2.75 19.15
MG MG I . -5.33 19.46 11.56
MG MG J . -21.89 6.79 -3.86
MG MG K . -13.85 -17.79 -5.82
MG MG L . 7.55 -20.26 8.46
#